data_4UOQ
#
_entry.id   4UOQ
#
_cell.length_a   150.560
_cell.length_b   150.560
_cell.length_c   237.250
_cell.angle_alpha   90.00
_cell.angle_beta   90.00
_cell.angle_gamma   120.00
#
_symmetry.space_group_name_H-M   'P 32 2 1'
#
loop_
_entity.id
_entity.type
_entity.pdbx_description
1 polymer BETA-GALACTOSIDASE
2 non-polymer 'TETRAETHYLENE GLYCOL'
3 non-polymer 'TRIETHYLENE GLYCOL'
4 non-polymer DI(HYDROXYETHYL)ETHER
5 non-polymer 'ZINC ION'
6 water water
#
_entity_poly.entity_id   1
_entity_poly.type   'polypeptide(L)'
_entity_poly.pdbx_seq_one_letter_code
;MSASTQHRAHRWPQPLPGNDRKIWFGADYNPDQWPEDVQDEDIRLMKQAGVNIVSLAIFSWANIETSDGNFEFDWLDRVI
DKLYKAGIAVDLASATASPPMWLTSAHPEVLRRDEQGHVIWPGARQHWRPTSPTFRTYALRLCREMAEHYKDNPAIVSWH
VGNEYGCHNYFDYSDDAVQAFREWCRDRYGTIDKVNAAWGTNFWSQRLNSFEEILPPRYVGGEGNFTNPGRLLDFKHFCS
DALKEFFCAERDVLSEVTPNIPLTTNFMVSASQNTLDYDDWAHEVDFVSNDHYFTPGSWHIDELAYSASLVDGISRKKPW
FLMAQSTSAVNWREINPRKEPGELIRDSMLHLAMGADAICYFQWRQSRSGAEKFHSAMLPLAGEHSQIYRDVCALGADLD
TLSDAGILRSKLSKARVAIVQDIQSEWATEHTATPTQHIREWTEPLDWFAAFANRGVTADVTPIHAQWDTYDAVVIPCVY
LFSEEMAERLRTFVRNGGKAFVTYYSALADEHDRLHTEGWPGLIGDVVGVRIEEHCPLGTLFPGMLDHLDVSNGTVVHDL
ADVIDAIADDTTVLATFEADPATGMDGRAAITVHPYHEGGVAYIAGKLGRDGISQSLPEICAALGFELDADPRAGDVLRV
VREQEDGAIFEFLFNRTRNTVTADRPAGDMLICSLATDSTDKVTLEPNGVLAFRR
;
_entity_poly.pdbx_strand_id   A,B,C
#
loop_
_chem_comp.id
_chem_comp.type
_chem_comp.name
_chem_comp.formula
PEG non-polymer DI(HYDROXYETHYL)ETHER 'C4 H10 O3'
PG4 non-polymer 'TETRAETHYLENE GLYCOL' 'C8 H18 O5'
PGE non-polymer 'TRIETHYLENE GLYCOL' 'C6 H14 O4'
ZN non-polymer 'ZINC ION' 'Zn 2'
#
# COMPACT_ATOMS: atom_id res chain seq x y z
N HIS A 7 -37.00 -1.84 21.98
CA HIS A 7 -37.00 -1.73 23.45
C HIS A 7 -37.38 -3.10 24.09
N ARG A 8 -37.28 -4.15 23.28
CA ARG A 8 -37.84 -5.51 23.45
C ARG A 8 -37.58 -6.35 24.76
N ALA A 9 -38.54 -7.19 25.14
CA ALA A 9 -38.50 -7.88 26.46
C ALA A 9 -37.37 -8.89 26.63
N HIS A 10 -36.61 -8.72 27.71
CA HIS A 10 -35.45 -9.57 28.01
C HIS A 10 -35.82 -11.03 28.29
N ARG A 11 -35.25 -11.94 27.53
CA ARG A 11 -35.50 -13.35 27.76
C ARG A 11 -34.22 -14.15 27.67
N TRP A 12 -33.74 -14.65 28.80
CA TRP A 12 -32.51 -15.42 28.88
C TRP A 12 -32.72 -16.91 28.59
N PRO A 13 -31.75 -17.56 27.91
CA PRO A 13 -31.88 -19.00 27.64
C PRO A 13 -31.86 -19.79 28.93
N GLN A 14 -32.84 -20.68 29.10
CA GLN A 14 -33.13 -21.32 30.38
C GLN A 14 -32.58 -22.75 30.37
N PRO A 15 -32.30 -23.32 31.57
CA PRO A 15 -31.61 -24.62 31.67
C PRO A 15 -32.37 -25.76 31.01
N LEU A 16 -31.71 -26.88 30.78
CA LEU A 16 -32.41 -28.12 30.44
C LEU A 16 -33.29 -28.48 31.63
N PRO A 17 -34.46 -29.09 31.35
CA PRO A 17 -35.36 -29.56 32.42
C PRO A 17 -34.63 -30.43 33.44
N GLY A 18 -34.79 -30.10 34.72
CA GLY A 18 -34.16 -30.85 35.79
C GLY A 18 -32.89 -30.17 36.27
N ASN A 19 -32.41 -29.20 35.49
CA ASN A 19 -31.18 -28.51 35.84
C ASN A 19 -31.39 -27.17 36.52
N ASP A 20 -30.49 -26.84 37.44
CA ASP A 20 -30.42 -25.51 38.04
C ASP A 20 -29.90 -24.48 37.04
N ARG A 21 -30.09 -23.20 37.32
CA ARG A 21 -29.50 -22.17 36.48
C ARG A 21 -28.00 -22.04 36.76
N LYS A 22 -27.22 -22.21 35.70
CA LYS A 22 -25.75 -22.10 35.75
C LYS A 22 -25.30 -21.04 34.74
N ILE A 23 -24.16 -20.40 34.98
CA ILE A 23 -23.49 -19.61 33.95
C ILE A 23 -23.22 -20.51 32.75
N TRP A 24 -23.67 -20.10 31.58
CA TRP A 24 -23.45 -20.94 30.40
C TRP A 24 -21.96 -20.95 30.04
N PHE A 25 -21.44 -22.12 29.65
CA PHE A 25 -20.04 -22.26 29.28
C PHE A 25 -19.89 -23.26 28.15
N GLY A 26 -19.44 -22.80 26.99
CA GLY A 26 -19.30 -23.68 25.85
C GLY A 26 -18.67 -22.99 24.67
N ALA A 27 -19.03 -23.45 23.48
CA ALA A 27 -18.47 -22.91 22.25
C ALA A 27 -19.33 -23.39 21.11
N ASP A 28 -19.10 -22.89 19.90
CA ASP A 28 -19.77 -23.50 18.77
C ASP A 28 -19.11 -24.82 18.42
N TYR A 29 -19.93 -25.78 18.00
CA TYR A 29 -19.45 -27.14 17.83
C TYR A 29 -19.70 -27.51 16.38
N ASN A 30 -18.80 -28.35 15.89
CA ASN A 30 -18.53 -28.55 14.49
C ASN A 30 -18.76 -29.99 13.97
N PRO A 31 -19.74 -30.74 14.54
CA PRO A 31 -19.75 -32.18 14.25
C PRO A 31 -20.03 -32.58 12.80
N ASP A 32 -20.63 -31.71 12.01
CA ASP A 32 -20.85 -32.04 10.60
C ASP A 32 -19.58 -31.88 9.75
N GLN A 33 -18.48 -31.54 10.41
CA GLN A 33 -17.18 -31.36 9.76
C GLN A 33 -16.14 -32.32 10.39
N TRP A 34 -16.63 -33.21 11.24
CA TRP A 34 -15.83 -34.29 11.80
C TRP A 34 -16.59 -35.59 11.57
N PRO A 35 -15.88 -36.74 11.57
CA PRO A 35 -16.58 -38.04 11.54
C PRO A 35 -17.39 -38.25 12.84
N GLU A 36 -18.45 -39.07 12.81
CA GLU A 36 -19.33 -39.16 13.98
C GLU A 36 -18.72 -39.86 15.19
N ASP A 37 -17.72 -40.71 14.97
CA ASP A 37 -17.11 -41.49 16.05
C ASP A 37 -16.29 -40.66 17.04
N VAL A 38 -16.17 -39.36 16.76
CA VAL A 38 -15.40 -38.42 17.57
C VAL A 38 -16.26 -37.81 18.68
N GLN A 39 -17.57 -37.82 18.46
CA GLN A 39 -18.51 -37.11 19.32
C GLN A 39 -18.49 -37.57 20.78
N ASP A 40 -18.29 -38.87 21.02
CA ASP A 40 -18.28 -39.35 22.40
C ASP A 40 -17.12 -38.73 23.15
N GLU A 41 -15.96 -38.71 22.50
CA GLU A 41 -14.77 -38.12 23.09
C GLU A 41 -14.93 -36.62 23.33
N ASP A 42 -15.45 -35.89 22.34
CA ASP A 42 -15.71 -34.47 22.50
C ASP A 42 -16.62 -34.21 23.68
N ILE A 43 -17.70 -34.99 23.74
CA ILE A 43 -18.67 -34.86 24.81
C ILE A 43 -18.08 -35.18 26.18
N ARG A 44 -17.25 -36.22 26.24
CA ARG A 44 -16.57 -36.56 27.49
C ARG A 44 -15.68 -35.39 27.95
N LEU A 45 -14.92 -34.83 27.00
CA LEU A 45 -14.01 -33.73 27.29
C LEU A 45 -14.75 -32.43 27.66
N MET A 46 -15.90 -32.20 27.02
CA MET A 46 -16.75 -31.08 27.39
C MET A 46 -17.19 -31.20 28.84
N LYS A 47 -17.71 -32.39 29.20
CA LYS A 47 -18.19 -32.60 30.57
C LYS A 47 -17.05 -32.38 31.57
N GLN A 48 -15.84 -32.79 31.20
CA GLN A 48 -14.69 -32.62 32.07
C GLN A 48 -14.32 -31.13 32.19
N ALA A 49 -14.59 -30.38 31.13
CA ALA A 49 -14.27 -28.98 31.08
C ALA A 49 -15.33 -28.13 31.77
N GLY A 50 -16.51 -28.73 31.95
CA GLY A 50 -17.59 -28.03 32.63
C GLY A 50 -18.47 -27.34 31.61
N VAL A 51 -18.34 -27.79 30.37
CA VAL A 51 -19.11 -27.21 29.29
C VAL A 51 -20.57 -27.64 29.38
N ASN A 52 -21.45 -26.65 29.45
CA ASN A 52 -22.87 -26.93 29.56
C ASN A 52 -23.71 -26.48 28.35
N ILE A 53 -23.06 -25.98 27.31
CA ILE A 53 -23.79 -25.56 26.12
C ILE A 53 -22.90 -25.56 24.86
N VAL A 54 -23.50 -25.77 23.69
CA VAL A 54 -22.77 -25.62 22.44
C VAL A 54 -23.65 -24.93 21.39
N SER A 55 -23.05 -24.35 20.36
CA SER A 55 -23.85 -23.76 19.29
C SER A 55 -23.71 -24.62 18.06
N LEU A 56 -24.84 -25.03 17.48
CA LEU A 56 -24.80 -25.96 16.37
C LEU A 56 -25.40 -25.37 15.12
N ALA A 57 -24.95 -25.91 13.98
CA ALA A 57 -25.57 -25.67 12.67
C ALA A 57 -25.36 -24.26 12.09
N ILE A 58 -24.44 -23.49 12.66
CA ILE A 58 -24.26 -22.11 12.23
C ILE A 58 -24.00 -21.99 10.71
N PHE A 59 -23.10 -22.83 10.22
CA PHE A 59 -22.73 -22.79 8.81
C PHE A 59 -23.17 -24.06 8.11
N SER A 60 -24.20 -24.71 8.66
CA SER A 60 -24.53 -26.09 8.26
C SER A 60 -25.63 -26.21 7.20
N TRP A 61 -26.04 -25.09 6.61
CA TRP A 61 -27.09 -25.06 5.59
C TRP A 61 -26.93 -26.16 4.53
N ALA A 62 -25.75 -26.27 3.93
CA ALA A 62 -25.55 -27.26 2.85
C ALA A 62 -25.69 -28.72 3.33
N ASN A 63 -25.68 -28.93 4.64
CA ASN A 63 -25.83 -30.28 5.20
C ASN A 63 -27.25 -30.55 5.67
N ILE A 64 -28.08 -29.51 5.61
CA ILE A 64 -29.49 -29.61 5.99
C ILE A 64 -30.35 -29.59 4.72
N GLU A 65 -30.43 -28.44 4.05
CA GLU A 65 -31.08 -28.41 2.75
C GLU A 65 -30.05 -28.85 1.71
N THR A 66 -29.81 -30.16 1.67
CA THR A 66 -28.75 -30.76 0.84
C THR A 66 -28.93 -30.58 -0.68
N SER A 67 -30.16 -30.29 -1.10
CA SER A 67 -30.49 -29.93 -2.50
C SER A 67 -31.76 -29.09 -2.40
N ASP A 68 -32.12 -28.38 -3.47
CA ASP A 68 -33.26 -27.48 -3.41
C ASP A 68 -34.56 -28.13 -2.94
N GLY A 69 -35.07 -27.69 -1.80
CA GLY A 69 -36.33 -28.19 -1.28
C GLY A 69 -36.27 -29.40 -0.35
N ASN A 70 -35.14 -30.09 -0.34
CA ASN A 70 -34.93 -31.31 0.46
C ASN A 70 -34.13 -31.09 1.76
N PHE A 71 -34.79 -31.29 2.92
CA PHE A 71 -34.18 -31.03 4.22
C PHE A 71 -33.91 -32.32 5.04
N GLU A 72 -32.69 -32.51 5.50
CA GLU A 72 -32.34 -33.69 6.30
C GLU A 72 -31.84 -33.26 7.66
N PHE A 73 -32.18 -33.99 8.70
CA PHE A 73 -31.88 -33.54 10.05
C PHE A 73 -31.24 -34.67 10.87
N ASP A 74 -31.02 -35.80 10.21
CA ASP A 74 -30.56 -37.02 10.89
C ASP A 74 -29.27 -36.82 11.64
N TRP A 75 -28.25 -36.33 10.93
CA TRP A 75 -26.94 -36.14 11.54
C TRP A 75 -27.07 -35.20 12.75
N LEU A 76 -27.93 -34.20 12.62
CA LEU A 76 -28.08 -33.19 13.66
C LEU A 76 -28.91 -33.71 14.85
N ASP A 77 -29.93 -34.52 14.55
CA ASP A 77 -30.78 -35.07 15.60
C ASP A 77 -29.94 -35.98 16.51
N ARG A 78 -29.06 -36.78 15.89
CA ARG A 78 -28.20 -37.70 16.63
C ARG A 78 -27.27 -36.99 17.63
N VAL A 79 -26.58 -35.93 17.17
CA VAL A 79 -25.64 -35.28 18.06
C VAL A 79 -26.37 -34.49 19.16
N ILE A 80 -27.51 -33.92 18.82
CA ILE A 80 -28.29 -33.24 19.85
C ILE A 80 -28.73 -34.25 20.91
N ASP A 81 -29.08 -35.45 20.47
CA ASP A 81 -29.46 -36.49 21.41
C ASP A 81 -28.29 -36.80 22.35
N LYS A 82 -27.12 -37.05 21.79
CA LYS A 82 -25.92 -37.29 22.61
C LYS A 82 -25.66 -36.15 23.59
N LEU A 83 -25.80 -34.92 23.10
CA LEU A 83 -25.51 -33.76 23.94
C LEU A 83 -26.52 -33.64 25.07
N TYR A 84 -27.79 -33.92 24.73
CA TYR A 84 -28.88 -33.86 25.70
C TYR A 84 -28.71 -34.87 26.85
N LYS A 85 -28.35 -36.11 26.51
CA LYS A 85 -28.09 -37.15 27.51
C LYS A 85 -26.89 -36.84 28.40
N ALA A 86 -25.96 -36.04 27.88
CA ALA A 86 -24.78 -35.66 28.63
C ALA A 86 -25.07 -34.44 29.47
N GLY A 87 -26.23 -33.84 29.25
CA GLY A 87 -26.68 -32.70 30.05
C GLY A 87 -26.22 -31.37 29.48
N ILE A 88 -25.87 -31.39 28.19
CA ILE A 88 -25.31 -30.24 27.51
C ILE A 88 -26.35 -29.60 26.61
N ALA A 89 -26.68 -28.33 26.86
CA ALA A 89 -27.73 -27.65 26.10
C ALA A 89 -27.30 -27.24 24.69
N VAL A 90 -28.28 -26.92 23.85
CA VAL A 90 -27.97 -26.50 22.49
C VAL A 90 -28.56 -25.12 22.17
N ASP A 91 -27.67 -24.23 21.77
CA ASP A 91 -28.02 -22.95 21.21
C ASP A 91 -28.05 -23.16 19.70
N LEU A 92 -29.26 -23.33 19.15
CA LEU A 92 -29.40 -23.72 17.75
C LEU A 92 -29.33 -22.51 16.83
N ALA A 93 -28.68 -22.68 15.68
CA ALA A 93 -28.65 -21.59 14.71
C ALA A 93 -29.76 -21.75 13.67
N SER A 94 -30.08 -20.64 12.99
CA SER A 94 -31.04 -20.69 11.91
C SER A 94 -30.41 -21.44 10.73
N ALA A 95 -29.08 -21.49 10.75
CA ALA A 95 -28.27 -22.17 9.73
C ALA A 95 -28.32 -21.47 8.39
N THR A 96 -28.67 -20.20 8.40
CA THR A 96 -28.84 -19.47 7.16
C THR A 96 -27.61 -18.63 6.74
N ALA A 97 -26.55 -18.66 7.55
CA ALA A 97 -25.38 -17.79 7.36
C ALA A 97 -24.62 -18.00 6.06
N SER A 98 -24.50 -19.26 5.64
CA SER A 98 -23.71 -19.58 4.47
C SER A 98 -24.40 -20.63 3.59
N PRO A 99 -25.10 -20.15 2.54
CA PRO A 99 -25.87 -20.94 1.55
C PRO A 99 -25.04 -21.95 0.76
N PRO A 100 -25.68 -23.05 0.36
CA PRO A 100 -24.97 -24.13 -0.35
C PRO A 100 -24.62 -23.70 -1.75
N MET A 101 -23.69 -24.41 -2.38
CA MET A 101 -23.32 -24.08 -3.74
C MET A 101 -24.46 -24.29 -4.72
N TRP A 102 -25.33 -25.29 -4.48
CA TRP A 102 -26.44 -25.49 -5.43
C TRP A 102 -27.33 -24.24 -5.48
N LEU A 103 -27.38 -23.51 -4.36
CA LEU A 103 -28.20 -22.31 -4.28
C LEU A 103 -27.57 -21.16 -5.06
N THR A 104 -26.27 -20.95 -4.89
CA THR A 104 -25.60 -19.82 -5.55
C THR A 104 -25.47 -20.11 -7.05
N SER A 105 -25.45 -21.40 -7.40
CA SER A 105 -25.30 -21.83 -8.79
C SER A 105 -26.58 -21.71 -9.60
N ALA A 106 -27.71 -22.01 -8.97
CA ALA A 106 -28.99 -21.88 -9.62
C ALA A 106 -29.41 -20.41 -9.59
N HIS A 107 -28.87 -19.68 -8.62
CA HIS A 107 -29.27 -18.30 -8.42
C HIS A 107 -28.08 -17.40 -8.07
N PRO A 108 -27.24 -17.09 -9.07
CA PRO A 108 -26.08 -16.21 -8.83
C PRO A 108 -26.57 -14.81 -8.56
N GLU A 109 -27.87 -14.60 -8.72
CA GLU A 109 -28.47 -13.31 -8.48
C GLU A 109 -28.54 -13.01 -6.99
N VAL A 110 -28.12 -13.97 -6.17
CA VAL A 110 -28.06 -13.77 -4.73
C VAL A 110 -26.66 -13.27 -4.34
N LEU A 111 -25.72 -13.38 -5.27
CA LEU A 111 -24.34 -12.98 -5.00
C LEU A 111 -24.17 -11.47 -4.99
N ARG A 112 -23.35 -10.98 -4.06
CA ARG A 112 -23.03 -9.57 -3.92
C ARG A 112 -22.25 -9.03 -5.10
N ARG A 113 -22.29 -7.71 -5.28
CA ARG A 113 -21.43 -7.04 -6.24
C ARG A 113 -20.56 -6.07 -5.47
N ASP A 114 -19.33 -5.88 -5.90
CA ASP A 114 -18.46 -4.90 -5.25
C ASP A 114 -18.72 -3.51 -5.85
N GLU A 115 -17.92 -2.54 -5.43
CA GLU A 115 -18.12 -1.15 -5.86
C GLU A 115 -18.05 -1.00 -7.39
N GLN A 116 -17.45 -1.99 -8.06
CA GLN A 116 -17.26 -1.94 -9.51
C GLN A 116 -18.17 -2.90 -10.29
N GLY A 117 -18.99 -3.66 -9.59
CA GLY A 117 -19.95 -4.55 -10.23
C GLY A 117 -19.47 -5.98 -10.37
N HIS A 118 -18.33 -6.29 -9.75
CA HIS A 118 -17.81 -7.66 -9.71
C HIS A 118 -18.54 -8.60 -8.77
N VAL A 119 -18.98 -9.73 -9.30
CA VAL A 119 -19.69 -10.71 -8.50
C VAL A 119 -18.75 -11.35 -7.49
N ILE A 120 -19.13 -11.27 -6.22
CA ILE A 120 -18.39 -11.95 -5.16
C ILE A 120 -18.62 -13.45 -5.29
N TRP A 121 -17.54 -14.20 -5.45
CA TRP A 121 -17.66 -15.65 -5.69
C TRP A 121 -17.97 -16.44 -4.41
N PRO A 122 -18.72 -17.54 -4.54
CA PRO A 122 -19.00 -18.39 -3.37
C PRO A 122 -17.68 -18.96 -2.86
N GLY A 123 -17.64 -19.30 -1.58
CA GLY A 123 -16.38 -19.66 -0.97
C GLY A 123 -15.87 -18.52 -0.12
N ALA A 124 -16.21 -17.29 -0.50
CA ALA A 124 -16.05 -16.15 0.41
C ALA A 124 -17.24 -16.22 1.35
N ARG A 125 -17.09 -15.85 2.61
CA ARG A 125 -18.27 -15.94 3.46
C ARG A 125 -19.12 -14.69 3.37
N GLN A 126 -20.42 -14.88 3.56
CA GLN A 126 -21.42 -13.84 3.40
C GLN A 126 -21.31 -13.25 2.03
N HIS A 127 -21.39 -14.12 1.02
CA HIS A 127 -21.29 -13.66 -0.35
C HIS A 127 -22.65 -13.27 -0.91
N TRP A 128 -23.62 -13.07 -0.02
CA TRP A 128 -24.99 -12.84 -0.42
C TRP A 128 -25.50 -11.45 -0.14
N ARG A 129 -26.39 -10.99 -1.03
CA ARG A 129 -27.03 -9.68 -0.92
C ARG A 129 -28.07 -9.67 0.17
N PRO A 130 -27.91 -8.82 1.17
CA PRO A 130 -28.94 -8.68 2.21
C PRO A 130 -30.30 -8.23 1.68
N THR A 131 -30.34 -7.62 0.50
CA THR A 131 -31.58 -7.09 -0.05
C THR A 131 -32.11 -7.95 -1.19
N SER A 132 -31.50 -9.11 -1.41
CA SER A 132 -32.00 -10.04 -2.41
C SER A 132 -33.29 -10.70 -1.94
N PRO A 133 -34.38 -10.52 -2.72
CA PRO A 133 -35.67 -11.15 -2.39
C PRO A 133 -35.61 -12.65 -2.57
N THR A 134 -34.87 -13.10 -3.58
CA THR A 134 -34.70 -14.53 -3.82
C THR A 134 -34.00 -15.18 -2.63
N PHE A 135 -32.97 -14.52 -2.11
CA PHE A 135 -32.26 -15.11 -0.98
C PHE A 135 -33.15 -15.15 0.27
N ARG A 136 -33.94 -14.09 0.48
CA ARG A 136 -34.77 -14.03 1.67
C ARG A 136 -35.78 -15.17 1.69
N THR A 137 -36.36 -15.51 0.54
CA THR A 137 -37.31 -16.62 0.50
C THR A 137 -36.61 -17.94 0.86
N TYR A 138 -35.45 -18.21 0.28
CA TYR A 138 -34.69 -19.41 0.64
C TYR A 138 -34.35 -19.43 2.14
N ALA A 139 -33.94 -18.29 2.67
CA ALA A 139 -33.49 -18.24 4.05
C ALA A 139 -34.64 -18.46 5.01
N LEU A 140 -35.76 -17.82 4.72
CA LEU A 140 -36.94 -17.91 5.57
C LEU A 140 -37.57 -19.31 5.49
N ARG A 141 -37.42 -19.99 4.35
CA ARG A 141 -37.87 -21.37 4.23
C ARG A 141 -37.04 -22.26 5.15
N LEU A 142 -35.72 -22.04 5.16
CA LEU A 142 -34.86 -22.81 6.03
C LEU A 142 -35.16 -22.50 7.50
N CYS A 143 -35.37 -21.23 7.82
CA CYS A 143 -35.73 -20.86 9.19
C CYS A 143 -36.95 -21.64 9.65
N ARG A 144 -37.96 -21.70 8.78
CA ARG A 144 -39.23 -22.35 9.15
C ARG A 144 -39.03 -23.86 9.33
N GLU A 145 -38.31 -24.48 8.40
CA GLU A 145 -38.00 -25.90 8.51
C GLU A 145 -37.25 -26.24 9.79
N MET A 146 -36.26 -25.41 10.15
CA MET A 146 -35.47 -25.63 11.37
C MET A 146 -36.37 -25.55 12.58
N ALA A 147 -37.26 -24.56 12.56
CA ALA A 147 -38.18 -24.34 13.65
C ALA A 147 -39.28 -25.42 13.76
N GLU A 148 -39.78 -25.90 12.62
CA GLU A 148 -40.79 -26.96 12.62
C GLU A 148 -40.20 -28.16 13.29
N HIS A 149 -39.00 -28.51 12.85
CA HIS A 149 -38.38 -29.77 13.23
C HIS A 149 -37.86 -29.81 14.66
N TYR A 150 -37.47 -28.68 15.21
CA TYR A 150 -36.91 -28.66 16.56
C TYR A 150 -37.88 -28.02 17.55
N LYS A 151 -39.09 -27.76 17.03
CA LYS A 151 -40.24 -27.35 17.81
C LYS A 151 -40.41 -28.33 18.95
N ASP A 152 -40.52 -27.82 20.18
CA ASP A 152 -40.75 -28.66 21.37
C ASP A 152 -39.61 -29.68 21.68
N ASN A 153 -38.45 -29.56 21.01
CA ASN A 153 -37.28 -30.33 21.44
C ASN A 153 -36.65 -29.63 22.65
N PRO A 154 -36.51 -30.38 23.77
CA PRO A 154 -36.10 -29.75 25.04
C PRO A 154 -34.61 -29.44 25.12
N ALA A 155 -33.82 -29.96 24.19
CA ALA A 155 -32.38 -29.70 24.19
C ALA A 155 -32.08 -28.25 23.75
N ILE A 156 -32.93 -27.72 22.89
CA ILE A 156 -32.77 -26.40 22.29
C ILE A 156 -33.23 -25.31 23.23
N VAL A 157 -32.28 -24.51 23.72
CA VAL A 157 -32.61 -23.49 24.69
C VAL A 157 -32.55 -22.06 24.12
N SER A 158 -32.04 -21.92 22.89
CA SER A 158 -32.02 -20.61 22.21
C SER A 158 -31.78 -20.71 20.70
N TRP A 159 -32.08 -19.62 20.00
CA TRP A 159 -31.81 -19.47 18.56
C TRP A 159 -30.64 -18.51 18.35
N HIS A 160 -29.70 -18.95 17.51
CA HIS A 160 -28.53 -18.18 17.11
C HIS A 160 -28.83 -17.76 15.69
N VAL A 161 -29.52 -16.64 15.53
CA VAL A 161 -29.98 -16.26 14.21
C VAL A 161 -28.85 -15.77 13.33
N GLY A 162 -28.61 -16.49 12.23
CA GLY A 162 -27.53 -16.16 11.31
C GLY A 162 -26.17 -16.18 11.99
N ASN A 163 -25.23 -15.41 11.45
CA ASN A 163 -23.92 -15.26 12.07
C ASN A 163 -23.22 -13.98 11.66
N GLU A 164 -22.91 -13.15 12.66
CA GLU A 164 -22.13 -11.95 12.47
C GLU A 164 -22.49 -11.21 11.20
N TYR A 165 -23.73 -10.72 11.13
CA TYR A 165 -24.18 -9.98 9.97
C TYR A 165 -23.22 -8.84 9.66
N GLY A 166 -22.92 -8.67 8.37
CA GLY A 166 -22.11 -7.57 7.90
C GLY A 166 -20.63 -7.63 8.25
N CYS A 167 -20.16 -8.82 8.60
CA CYS A 167 -18.73 -9.00 8.82
C CYS A 167 -18.00 -8.79 7.49
N HIS A 168 -18.68 -9.12 6.39
CA HIS A 168 -18.12 -8.96 5.05
C HIS A 168 -19.14 -8.40 4.05
N ASN A 169 -20.41 -8.82 4.19
CA ASN A 169 -21.46 -8.41 3.26
C ASN A 169 -22.18 -7.11 3.64
N TYR A 170 -21.51 -6.27 4.43
CA TYR A 170 -22.04 -4.98 4.81
C TYR A 170 -22.28 -4.05 3.62
N PHE A 171 -21.31 -4.01 2.70
CA PHE A 171 -21.38 -3.19 1.50
C PHE A 171 -21.69 -3.99 0.22
N ASP A 172 -22.91 -3.86 -0.30
CA ASP A 172 -23.32 -4.48 -1.55
C ASP A 172 -23.73 -3.38 -2.53
N TYR A 173 -23.34 -3.53 -3.80
CA TYR A 173 -23.59 -2.50 -4.80
C TYR A 173 -24.39 -3.05 -5.98
N SER A 174 -25.08 -4.17 -5.74
CA SER A 174 -25.93 -4.82 -6.73
C SER A 174 -27.20 -4.03 -7.00
N ASP A 175 -27.97 -4.49 -7.99
CA ASP A 175 -29.21 -3.81 -8.39
C ASP A 175 -30.22 -3.74 -7.23
N ASP A 176 -30.25 -4.79 -6.40
CA ASP A 176 -31.13 -4.85 -5.23
C ASP A 176 -30.79 -3.76 -4.23
N ALA A 177 -29.49 -3.56 -4.00
CA ALA A 177 -29.07 -2.56 -3.05
C ALA A 177 -29.42 -1.18 -3.56
N VAL A 178 -29.28 -1.00 -4.88
CA VAL A 178 -29.54 0.30 -5.48
C VAL A 178 -31.00 0.66 -5.25
N GLN A 179 -31.89 -0.31 -5.48
CA GLN A 179 -33.32 -0.08 -5.33
C GLN A 179 -33.70 0.03 -3.85
N ALA A 180 -33.07 -0.78 -3.00
CA ALA A 180 -33.34 -0.74 -1.57
C ALA A 180 -32.93 0.59 -0.94
N PHE A 181 -31.81 1.15 -1.43
CA PHE A 181 -31.30 2.39 -0.90
C PHE A 181 -32.21 3.59 -1.25
N ARG A 182 -32.78 3.57 -2.46
CA ARG A 182 -33.76 4.58 -2.83
C ARG A 182 -34.95 4.52 -1.87
N GLU A 183 -35.49 3.31 -1.68
CA GLU A 183 -36.64 3.14 -0.80
C GLU A 183 -36.33 3.51 0.62
N TRP A 184 -35.13 3.12 1.06
CA TRP A 184 -34.69 3.52 2.39
C TRP A 184 -34.71 5.05 2.45
N CYS A 185 -34.26 5.69 1.35
CA CYS A 185 -34.23 7.16 1.32
C CYS A 185 -35.62 7.78 1.22
N ARG A 186 -36.48 7.14 0.42
CA ARG A 186 -37.86 7.57 0.28
C ARG A 186 -38.59 7.52 1.62
N ASP A 187 -38.42 6.41 2.34
CA ASP A 187 -39.01 6.23 3.65
C ASP A 187 -38.46 7.27 4.65
N ARG A 188 -37.17 7.54 4.60
CA ARG A 188 -36.56 8.46 5.57
C ARG A 188 -36.88 9.94 5.26
N TYR A 189 -36.97 10.28 3.98
CA TYR A 189 -37.13 11.69 3.62
C TYR A 189 -38.46 12.11 2.97
N GLY A 190 -39.18 11.14 2.40
CA GLY A 190 -40.49 11.40 1.81
C GLY A 190 -40.48 12.02 0.42
N THR A 191 -39.83 13.18 0.33
CA THR A 191 -39.70 13.90 -0.92
C THR A 191 -38.24 14.17 -1.23
N ILE A 192 -37.92 14.26 -2.51
CA ILE A 192 -36.54 14.49 -2.92
C ILE A 192 -36.00 15.86 -2.43
N ASP A 193 -36.92 16.75 -2.08
CA ASP A 193 -36.55 18.07 -1.56
C ASP A 193 -35.86 17.88 -0.24
N LYS A 194 -36.38 16.94 0.54
CA LYS A 194 -35.85 16.66 1.87
C LYS A 194 -34.50 15.95 1.76
N VAL A 195 -34.33 15.14 0.71
CA VAL A 195 -33.06 14.46 0.46
C VAL A 195 -31.97 15.47 0.14
N ASN A 196 -32.20 16.28 -0.89
CA ASN A 196 -31.26 17.31 -1.30
C ASN A 196 -30.92 18.27 -0.14
N ALA A 197 -31.89 18.51 0.75
CA ALA A 197 -31.63 19.41 1.89
C ALA A 197 -30.71 18.73 2.88
N ALA A 198 -30.87 17.41 3.02
CA ALA A 198 -30.07 16.62 3.95
C ALA A 198 -28.64 16.42 3.47
N TRP A 199 -28.48 16.02 2.21
CA TRP A 199 -27.17 15.73 1.61
C TRP A 199 -26.41 16.96 1.07
N GLY A 200 -27.14 18.05 0.77
CA GLY A 200 -26.54 19.22 0.13
C GLY A 200 -26.02 18.84 -1.26
N THR A 201 -25.02 19.60 -1.73
CA THR A 201 -24.42 19.30 -3.03
C THR A 201 -22.91 19.28 -2.93
N ASN A 202 -22.27 18.39 -3.69
CA ASN A 202 -20.84 18.52 -3.95
C ASN A 202 -20.66 19.74 -4.87
N PHE A 203 -19.63 20.53 -4.64
CA PHE A 203 -19.49 21.78 -5.38
C PHE A 203 -19.55 21.57 -6.90
N TRP A 204 -19.14 20.39 -7.36
CA TRP A 204 -19.06 20.13 -8.79
C TRP A 204 -20.32 19.53 -9.40
N SER A 205 -21.26 19.11 -8.56
CA SER A 205 -22.48 18.53 -9.09
C SER A 205 -23.69 19.30 -8.58
N GLN A 206 -24.88 18.96 -9.04
CA GLN A 206 -26.06 19.69 -8.62
C GLN A 206 -27.11 18.73 -8.09
N ARG A 207 -28.18 19.29 -7.52
CA ARG A 207 -29.23 18.53 -6.83
C ARG A 207 -29.89 17.40 -7.64
N LEU A 208 -30.54 16.49 -6.91
CA LEU A 208 -31.29 15.39 -7.48
C LEU A 208 -32.69 15.85 -7.86
N ASN A 209 -33.24 15.28 -8.92
CA ASN A 209 -34.58 15.65 -9.36
C ASN A 209 -35.63 14.63 -8.92
N SER A 210 -35.20 13.39 -8.75
CA SER A 210 -36.07 12.29 -8.35
C SER A 210 -35.29 11.25 -7.53
N PHE A 211 -36.03 10.37 -6.86
CA PHE A 211 -35.43 9.27 -6.14
C PHE A 211 -34.77 8.30 -7.10
N GLU A 212 -35.20 8.29 -8.35
CA GLU A 212 -34.66 7.34 -9.32
C GLU A 212 -33.24 7.74 -9.74
N GLU A 213 -32.86 8.96 -9.42
CA GLU A 213 -31.52 9.45 -9.74
C GLU A 213 -30.50 9.10 -8.65
N ILE A 214 -30.98 8.56 -7.54
CA ILE A 214 -30.11 8.23 -6.42
C ILE A 214 -29.30 6.95 -6.64
N LEU A 215 -27.98 7.08 -6.57
CA LEU A 215 -27.07 5.93 -6.62
C LEU A 215 -26.26 5.86 -5.35
N PRO A 216 -25.89 4.63 -4.94
CA PRO A 216 -25.02 4.53 -3.76
C PRO A 216 -23.63 5.13 -4.04
N PRO A 217 -23.04 5.76 -3.01
CA PRO A 217 -21.69 6.31 -3.09
C PRO A 217 -20.66 5.19 -3.26
N ARG A 218 -19.58 5.47 -3.99
CA ARG A 218 -18.53 4.47 -4.25
C ARG A 218 -17.13 4.98 -3.91
N TYR A 219 -16.13 4.14 -4.16
CA TYR A 219 -14.74 4.52 -3.96
C TYR A 219 -14.29 5.57 -4.98
N PHE A 226 -14.01 11.87 -4.61
CA PHE A 226 -14.70 11.96 -3.32
C PHE A 226 -16.20 11.82 -3.47
N THR A 227 -16.84 11.39 -2.40
CA THR A 227 -18.28 11.13 -2.36
C THR A 227 -18.96 12.25 -1.58
N ASN A 228 -20.28 12.30 -1.64
CA ASN A 228 -21.00 13.21 -0.78
C ASN A 228 -21.08 12.63 0.62
N PRO A 229 -20.50 13.33 1.61
CA PRO A 229 -20.42 12.81 2.98
C PRO A 229 -21.81 12.56 3.61
N GLY A 230 -22.79 13.43 3.35
CA GLY A 230 -24.13 13.19 3.84
C GLY A 230 -24.73 11.93 3.25
N ARG A 231 -24.53 11.73 1.94
CA ARG A 231 -25.04 10.51 1.31
C ARG A 231 -24.32 9.27 1.86
N LEU A 232 -23.00 9.38 2.04
CA LEU A 232 -22.20 8.27 2.54
C LEU A 232 -22.63 7.91 3.96
N LEU A 233 -22.93 8.92 4.77
CA LEU A 233 -23.43 8.68 6.12
C LEU A 233 -24.70 7.83 6.07
N ASP A 234 -25.64 8.25 5.23
CA ASP A 234 -26.92 7.59 5.16
C ASP A 234 -26.77 6.24 4.53
N PHE A 235 -25.84 6.10 3.62
CA PHE A 235 -25.65 4.80 2.97
C PHE A 235 -25.14 3.75 3.97
N LYS A 236 -24.24 4.18 4.84
CA LYS A 236 -23.77 3.31 5.91
C LYS A 236 -24.91 2.92 6.85
N HIS A 237 -25.73 3.90 7.20
CA HIS A 237 -26.92 3.72 8.01
C HIS A 237 -27.83 2.72 7.29
N PHE A 238 -28.06 2.94 6.00
CA PHE A 238 -28.89 2.01 5.23
C PHE A 238 -28.31 0.60 5.28
N CYS A 239 -27.00 0.46 5.13
CA CYS A 239 -26.41 -0.86 5.10
C CYS A 239 -26.64 -1.63 6.40
N SER A 240 -26.63 -0.91 7.52
CA SER A 240 -26.95 -1.49 8.81
C SER A 240 -28.45 -1.84 8.90
N ASP A 241 -29.31 -0.92 8.45
CA ASP A 241 -30.77 -1.14 8.51
C ASP A 241 -31.17 -2.31 7.61
N ALA A 242 -30.55 -2.43 6.43
CA ALA A 242 -30.90 -3.51 5.49
C ALA A 242 -30.63 -4.89 6.08
N LEU A 243 -29.55 -4.98 6.85
CA LEU A 243 -29.17 -6.21 7.50
C LEU A 243 -30.00 -6.44 8.76
N LYS A 244 -30.41 -5.36 9.39
CA LYS A 244 -31.26 -5.47 10.56
C LYS A 244 -32.61 -6.06 10.16
N GLU A 245 -33.14 -5.59 9.03
CA GLU A 245 -34.41 -6.07 8.51
C GLU A 245 -34.35 -7.56 8.27
N PHE A 246 -33.25 -7.99 7.65
CA PHE A 246 -33.10 -9.39 7.27
C PHE A 246 -33.07 -10.22 8.54
N PHE A 247 -32.38 -9.71 9.56
CA PHE A 247 -32.36 -10.46 10.81
C PHE A 247 -33.75 -10.52 11.43
N CYS A 248 -34.48 -9.39 11.39
CA CYS A 248 -35.81 -9.35 11.99
C CYS A 248 -36.73 -10.31 11.24
N ALA A 249 -36.56 -10.39 9.90
CA ALA A 249 -37.37 -11.31 9.10
C ALA A 249 -37.14 -12.75 9.53
N GLU A 250 -35.89 -13.15 9.68
CA GLU A 250 -35.55 -14.47 10.15
C GLU A 250 -36.04 -14.69 11.57
N ARG A 251 -35.89 -13.67 12.41
CA ARG A 251 -36.27 -13.85 13.79
C ARG A 251 -37.78 -14.07 13.88
N ASP A 252 -38.53 -13.39 13.01
CA ASP A 252 -39.97 -13.45 13.08
C ASP A 252 -40.51 -14.82 12.67
N VAL A 253 -39.87 -15.44 11.70
CA VAL A 253 -40.24 -16.80 11.34
C VAL A 253 -40.00 -17.78 12.49
N LEU A 254 -38.87 -17.65 13.16
CA LEU A 254 -38.47 -18.59 14.20
C LEU A 254 -39.34 -18.45 15.43
N SER A 255 -39.66 -17.20 15.81
CA SER A 255 -40.45 -16.98 17.02
C SER A 255 -41.94 -17.25 16.75
N GLU A 256 -42.34 -17.28 15.48
CA GLU A 256 -43.70 -17.65 15.14
C GLU A 256 -43.92 -19.14 15.42
N VAL A 257 -43.01 -19.97 14.90
CA VAL A 257 -43.10 -21.42 15.08
C VAL A 257 -42.73 -21.88 16.49
N THR A 258 -41.69 -21.29 17.08
CA THR A 258 -41.24 -21.68 18.42
C THR A 258 -41.10 -20.45 19.32
N PRO A 259 -42.24 -19.91 19.78
CA PRO A 259 -42.30 -18.66 20.56
C PRO A 259 -41.67 -18.75 21.93
N ASN A 260 -41.26 -19.95 22.35
CA ASN A 260 -40.75 -20.09 23.71
C ASN A 260 -39.25 -20.22 23.80
N ILE A 261 -38.59 -20.10 22.66
CA ILE A 261 -37.15 -20.15 22.60
C ILE A 261 -36.61 -18.74 22.35
N PRO A 262 -35.81 -18.22 23.29
CA PRO A 262 -35.31 -16.84 23.14
C PRO A 262 -34.30 -16.72 22.00
N LEU A 263 -34.33 -15.59 21.27
CA LEU A 263 -33.49 -15.44 20.09
C LEU A 263 -32.44 -14.33 20.21
N THR A 264 -31.30 -14.60 19.60
CA THR A 264 -30.25 -13.61 19.53
C THR A 264 -29.53 -13.72 18.21
N THR A 265 -28.68 -12.73 17.96
CA THR A 265 -27.69 -12.84 16.92
C THR A 265 -26.40 -12.35 17.56
N ASN A 266 -25.27 -12.89 17.10
CA ASN A 266 -23.97 -12.56 17.66
C ASN A 266 -23.40 -11.24 17.09
N PHE A 267 -23.21 -10.25 17.97
CA PHE A 267 -22.66 -8.96 17.57
C PHE A 267 -21.15 -9.04 17.55
N MET A 268 -20.50 -8.05 16.93
CA MET A 268 -19.03 -7.93 16.92
C MET A 268 -18.64 -6.59 17.53
N VAL A 269 -18.96 -6.40 18.79
CA VAL A 269 -18.66 -5.12 19.44
C VAL A 269 -17.21 -5.06 19.94
N SER A 270 -16.41 -4.17 19.36
CA SER A 270 -15.06 -3.89 19.85
C SER A 270 -14.84 -2.40 19.66
N ALA A 271 -13.72 -1.89 20.14
CA ALA A 271 -13.51 -0.45 20.14
C ALA A 271 -13.54 0.18 18.75
N SER A 272 -13.09 -0.56 17.75
CA SER A 272 -12.94 0.01 16.42
C SER A 272 -13.98 -0.48 15.43
N GLN A 273 -14.94 -1.29 15.89
CA GLN A 273 -15.99 -1.80 14.99
C GLN A 273 -16.77 -0.63 14.38
N ASN A 274 -16.99 -0.66 13.07
CA ASN A 274 -17.50 0.53 12.39
C ASN A 274 -18.52 0.26 11.29
N THR A 275 -19.18 -0.90 11.37
CA THR A 275 -20.18 -1.30 10.38
C THR A 275 -21.62 -1.19 10.89
N LEU A 276 -22.01 -2.06 11.82
CA LEU A 276 -23.39 -2.09 12.28
C LEU A 276 -23.66 -1.18 13.46
N ASP A 277 -24.85 -0.56 13.48
CA ASP A 277 -25.30 0.18 14.67
C ASP A 277 -25.86 -0.86 15.63
N TYR A 278 -25.01 -1.36 16.51
CA TYR A 278 -25.39 -2.43 17.42
C TYR A 278 -26.36 -1.96 18.52
N ASP A 279 -26.27 -0.70 18.91
CA ASP A 279 -27.20 -0.19 19.91
C ASP A 279 -28.61 -0.22 19.35
N ASP A 280 -28.72 0.12 18.08
CA ASP A 280 -29.98 0.09 17.37
C ASP A 280 -30.46 -1.36 17.23
N TRP A 281 -29.57 -2.27 16.82
CA TRP A 281 -29.91 -3.70 16.70
C TRP A 281 -30.33 -4.32 18.01
N ALA A 282 -29.83 -3.78 19.13
CA ALA A 282 -30.12 -4.36 20.45
C ALA A 282 -31.61 -4.31 20.81
N HIS A 283 -32.34 -3.42 20.15
CA HIS A 283 -33.77 -3.30 20.38
C HIS A 283 -34.51 -4.52 19.76
N GLU A 284 -33.82 -5.33 18.96
CA GLU A 284 -34.47 -6.42 18.24
C GLU A 284 -34.09 -7.84 18.69
N VAL A 285 -33.47 -7.93 19.87
CA VAL A 285 -33.08 -9.25 20.38
C VAL A 285 -33.67 -9.49 21.78
N ASP A 286 -33.80 -10.76 22.13
CA ASP A 286 -34.30 -11.13 23.44
C ASP A 286 -33.17 -10.93 24.47
N PHE A 287 -31.95 -11.25 24.04
CA PHE A 287 -30.76 -10.95 24.82
C PHE A 287 -29.61 -10.59 23.91
N VAL A 288 -28.75 -9.68 24.38
CA VAL A 288 -27.60 -9.26 23.60
C VAL A 288 -26.48 -10.28 23.73
N SER A 289 -25.97 -10.73 22.58
CA SER A 289 -24.79 -11.57 22.59
C SER A 289 -23.66 -10.92 21.76
N ASN A 290 -22.42 -11.13 22.18
CA ASN A 290 -21.29 -10.49 21.52
C ASN A 290 -20.14 -11.44 21.21
N ASP A 291 -19.45 -11.17 20.09
CA ASP A 291 -18.17 -11.80 19.78
C ASP A 291 -17.03 -10.80 19.89
N HIS A 292 -16.08 -11.09 20.77
CA HIS A 292 -14.93 -10.19 20.94
C HIS A 292 -13.59 -10.95 20.95
N TYR A 293 -12.62 -10.41 20.22
CA TYR A 293 -11.30 -11.01 20.16
C TYR A 293 -10.26 -10.02 20.65
N PHE A 294 -9.28 -10.51 21.40
CA PHE A 294 -8.41 -9.60 22.13
C PHE A 294 -7.52 -8.78 21.20
N THR A 295 -7.21 -7.57 21.65
CA THR A 295 -6.26 -6.72 20.95
C THR A 295 -4.93 -6.99 21.61
N PRO A 296 -3.95 -7.43 20.82
CA PRO A 296 -2.62 -7.74 21.35
C PRO A 296 -1.87 -6.51 21.87
N GLY A 297 -1.03 -6.70 22.89
CA GLY A 297 -0.22 -5.62 23.45
C GLY A 297 -0.80 -4.89 24.66
N SER A 298 -0.35 -3.66 24.85
CA SER A 298 -0.74 -2.82 25.98
C SER A 298 -2.23 -2.59 26.08
N TRP A 299 -2.94 -2.68 24.95
CA TRP A 299 -4.38 -2.40 24.92
C TRP A 299 -5.27 -3.62 25.25
N HIS A 300 -4.64 -4.79 25.40
CA HIS A 300 -5.32 -6.05 25.64
C HIS A 300 -6.46 -5.93 26.69
N ILE A 301 -6.11 -5.51 27.90
CA ILE A 301 -7.07 -5.42 28.99
C ILE A 301 -8.07 -4.28 28.81
N ASP A 302 -7.58 -3.06 28.73
CA ASP A 302 -8.46 -1.90 28.62
C ASP A 302 -9.42 -1.98 27.43
N GLU A 303 -8.98 -2.51 26.30
CA GLU A 303 -9.87 -2.54 25.14
C GLU A 303 -10.92 -3.62 25.30
N LEU A 304 -10.57 -4.68 26.02
CA LEU A 304 -11.53 -5.74 26.29
C LEU A 304 -12.51 -5.20 27.31
N ALA A 305 -12.01 -4.59 28.37
CA ALA A 305 -12.91 -4.03 29.36
C ALA A 305 -13.86 -3.02 28.71
N TYR A 306 -13.31 -2.18 27.84
CA TYR A 306 -14.08 -1.16 27.15
C TYR A 306 -15.18 -1.82 26.33
N SER A 307 -14.80 -2.78 25.51
CA SER A 307 -15.78 -3.41 24.64
C SER A 307 -16.86 -4.09 25.48
N ALA A 308 -16.48 -4.74 26.57
CA ALA A 308 -17.47 -5.46 27.36
C ALA A 308 -18.41 -4.47 28.04
N SER A 309 -17.84 -3.39 28.55
CA SER A 309 -18.64 -2.33 29.17
C SER A 309 -19.69 -1.82 28.20
N LEU A 310 -19.30 -1.66 26.93
CA LEU A 310 -20.15 -1.15 25.86
C LEU A 310 -21.31 -2.10 25.63
N VAL A 311 -21.00 -3.39 25.59
CA VAL A 311 -22.06 -4.36 25.40
C VAL A 311 -23.08 -4.20 26.53
N ASP A 312 -22.58 -4.04 27.75
CA ASP A 312 -23.48 -3.86 28.87
C ASP A 312 -24.27 -2.55 28.74
N GLY A 313 -23.64 -1.51 28.19
CA GLY A 313 -24.33 -0.25 27.95
C GLY A 313 -25.42 -0.42 26.89
N ILE A 314 -25.07 -1.17 25.86
CA ILE A 314 -25.97 -1.47 24.76
C ILE A 314 -27.16 -2.28 25.27
N SER A 315 -26.88 -3.11 26.27
CA SER A 315 -27.84 -4.03 26.85
C SER A 315 -28.64 -3.39 27.99
N ARG A 316 -28.36 -2.11 28.23
CA ARG A 316 -29.05 -1.35 29.27
C ARG A 316 -28.91 -2.06 30.62
N LYS A 317 -27.69 -2.48 30.93
CA LYS A 317 -27.32 -3.19 32.16
C LYS A 317 -28.02 -4.53 32.40
N LYS A 318 -28.71 -5.05 31.40
CA LYS A 318 -29.24 -6.40 31.50
C LYS A 318 -28.17 -7.42 31.12
N PRO A 319 -28.24 -8.62 31.69
CA PRO A 319 -27.28 -9.68 31.40
C PRO A 319 -27.12 -9.96 29.91
N TRP A 320 -25.88 -10.21 29.47
CA TRP A 320 -25.64 -10.50 28.07
C TRP A 320 -24.80 -11.77 27.91
N PHE A 321 -24.59 -12.18 26.68
CA PHE A 321 -24.04 -13.48 26.38
C PHE A 321 -22.73 -13.31 25.60
N LEU A 322 -21.63 -13.88 26.09
CA LEU A 322 -20.43 -13.87 25.27
C LEU A 322 -20.45 -15.09 24.38
N MET A 323 -20.77 -14.88 23.12
CA MET A 323 -20.93 -15.99 22.19
C MET A 323 -19.60 -16.51 21.65
N ALA A 324 -18.62 -15.62 21.56
CA ALA A 324 -17.33 -15.99 20.98
C ALA A 324 -16.17 -15.13 21.50
N GLN A 325 -15.03 -15.80 21.62
CA GLN A 325 -13.76 -15.17 21.93
C GLN A 325 -12.73 -16.23 21.60
N SER A 326 -11.43 -15.92 21.76
CA SER A 326 -10.40 -16.91 21.48
C SER A 326 -9.78 -17.41 22.79
N THR A 327 -9.35 -18.67 22.78
CA THR A 327 -8.61 -19.21 23.91
C THR A 327 -7.17 -18.72 23.84
N SER A 328 -6.65 -18.64 22.63
CA SER A 328 -5.31 -18.12 22.43
C SER A 328 -5.33 -17.28 21.16
N ALA A 329 -4.55 -17.66 20.15
CA ALA A 329 -4.42 -16.83 18.95
C ALA A 329 -5.62 -16.86 18.00
N VAL A 330 -5.85 -15.76 17.28
CA VAL A 330 -6.77 -15.82 16.15
C VAL A 330 -5.97 -16.14 14.86
N ASN A 331 -6.59 -16.01 13.70
CA ASN A 331 -5.90 -16.40 12.48
C ASN A 331 -6.02 -15.34 11.39
N TRP A 332 -6.72 -14.24 11.67
CA TRP A 332 -7.03 -13.29 10.61
C TRP A 332 -6.21 -12.00 10.65
N ARG A 333 -5.26 -11.90 11.57
CA ARG A 333 -4.37 -10.75 11.58
C ARG A 333 -3.09 -11.06 10.81
N GLU A 334 -2.29 -10.02 10.59
CA GLU A 334 -1.05 -10.12 9.86
C GLU A 334 0.02 -10.84 10.72
N ILE A 335 -0.09 -10.63 12.02
CA ILE A 335 0.65 -11.36 13.04
C ILE A 335 -0.35 -11.77 14.14
N ASN A 336 -0.45 -13.06 14.43
CA ASN A 336 -1.44 -13.51 15.41
C ASN A 336 -0.81 -13.97 16.71
N PRO A 337 -0.58 -13.02 17.63
CA PRO A 337 0.08 -13.42 18.88
C PRO A 337 -0.79 -14.36 19.73
N ARG A 338 -0.13 -15.19 20.51
CA ARG A 338 -0.80 -16.11 21.40
C ARG A 338 -1.14 -15.42 22.71
N LYS A 339 -2.05 -15.99 23.50
CA LYS A 339 -2.33 -15.43 24.82
C LYS A 339 -1.26 -15.78 25.85
N GLU A 340 -1.01 -14.86 26.78
CA GLU A 340 -0.04 -15.11 27.84
C GLU A 340 -0.66 -16.03 28.90
N PRO A 341 0.16 -16.68 29.71
CA PRO A 341 -0.37 -17.46 30.84
C PRO A 341 -1.40 -16.63 31.63
N GLY A 342 -2.54 -17.26 31.94
CA GLY A 342 -3.59 -16.61 32.73
C GLY A 342 -4.56 -15.72 31.97
N GLU A 343 -4.24 -15.38 30.71
CA GLU A 343 -5.07 -14.44 29.97
C GLU A 343 -6.41 -15.05 29.56
N LEU A 344 -6.39 -16.36 29.29
CA LEU A 344 -7.62 -17.10 28.96
C LEU A 344 -8.65 -16.95 30.08
N ILE A 345 -8.23 -17.23 31.31
CA ILE A 345 -9.17 -17.15 32.42
C ILE A 345 -9.52 -15.70 32.69
N ARG A 346 -8.53 -14.83 32.70
CA ARG A 346 -8.78 -13.41 32.98
C ARG A 346 -9.76 -12.79 32.00
N ASP A 347 -9.55 -13.02 30.72
CA ASP A 347 -10.39 -12.39 29.73
C ASP A 347 -11.83 -12.81 29.89
N SER A 348 -12.04 -14.09 30.19
CA SER A 348 -13.39 -14.59 30.40
C SER A 348 -13.97 -13.89 31.61
N MET A 349 -13.13 -13.75 32.64
CA MET A 349 -13.57 -13.10 33.86
C MET A 349 -13.88 -11.63 33.63
N LEU A 350 -13.16 -11.00 32.68
CA LEU A 350 -13.35 -9.58 32.38
C LEU A 350 -14.70 -9.36 31.73
N HIS A 351 -15.02 -10.21 30.76
CA HIS A 351 -16.36 -10.20 30.18
C HIS A 351 -17.42 -10.45 31.27
N LEU A 352 -17.21 -11.49 32.07
CA LEU A 352 -18.11 -11.85 33.15
C LEU A 352 -18.34 -10.66 34.06
N ALA A 353 -17.25 -10.05 34.52
CA ALA A 353 -17.38 -8.94 35.45
C ALA A 353 -18.20 -7.79 34.87
N MET A 354 -18.11 -7.62 33.55
CA MET A 354 -18.83 -6.54 32.86
C MET A 354 -20.28 -6.94 32.48
N GLY A 355 -20.77 -8.03 33.06
CA GLY A 355 -22.20 -8.32 33.01
C GLY A 355 -22.62 -9.56 32.25
N ALA A 356 -21.66 -10.27 31.66
CA ALA A 356 -21.99 -11.48 30.93
C ALA A 356 -22.47 -12.55 31.93
N ASP A 357 -23.49 -13.32 31.54
CA ASP A 357 -23.93 -14.46 32.33
C ASP A 357 -23.68 -15.71 31.48
N ALA A 358 -22.84 -15.55 30.45
CA ALA A 358 -22.45 -16.66 29.59
C ALA A 358 -21.07 -16.40 28.99
N ILE A 359 -20.27 -17.46 28.90
CA ILE A 359 -18.92 -17.39 28.38
C ILE A 359 -18.68 -18.48 27.33
N CYS A 360 -18.62 -18.09 26.06
CA CYS A 360 -18.39 -19.04 24.98
C CYS A 360 -17.18 -18.74 24.10
N TYR A 361 -16.71 -19.76 23.39
CA TYR A 361 -15.54 -19.62 22.54
C TYR A 361 -15.86 -19.91 21.09
N PHE A 362 -14.96 -19.46 20.24
CA PHE A 362 -14.88 -20.00 18.90
C PHE A 362 -13.50 -20.67 18.89
N GLN A 363 -13.41 -21.98 18.69
CA GLN A 363 -14.49 -22.92 18.51
C GLN A 363 -14.22 -24.05 19.53
N TRP A 364 -14.98 -25.13 19.52
CA TRP A 364 -14.74 -26.19 20.52
C TRP A 364 -13.43 -26.96 20.27
N ARG A 365 -13.25 -27.39 19.03
CA ARG A 365 -12.17 -28.26 18.66
C ARG A 365 -11.42 -27.66 17.48
N GLN A 366 -10.11 -27.50 17.62
CA GLN A 366 -9.31 -26.93 16.55
C GLN A 366 -9.31 -27.87 15.35
N SER A 367 -9.33 -27.28 14.18
CA SER A 367 -9.43 -27.99 12.91
C SER A 367 -8.07 -28.22 12.28
N ARG A 368 -7.95 -29.29 11.50
CA ARG A 368 -6.70 -29.61 10.82
C ARG A 368 -6.64 -28.90 9.48
N SER A 369 -7.80 -28.54 8.92
CA SER A 369 -7.82 -27.86 7.61
C SER A 369 -8.80 -26.69 7.54
N GLY A 370 -8.79 -25.98 6.42
CA GLY A 370 -9.60 -24.79 6.30
C GLY A 370 -8.87 -23.59 6.87
N ALA A 371 -9.31 -22.40 6.46
CA ALA A 371 -8.63 -21.16 6.84
C ALA A 371 -8.55 -20.93 8.35
N GLU A 372 -9.35 -21.64 9.12
CA GLU A 372 -9.38 -21.41 10.55
C GLU A 372 -8.40 -22.31 11.27
N LYS A 373 -7.66 -23.12 10.52
CA LYS A 373 -6.86 -24.18 11.15
C LYS A 373 -5.89 -23.69 12.22
N PHE A 374 -5.35 -22.48 12.06
CA PHE A 374 -4.45 -21.94 13.07
C PHE A 374 -5.17 -21.09 14.14
N HIS A 375 -6.48 -20.99 14.04
CA HIS A 375 -7.24 -20.29 15.07
C HIS A 375 -7.33 -21.20 16.29
N SER A 376 -7.02 -20.66 17.47
CA SER A 376 -7.04 -21.44 18.70
C SER A 376 -8.44 -21.95 19.02
N ALA A 377 -8.54 -22.94 19.91
CA ALA A 377 -9.83 -23.55 20.24
C ALA A 377 -9.87 -23.93 21.71
N MET A 378 -10.98 -24.50 22.18
CA MET A 378 -11.01 -24.97 23.56
C MET A 378 -10.22 -26.28 23.68
N LEU A 379 -10.31 -27.12 22.65
CA LEU A 379 -9.53 -28.36 22.57
C LEU A 379 -8.57 -28.26 21.40
N PRO A 380 -7.31 -27.92 21.66
CA PRO A 380 -6.34 -27.65 20.57
C PRO A 380 -5.99 -28.91 19.81
N LEU A 381 -5.32 -28.76 18.66
CA LEU A 381 -4.82 -29.93 17.95
C LEU A 381 -3.90 -30.75 18.83
N ALA A 382 -3.23 -30.09 19.77
CA ALA A 382 -2.35 -30.77 20.70
C ALA A 382 -3.12 -31.77 21.58
N GLY A 383 -4.43 -31.58 21.70
CA GLY A 383 -5.30 -32.51 22.38
C GLY A 383 -5.50 -32.24 23.85
N GLU A 384 -6.08 -33.21 24.54
CA GLU A 384 -6.39 -33.10 25.95
C GLU A 384 -5.19 -32.72 26.81
N HIS A 385 -4.01 -33.18 26.42
CA HIS A 385 -2.82 -32.86 27.20
C HIS A 385 -2.18 -31.61 26.63
N SER A 386 -2.73 -30.47 27.05
CA SER A 386 -2.32 -29.16 26.55
C SER A 386 -2.66 -28.10 27.59
N GLN A 387 -1.87 -27.02 27.61
CA GLN A 387 -2.07 -25.96 28.58
C GLN A 387 -3.42 -25.31 28.39
N ILE A 388 -3.82 -25.12 27.14
CA ILE A 388 -5.11 -24.46 26.92
C ILE A 388 -6.27 -25.28 27.49
N TYR A 389 -6.34 -26.57 27.15
CA TYR A 389 -7.41 -27.40 27.68
C TYR A 389 -7.42 -27.45 29.21
N ARG A 390 -6.25 -27.56 29.83
CA ARG A 390 -6.20 -27.52 31.28
C ARG A 390 -6.80 -26.21 31.79
N ASP A 391 -6.50 -25.11 31.09
CA ASP A 391 -7.00 -23.79 31.48
C ASP A 391 -8.51 -23.70 31.29
N VAL A 392 -8.98 -24.24 30.17
CA VAL A 392 -10.40 -24.32 29.89
C VAL A 392 -11.13 -25.04 31.02
N CYS A 393 -10.56 -26.15 31.47
CA CYS A 393 -11.14 -26.90 32.58
C CYS A 393 -11.19 -26.08 33.85
N ALA A 394 -10.11 -25.38 34.17
CA ALA A 394 -10.10 -24.56 35.39
C ALA A 394 -11.14 -23.45 35.29
N LEU A 395 -11.33 -22.93 34.08
CA LEU A 395 -12.30 -21.85 33.90
C LEU A 395 -13.71 -22.36 34.13
N GLY A 396 -14.06 -23.48 33.48
CA GLY A 396 -15.35 -24.13 33.66
C GLY A 396 -15.66 -24.45 35.12
N ALA A 397 -14.64 -24.87 35.84
CA ALA A 397 -14.79 -25.12 37.25
C ALA A 397 -15.09 -23.82 37.98
N ASP A 398 -14.40 -22.76 37.59
CA ASP A 398 -14.56 -21.47 38.27
C ASP A 398 -15.94 -20.85 38.01
N LEU A 399 -16.48 -21.07 36.82
CA LEU A 399 -17.78 -20.51 36.48
C LEU A 399 -18.87 -21.28 37.25
N ASP A 400 -18.71 -22.59 37.39
CA ASP A 400 -19.58 -23.34 38.25
C ASP A 400 -19.54 -22.79 39.68
N THR A 401 -18.34 -22.49 40.19
CA THR A 401 -18.22 -21.90 41.54
C THR A 401 -18.96 -20.57 41.64
N LEU A 402 -18.83 -19.74 40.62
CA LEU A 402 -19.44 -18.42 40.61
C LEU A 402 -20.95 -18.55 40.45
N SER A 403 -21.36 -19.59 39.70
CA SER A 403 -22.78 -19.90 39.59
C SER A 403 -23.37 -20.18 40.98
N ASP A 404 -22.75 -21.11 41.72
CA ASP A 404 -23.23 -21.46 43.06
C ASP A 404 -23.17 -20.27 44.05
N ALA A 405 -22.35 -19.26 43.78
CA ALA A 405 -22.23 -18.16 44.74
C ALA A 405 -23.32 -17.12 44.51
N GLY A 406 -24.12 -17.37 43.49
CA GLY A 406 -25.28 -16.53 43.20
C GLY A 406 -25.02 -15.26 42.42
N ILE A 407 -24.15 -15.32 41.41
CA ILE A 407 -23.82 -14.11 40.63
C ILE A 407 -24.83 -13.84 39.50
N LEU A 408 -25.52 -14.89 39.04
CA LEU A 408 -26.48 -14.77 37.94
C LEU A 408 -27.43 -13.59 38.12
N ARG A 409 -27.75 -12.94 37.00
CA ARG A 409 -28.70 -11.82 36.97
C ARG A 409 -28.30 -10.58 37.78
N SER A 410 -27.11 -10.58 38.38
CA SER A 410 -26.63 -9.36 39.06
C SER A 410 -26.28 -8.34 37.98
N LYS A 411 -26.38 -7.06 38.30
CA LYS A 411 -26.15 -6.03 37.29
C LYS A 411 -24.81 -5.31 37.45
N LEU A 412 -24.17 -4.97 36.32
CA LEU A 412 -22.95 -4.17 36.35
C LEU A 412 -23.33 -2.85 37.03
N SER A 413 -22.70 -2.57 38.15
CA SER A 413 -23.05 -1.40 38.94
C SER A 413 -22.98 -0.11 38.12
N LYS A 414 -23.64 0.93 38.62
CA LYS A 414 -23.71 2.17 37.90
C LYS A 414 -22.46 2.99 38.18
N ALA A 415 -21.74 3.34 37.11
CA ALA A 415 -20.50 4.09 37.27
C ALA A 415 -20.77 5.55 37.68
N ARG A 416 -19.73 6.23 38.15
CA ARG A 416 -19.84 7.65 38.45
C ARG A 416 -19.73 8.47 37.16
N VAL A 417 -19.20 7.87 36.11
CA VAL A 417 -19.03 8.59 34.85
C VAL A 417 -19.28 7.69 33.66
N ALA A 418 -20.05 8.19 32.70
CA ALA A 418 -20.35 7.49 31.46
C ALA A 418 -19.56 8.10 30.30
N ILE A 419 -19.06 7.25 29.42
CA ILE A 419 -18.30 7.70 28.27
C ILE A 419 -19.16 7.43 27.06
N VAL A 420 -19.50 8.49 26.31
CA VAL A 420 -20.45 8.31 25.20
C VAL A 420 -19.79 7.74 23.95
N GLN A 421 -20.37 6.67 23.41
CA GLN A 421 -19.89 6.06 22.18
C GLN A 421 -20.98 6.30 21.11
N ASP A 422 -20.60 6.46 19.85
CA ASP A 422 -21.59 6.79 18.83
C ASP A 422 -21.15 6.32 17.45
N ILE A 423 -21.78 5.24 16.99
CA ILE A 423 -21.45 4.67 15.70
C ILE A 423 -21.64 5.68 14.55
N GLN A 424 -22.67 6.52 14.64
CA GLN A 424 -22.92 7.49 13.58
C GLN A 424 -21.86 8.56 13.51
N SER A 425 -21.42 9.07 14.67
CA SER A 425 -20.32 10.01 14.68
C SER A 425 -19.09 9.34 14.06
N GLU A 426 -18.90 8.05 14.34
CA GLU A 426 -17.78 7.32 13.76
C GLU A 426 -17.93 7.32 12.25
N TRP A 427 -19.11 6.94 11.78
CA TRP A 427 -19.36 6.94 10.34
C TRP A 427 -18.97 8.28 9.70
N ALA A 428 -19.43 9.37 10.28
CA ALA A 428 -19.18 10.69 9.75
C ALA A 428 -17.69 11.03 9.76
N THR A 429 -16.96 10.55 10.75
CA THR A 429 -15.55 10.90 10.86
C THR A 429 -14.71 10.13 9.83
N GLU A 430 -15.34 9.17 9.17
CA GLU A 430 -14.65 8.26 8.25
C GLU A 430 -14.55 8.78 6.82
N HIS A 431 -15.09 9.96 6.58
CA HIS A 431 -15.05 10.54 5.25
C HIS A 431 -13.65 11.01 4.86
N THR A 432 -13.31 10.87 3.58
CA THR A 432 -11.94 11.10 3.13
C THR A 432 -11.58 12.59 2.94
N ALA A 433 -12.53 13.50 3.21
CA ALA A 433 -12.28 14.94 3.05
C ALA A 433 -12.41 15.77 4.33
N THR A 434 -12.23 15.11 5.48
CA THR A 434 -12.21 15.75 6.79
C THR A 434 -10.88 16.49 6.98
N PRO A 435 -10.74 17.25 8.08
CA PRO A 435 -9.45 17.89 8.30
C PRO A 435 -8.27 16.93 8.34
N THR A 436 -8.50 15.69 8.78
CA THR A 436 -7.44 14.68 8.76
C THR A 436 -7.96 13.25 8.86
N GLN A 437 -7.26 12.34 8.19
CA GLN A 437 -7.63 10.94 8.23
C GLN A 437 -7.16 10.21 9.51
N HIS A 438 -6.46 10.93 10.38
CA HIS A 438 -5.87 10.34 11.58
C HIS A 438 -6.77 10.57 12.79
N ILE A 439 -7.91 11.21 12.55
CA ILE A 439 -8.91 11.37 13.60
C ILE A 439 -10.16 10.59 13.22
N ARG A 440 -10.52 9.64 14.08
CA ARG A 440 -11.79 8.93 13.99
C ARG A 440 -12.42 9.03 15.35
N GLU A 441 -13.73 8.87 15.41
CA GLU A 441 -14.41 8.98 16.69
C GLU A 441 -13.98 7.86 17.64
N TRP A 442 -13.85 6.63 17.12
CA TRP A 442 -13.80 5.46 18.00
C TRP A 442 -12.66 5.41 19.02
N THR A 443 -11.52 6.00 18.69
CA THR A 443 -10.37 5.95 19.58
C THR A 443 -10.55 6.83 20.82
N GLU A 444 -11.34 7.89 20.72
CA GLU A 444 -11.40 8.87 21.83
C GLU A 444 -12.10 8.37 23.12
N PRO A 445 -13.30 7.75 22.98
CA PRO A 445 -13.89 7.15 24.19
C PRO A 445 -12.99 6.10 24.81
N LEU A 446 -12.40 5.24 23.97
CA LEU A 446 -11.46 4.22 24.41
C LEU A 446 -10.34 4.84 25.26
N ASP A 447 -9.75 5.92 24.74
CA ASP A 447 -8.73 6.64 25.48
C ASP A 447 -9.25 7.14 26.81
N TRP A 448 -10.45 7.69 26.82
CA TRP A 448 -11.00 8.20 28.07
C TRP A 448 -11.30 7.03 29.02
N PHE A 449 -11.75 5.90 28.48
CA PHE A 449 -11.98 4.74 29.34
C PHE A 449 -10.70 4.33 30.06
N ALA A 450 -9.60 4.21 29.32
CA ALA A 450 -8.33 3.85 29.90
C ALA A 450 -7.81 4.88 30.92
N ALA A 451 -8.00 6.18 30.61
CA ALA A 451 -7.46 7.21 31.49
C ALA A 451 -8.13 7.20 32.86
N PHE A 452 -9.45 7.03 32.86
CA PHE A 452 -10.17 6.97 34.13
C PHE A 452 -9.73 5.73 34.89
N ALA A 453 -9.58 4.61 34.17
CA ALA A 453 -9.07 3.41 34.81
C ALA A 453 -7.68 3.67 35.41
N ASN A 454 -6.88 4.50 34.76
CA ASN A 454 -5.57 4.82 35.32
C ASN A 454 -5.67 5.67 36.59
N ARG A 455 -6.84 6.26 36.82
CA ARG A 455 -7.06 7.05 38.04
C ARG A 455 -8.05 6.33 38.98
N GLY A 456 -8.30 5.05 38.68
CA GLY A 456 -9.03 4.18 39.57
C GLY A 456 -10.54 4.32 39.50
N VAL A 457 -11.02 4.67 38.31
CA VAL A 457 -12.43 4.88 38.07
C VAL A 457 -12.80 3.99 36.90
N THR A 458 -13.63 3.00 37.17
CA THR A 458 -14.19 2.20 36.09
C THR A 458 -15.38 2.96 35.55
N ALA A 459 -15.34 3.31 34.26
CA ALA A 459 -16.44 4.09 33.67
C ALA A 459 -17.42 3.17 32.99
N ASP A 460 -18.64 3.65 32.76
CA ASP A 460 -19.57 2.87 31.96
C ASP A 460 -19.51 3.41 30.56
N VAL A 461 -19.24 2.55 29.59
CA VAL A 461 -19.29 3.00 28.21
C VAL A 461 -20.75 2.91 27.77
N THR A 462 -21.32 4.04 27.38
CA THR A 462 -22.75 4.14 27.06
C THR A 462 -22.95 4.69 25.66
N PRO A 463 -23.73 3.97 24.83
CA PRO A 463 -24.11 4.45 23.49
C PRO A 463 -24.91 5.74 23.60
N ILE A 464 -24.93 6.56 22.55
CA ILE A 464 -25.45 7.92 22.68
C ILE A 464 -26.93 7.97 23.11
N HIS A 465 -27.69 6.93 22.77
CA HIS A 465 -29.10 6.88 23.13
C HIS A 465 -29.39 6.23 24.50
N ALA A 466 -28.36 5.76 25.18
CA ALA A 466 -28.54 5.28 26.56
C ALA A 466 -28.64 6.49 27.48
N GLN A 467 -28.81 6.23 28.77
CA GLN A 467 -29.09 7.29 29.73
C GLN A 467 -27.84 7.87 30.36
N TRP A 468 -26.90 8.32 29.56
CA TRP A 468 -25.69 8.92 30.12
C TRP A 468 -26.04 10.21 30.89
N ASP A 469 -27.24 10.76 30.66
CA ASP A 469 -27.63 12.01 31.30
C ASP A 469 -28.22 11.82 32.71
N THR A 470 -28.07 10.61 33.26
CA THR A 470 -28.42 10.36 34.65
C THR A 470 -27.17 10.15 35.51
N TYR A 471 -26.00 10.24 34.89
CA TYR A 471 -24.76 9.93 35.60
C TYR A 471 -24.21 11.18 36.26
N ASP A 472 -23.28 11.03 37.22
CA ASP A 472 -22.71 12.23 37.82
C ASP A 472 -21.91 13.01 36.78
N ALA A 473 -21.20 12.29 35.93
CA ALA A 473 -20.39 12.93 34.89
C ALA A 473 -20.49 12.21 33.56
N VAL A 474 -20.25 12.93 32.48
CA VAL A 474 -20.25 12.33 31.15
C VAL A 474 -19.06 12.79 30.34
N VAL A 475 -18.52 11.88 29.55
CA VAL A 475 -17.50 12.24 28.59
C VAL A 475 -18.11 12.30 27.19
N ILE A 476 -17.91 13.43 26.54
CA ILE A 476 -18.35 13.64 25.17
C ILE A 476 -17.10 13.69 24.31
N PRO A 477 -16.70 12.52 23.81
CA PRO A 477 -15.44 12.28 23.09
C PRO A 477 -15.65 12.20 21.59
N CYS A 478 -15.28 13.27 20.89
CA CYS A 478 -15.40 13.28 19.43
C CYS A 478 -16.82 12.91 18.99
N VAL A 479 -17.83 13.39 19.71
CA VAL A 479 -19.21 13.20 19.25
C VAL A 479 -19.50 14.23 18.17
N TYR A 480 -19.05 13.88 16.98
CA TYR A 480 -19.08 14.73 15.81
C TYR A 480 -20.48 15.24 15.47
N LEU A 481 -21.46 14.36 15.63
CA LEU A 481 -22.84 14.67 15.31
C LEU A 481 -23.60 15.10 16.55
N PHE A 482 -24.08 16.35 16.53
CA PHE A 482 -24.97 16.87 17.58
C PHE A 482 -26.27 17.42 16.95
N SER A 483 -27.38 16.72 17.23
CA SER A 483 -28.73 17.17 16.90
C SER A 483 -29.17 18.21 17.92
N GLU A 484 -30.31 18.86 17.67
CA GLU A 484 -30.79 19.85 18.63
C GLU A 484 -31.25 19.14 19.92
N GLU A 485 -31.79 17.94 19.76
CA GLU A 485 -32.25 17.16 20.91
C GLU A 485 -31.05 16.71 21.69
N MET A 486 -29.98 16.38 20.98
CA MET A 486 -28.76 15.98 21.66
C MET A 486 -28.18 17.16 22.44
N ALA A 487 -28.20 18.32 21.83
CA ALA A 487 -27.73 19.53 22.49
C ALA A 487 -28.55 19.89 23.74
N GLU A 488 -29.86 19.62 23.71
CA GLU A 488 -30.67 19.98 24.87
C GLU A 488 -30.39 19.05 26.04
N ARG A 489 -30.34 17.75 25.77
CA ARG A 489 -30.01 16.77 26.82
C ARG A 489 -28.71 17.17 27.52
N LEU A 490 -27.69 17.51 26.74
CA LEU A 490 -26.44 17.90 27.36
C LEU A 490 -26.61 19.16 28.16
N ARG A 491 -27.36 20.12 27.61
CA ARG A 491 -27.55 21.41 28.28
C ARG A 491 -28.31 21.21 29.61
N THR A 492 -29.36 20.41 29.55
CA THR A 492 -30.18 20.11 30.73
C THR A 492 -29.36 19.36 31.78
N PHE A 493 -28.58 18.39 31.31
CA PHE A 493 -27.72 17.63 32.18
C PHE A 493 -26.77 18.52 32.97
N VAL A 494 -26.10 19.42 32.26
CA VAL A 494 -25.09 20.25 32.92
C VAL A 494 -25.75 21.29 33.81
N ARG A 495 -26.86 21.87 33.35
CA ARG A 495 -27.55 22.90 34.11
C ARG A 495 -27.97 22.36 35.48
N ASN A 496 -28.38 21.09 35.50
CA ASN A 496 -28.90 20.46 36.71
C ASN A 496 -27.85 19.76 37.56
N GLY A 497 -26.58 20.16 37.40
CA GLY A 497 -25.49 19.70 38.25
C GLY A 497 -24.54 18.67 37.64
N GLY A 498 -24.87 18.18 36.45
CA GLY A 498 -23.98 17.25 35.77
C GLY A 498 -22.61 17.88 35.42
N LYS A 499 -21.59 17.03 35.42
CA LYS A 499 -20.24 17.41 35.02
C LYS A 499 -19.93 16.80 33.66
N ALA A 500 -19.44 17.61 32.72
CA ALA A 500 -19.17 17.07 31.39
C ALA A 500 -17.71 17.25 31.01
N PHE A 501 -17.19 16.25 30.30
CA PHE A 501 -15.89 16.34 29.66
C PHE A 501 -16.14 16.35 28.15
N VAL A 502 -15.81 17.47 27.50
CA VAL A 502 -16.08 17.61 26.07
C VAL A 502 -14.81 17.88 25.29
N THR A 503 -14.62 17.14 24.21
CA THR A 503 -13.38 17.18 23.45
C THR A 503 -13.54 17.78 22.07
N TYR A 504 -12.40 18.09 21.47
CA TYR A 504 -12.30 18.39 20.05
C TYR A 504 -13.15 17.40 19.21
N TYR A 505 -13.57 17.81 18.02
CA TYR A 505 -14.35 16.96 17.11
C TYR A 505 -15.73 16.60 17.66
N SER A 506 -16.23 17.41 18.60
CA SER A 506 -17.58 17.26 19.09
C SER A 506 -18.45 18.41 18.59
N ALA A 507 -19.71 18.06 18.24
CA ALA A 507 -20.72 19.05 17.86
C ALA A 507 -20.31 19.85 16.64
N LEU A 508 -19.82 19.15 15.64
CA LEU A 508 -19.35 19.77 14.41
C LEU A 508 -20.49 19.91 13.41
N ALA A 509 -21.38 18.92 13.37
CA ALA A 509 -22.41 18.89 12.35
C ALA A 509 -23.71 18.38 12.98
N ASP A 510 -24.81 18.49 12.25
CA ASP A 510 -26.06 17.94 12.74
C ASP A 510 -26.17 16.49 12.30
N GLU A 511 -27.32 15.88 12.53
CA GLU A 511 -27.52 14.47 12.25
C GLU A 511 -27.38 14.10 10.76
N HIS A 512 -27.30 15.11 9.90
CA HIS A 512 -27.18 14.86 8.46
C HIS A 512 -25.79 15.21 7.94
N ASP A 513 -24.84 15.40 8.86
CA ASP A 513 -23.46 15.79 8.54
C ASP A 513 -23.38 17.16 7.86
N ARG A 514 -24.30 18.05 8.24
CA ARG A 514 -24.25 19.44 7.82
C ARG A 514 -23.58 20.25 8.91
N LEU A 515 -22.43 20.80 8.59
CA LEU A 515 -21.61 21.49 9.58
C LEU A 515 -22.39 22.63 10.23
N HIS A 516 -22.30 22.75 11.55
CA HIS A 516 -22.92 23.84 12.29
C HIS A 516 -22.22 25.16 11.97
N THR A 517 -22.95 26.26 12.07
CA THR A 517 -22.42 27.57 11.67
C THR A 517 -22.16 28.49 12.86
N GLU A 518 -21.58 29.65 12.58
CA GLU A 518 -21.30 30.69 13.59
C GLU A 518 -20.20 30.32 14.59
N GLY A 519 -19.71 29.08 14.50
CA GLY A 519 -18.61 28.63 15.35
C GLY A 519 -18.82 27.25 15.98
N TRP A 520 -17.70 26.63 16.36
CA TRP A 520 -17.69 25.29 16.96
C TRP A 520 -17.24 25.39 18.41
N PRO A 521 -17.73 24.49 19.30
CA PRO A 521 -18.74 23.43 19.08
C PRO A 521 -20.10 24.00 18.77
N GLY A 522 -20.82 23.33 17.87
CA GLY A 522 -22.11 23.81 17.45
C GLY A 522 -23.18 23.55 18.48
N LEU A 523 -24.15 24.47 18.55
CA LEU A 523 -25.32 24.37 19.45
C LEU A 523 -24.98 24.56 20.93
N ILE A 524 -23.88 23.98 21.40
CA ILE A 524 -23.62 23.91 22.84
C ILE A 524 -22.55 24.89 23.28
N GLY A 525 -22.28 25.89 22.46
CA GLY A 525 -21.22 26.82 22.76
C GLY A 525 -21.49 27.59 24.05
N ASP A 526 -22.77 27.78 24.36
CA ASP A 526 -23.17 28.46 25.59
C ASP A 526 -22.79 27.65 26.82
N VAL A 527 -22.96 26.33 26.68
CA VAL A 527 -22.62 25.39 27.74
C VAL A 527 -21.12 25.24 27.89
N VAL A 528 -20.45 25.09 26.76
CA VAL A 528 -19.02 24.77 26.77
C VAL A 528 -18.17 26.00 27.07
N GLY A 529 -18.52 27.15 26.51
CA GLY A 529 -17.83 28.38 26.86
C GLY A 529 -16.60 28.61 26.01
N VAL A 530 -16.65 28.10 24.79
CA VAL A 530 -15.50 28.09 23.91
C VAL A 530 -15.97 28.27 22.46
N ARG A 531 -15.24 29.04 21.67
CA ARG A 531 -15.55 29.23 20.25
C ARG A 531 -14.37 28.88 19.35
N ILE A 532 -14.62 28.01 18.37
CA ILE A 532 -13.59 27.54 17.45
C ILE A 532 -13.99 27.84 16.00
N GLU A 533 -13.10 28.46 15.26
CA GLU A 533 -13.39 28.79 13.86
C GLU A 533 -12.82 27.75 12.89
N GLU A 534 -11.71 27.14 13.26
CA GLU A 534 -11.12 26.08 12.44
C GLU A 534 -10.20 25.15 13.24
N HIS A 535 -9.78 24.06 12.60
CA HIS A 535 -8.88 23.12 13.24
C HIS A 535 -7.44 23.29 12.81
N CYS A 536 -6.55 22.76 13.64
CA CYS A 536 -5.14 22.72 13.37
C CYS A 536 -4.66 21.28 13.34
N PRO A 537 -4.88 20.60 12.19
CA PRO A 537 -4.38 19.22 12.05
C PRO A 537 -2.86 19.14 12.11
N LEU A 538 -2.36 17.99 12.57
CA LEU A 538 -0.95 17.81 12.86
C LEU A 538 -0.44 16.52 12.25
N GLY A 539 0.83 16.51 11.83
CA GLY A 539 1.39 15.32 11.23
C GLY A 539 2.76 15.52 10.59
N THR A 540 3.19 14.49 9.86
CA THR A 540 4.50 14.48 9.26
C THR A 540 4.38 14.16 7.76
N LEU A 541 3.25 14.52 7.16
CA LEU A 541 3.06 14.26 5.74
C LEU A 541 4.13 14.96 4.86
N PHE A 542 4.50 16.19 5.22
CA PHE A 542 5.54 16.91 4.48
C PHE A 542 6.63 17.38 5.44
N PRO A 543 7.85 17.57 4.94
CA PRO A 543 8.94 18.04 5.81
C PRO A 543 8.59 19.37 6.48
N GLY A 544 8.91 19.50 7.76
CA GLY A 544 8.69 20.76 8.45
C GLY A 544 7.23 20.99 8.83
N MET A 545 6.37 20.05 8.50
CA MET A 545 4.97 20.15 8.87
C MET A 545 4.89 20.21 10.39
N LEU A 546 3.91 20.94 10.90
CA LEU A 546 3.66 20.97 12.34
C LEU A 546 3.10 19.63 12.80
N ASP A 547 3.85 18.87 13.60
CA ASP A 547 3.45 17.49 13.92
C ASP A 547 2.92 17.25 15.35
N HIS A 548 3.04 18.26 16.21
CA HIS A 548 2.56 18.12 17.59
C HIS A 548 2.50 19.49 18.23
N LEU A 549 1.74 19.58 19.32
CA LEU A 549 1.69 20.77 20.16
C LEU A 549 1.87 20.39 21.63
N ASP A 550 2.92 20.89 22.25
CA ASP A 550 3.09 20.73 23.69
C ASP A 550 1.96 21.45 24.42
N VAL A 551 1.53 20.87 25.54
CA VAL A 551 0.53 21.51 26.40
C VAL A 551 1.23 21.90 27.69
N SER A 552 0.80 23.00 28.29
CA SER A 552 1.53 23.59 29.42
C SER A 552 1.56 22.76 30.69
N ASN A 553 0.85 21.64 30.72
CA ASN A 553 0.80 20.77 31.90
C ASN A 553 1.70 19.56 31.72
N GLY A 554 2.46 19.58 30.64
CA GLY A 554 3.45 18.53 30.36
C GLY A 554 3.00 17.50 29.35
N THR A 555 1.79 17.63 28.84
CA THR A 555 1.26 16.65 27.89
C THR A 555 1.49 17.14 26.47
N VAL A 556 1.26 16.26 25.50
CA VAL A 556 1.43 16.61 24.10
C VAL A 556 0.20 16.23 23.29
N VAL A 557 -0.25 17.14 22.42
CA VAL A 557 -1.37 16.85 21.54
C VAL A 557 -0.83 16.37 20.18
N HIS A 558 -1.48 15.36 19.61
CA HIS A 558 -1.12 14.85 18.29
C HIS A 558 -2.32 14.86 17.36
N ASP A 559 -2.06 14.74 16.07
CA ASP A 559 -3.09 14.56 15.04
C ASP A 559 -3.96 15.77 14.79
N LEU A 560 -4.50 16.36 15.86
CA LEU A 560 -5.40 17.52 15.72
C LEU A 560 -5.63 18.33 16.98
N ALA A 561 -5.61 19.64 16.85
CA ALA A 561 -5.99 20.53 17.93
C ALA A 561 -7.01 21.47 17.38
N ASP A 562 -7.92 21.93 18.24
CA ASP A 562 -8.80 23.05 17.89
C ASP A 562 -8.03 24.34 18.00
N VAL A 563 -8.41 25.28 17.13
CA VAL A 563 -7.98 26.67 17.30
C VAL A 563 -9.10 27.41 18.07
N ILE A 564 -8.89 27.62 19.36
CA ILE A 564 -9.89 28.33 20.14
C ILE A 564 -9.65 29.80 19.97
N ASP A 565 -10.61 30.50 19.36
CA ASP A 565 -10.45 31.91 19.09
C ASP A 565 -10.79 32.74 20.30
N ALA A 566 -11.81 32.32 21.03
CA ALA A 566 -12.29 33.09 22.16
C ALA A 566 -13.03 32.20 23.15
N ILE A 567 -13.01 32.62 24.41
CA ILE A 567 -13.71 31.93 25.49
C ILE A 567 -14.67 32.89 26.21
N ALA A 568 -15.65 32.33 26.92
CA ALA A 568 -16.58 33.14 27.71
C ALA A 568 -15.85 33.80 28.92
N ASP A 569 -16.46 34.82 29.51
CA ASP A 569 -15.81 35.59 30.59
C ASP A 569 -15.68 34.76 31.87
N ASP A 570 -16.57 33.76 32.02
CA ASP A 570 -16.50 32.86 33.18
C ASP A 570 -15.83 31.52 32.85
N THR A 571 -15.24 31.42 31.66
CA THR A 571 -14.45 30.24 31.29
C THR A 571 -13.04 30.39 31.85
N THR A 572 -12.54 29.35 32.50
CA THR A 572 -11.20 29.39 33.07
C THR A 572 -10.28 28.50 32.22
N VAL A 573 -9.12 29.03 31.86
CA VAL A 573 -8.15 28.27 31.07
C VAL A 573 -7.25 27.52 32.03
N LEU A 574 -7.20 26.20 31.90
CA LEU A 574 -6.38 25.37 32.77
C LEU A 574 -4.99 25.14 32.22
N ALA A 575 -4.90 25.02 30.90
CA ALA A 575 -3.64 24.78 30.24
C ALA A 575 -3.65 25.37 28.84
N THR A 576 -2.49 25.81 28.39
CA THR A 576 -2.39 26.39 27.05
C THR A 576 -1.44 25.57 26.17
N PHE A 577 -1.47 25.85 24.87
CA PHE A 577 -0.53 25.21 23.97
C PHE A 577 0.81 25.94 24.04
N GLU A 578 1.89 25.22 23.83
CA GLU A 578 3.21 25.83 23.73
C GLU A 578 3.79 25.45 22.39
N ALA A 579 4.04 26.47 21.56
CA ALA A 579 4.53 26.24 20.22
C ALA A 579 5.31 27.42 19.66
N ASP A 580 5.92 27.20 18.49
CA ASP A 580 6.53 28.25 17.71
C ASP A 580 5.47 29.32 17.53
N PRO A 581 5.82 30.58 17.87
CA PRO A 581 4.83 31.67 17.79
C PRO A 581 4.24 31.75 16.39
N ALA A 582 5.05 31.43 15.39
CA ALA A 582 4.62 31.46 14.00
C ALA A 582 3.40 30.62 13.69
N THR A 583 3.12 29.62 14.53
CA THR A 583 2.04 28.68 14.25
C THR A 583 0.69 29.29 14.56
N GLY A 584 0.71 30.36 15.36
CA GLY A 584 -0.51 30.98 15.83
C GLY A 584 -1.22 30.22 16.94
N MET A 585 -0.51 29.26 17.53
CA MET A 585 -1.09 28.41 18.56
C MET A 585 -0.45 28.62 19.93
N ASP A 586 0.60 29.42 19.96
CA ASP A 586 1.32 29.63 21.21
C ASP A 586 0.51 30.44 22.21
N GLY A 587 0.21 29.83 23.35
CA GLY A 587 -0.53 30.49 24.42
C GLY A 587 -2.03 30.35 24.28
N ARG A 588 -2.46 29.65 23.24
CA ARG A 588 -3.87 29.41 22.98
C ARG A 588 -4.46 28.31 23.91
N ALA A 589 -5.75 28.41 24.21
CA ALA A 589 -6.35 27.51 25.18
C ALA A 589 -6.37 26.05 24.73
N ALA A 590 -5.93 25.14 25.60
CA ALA A 590 -5.89 23.71 25.28
C ALA A 590 -6.88 22.90 26.13
N ILE A 591 -6.98 23.26 27.39
CA ILE A 591 -7.95 22.66 28.30
C ILE A 591 -8.61 23.80 29.08
N THR A 592 -9.94 23.85 29.03
CA THR A 592 -10.68 24.90 29.72
C THR A 592 -11.75 24.28 30.61
N VAL A 593 -12.23 25.08 31.54
CA VAL A 593 -13.31 24.63 32.41
C VAL A 593 -14.35 25.74 32.55
N HIS A 594 -15.63 25.38 32.54
CA HIS A 594 -16.68 26.41 32.42
C HIS A 594 -17.91 26.01 33.22
N PRO A 595 -18.28 26.85 34.19
CA PRO A 595 -19.50 26.65 34.97
C PRO A 595 -20.70 27.00 34.11
N TYR A 596 -21.75 26.20 34.19
CA TYR A 596 -23.00 26.52 33.54
C TYR A 596 -24.15 26.17 34.48
N HIS A 597 -24.60 27.18 35.22
CA HIS A 597 -25.52 27.02 36.34
C HIS A 597 -24.88 26.09 37.38
N GLU A 598 -25.42 24.90 37.58
CA GLU A 598 -24.84 23.96 38.56
C GLU A 598 -23.74 22.99 38.07
N GLY A 599 -23.51 22.89 36.75
CA GLY A 599 -22.37 22.15 36.23
C GLY A 599 -21.29 23.17 35.91
N GLY A 600 -20.22 22.79 35.24
CA GLY A 600 -19.94 21.41 34.88
C GLY A 600 -19.32 21.10 33.53
N VAL A 601 -18.59 22.01 32.88
CA VAL A 601 -18.04 21.65 31.56
C VAL A 601 -16.55 21.94 31.33
N ALA A 602 -15.80 20.86 31.12
CA ALA A 602 -14.38 20.95 30.79
C ALA A 602 -14.22 20.68 29.31
N TYR A 603 -13.41 21.49 28.63
CA TYR A 603 -13.19 21.31 27.21
C TYR A 603 -11.76 20.92 26.91
N ILE A 604 -11.60 19.90 26.09
CA ILE A 604 -10.29 19.38 25.76
C ILE A 604 -10.02 19.54 24.26
N ALA A 605 -9.07 20.44 23.95
CA ALA A 605 -8.96 21.01 22.60
C ALA A 605 -8.01 20.30 21.63
N GLY A 606 -7.81 19.00 21.84
CA GLY A 606 -6.90 18.24 21.02
C GLY A 606 -6.84 16.83 21.55
N LYS A 607 -6.20 15.94 20.80
CA LYS A 607 -6.08 14.51 21.13
C LYS A 607 -4.88 14.25 22.02
N LEU A 608 -5.15 13.89 23.27
CA LEU A 608 -4.10 13.78 24.28
C LEU A 608 -3.65 12.34 24.42
N GLY A 609 -4.50 11.40 23.99
CA GLY A 609 -4.20 9.98 24.13
C GLY A 609 -4.37 9.53 25.57
N ARG A 610 -4.40 8.22 25.80
CA ARG A 610 -4.55 7.65 27.15
C ARG A 610 -3.65 8.35 28.20
N ASP A 611 -2.37 8.50 27.90
CA ASP A 611 -1.46 9.01 28.91
C ASP A 611 -1.65 10.49 29.11
N GLY A 612 -1.90 11.22 28.01
CA GLY A 612 -2.12 12.65 28.14
C GLY A 612 -3.35 12.98 28.95
N ILE A 613 -4.44 12.24 28.70
CA ILE A 613 -5.68 12.45 29.42
C ILE A 613 -5.48 12.10 30.88
N SER A 614 -4.91 10.92 31.11
CA SER A 614 -4.67 10.46 32.47
C SER A 614 -3.85 11.48 33.28
N GLN A 615 -2.91 12.15 32.62
CA GLN A 615 -2.06 13.17 33.27
C GLN A 615 -2.86 14.42 33.59
N SER A 616 -3.89 14.68 32.79
CA SER A 616 -4.64 15.92 32.89
C SER A 616 -5.81 15.80 33.85
N LEU A 617 -6.23 14.56 34.07
CA LEU A 617 -7.45 14.23 34.83
C LEU A 617 -7.51 14.83 36.26
N PRO A 618 -6.39 14.78 37.02
CA PRO A 618 -6.50 15.37 38.37
C PRO A 618 -6.83 16.87 38.37
N GLU A 619 -6.14 17.64 37.53
CA GLU A 619 -6.34 19.08 37.51
C GLU A 619 -7.73 19.44 36.97
N ILE A 620 -8.19 18.71 35.97
CA ILE A 620 -9.52 18.92 35.43
C ILE A 620 -10.58 18.53 36.44
N CYS A 621 -10.42 17.35 37.04
CA CYS A 621 -11.44 16.86 37.96
C CYS A 621 -11.54 17.73 39.21
N ALA A 622 -10.42 18.25 39.66
CA ALA A 622 -10.45 19.06 40.87
C ALA A 622 -11.24 20.32 40.60
N ALA A 623 -11.12 20.84 39.38
CA ALA A 623 -11.78 22.06 38.97
C ALA A 623 -13.27 21.87 38.71
N LEU A 624 -13.65 20.67 38.30
CA LEU A 624 -15.05 20.33 38.06
C LEU A 624 -15.72 19.88 39.35
N GLY A 625 -14.90 19.58 40.36
CA GLY A 625 -15.41 19.11 41.64
C GLY A 625 -15.78 17.62 41.61
N PHE A 626 -15.05 16.87 40.79
CA PHE A 626 -15.19 15.43 40.70
C PHE A 626 -14.08 14.81 41.55
N GLU A 627 -14.48 14.15 42.64
CA GLU A 627 -13.52 13.63 43.60
C GLU A 627 -12.77 12.43 43.02
N LEU A 628 -11.44 12.47 43.08
CA LEU A 628 -10.60 11.36 42.63
C LEU A 628 -9.80 10.81 43.80
N ASP A 629 -9.57 9.50 43.77
CA ASP A 629 -8.71 8.87 44.77
C ASP A 629 -7.31 9.43 44.61
N ALA A 630 -6.72 9.92 45.70
CA ALA A 630 -5.40 10.53 45.58
C ALA A 630 -4.30 9.49 45.60
N ASP A 631 -4.67 8.26 45.98
CA ASP A 631 -3.77 7.12 45.90
C ASP A 631 -3.20 7.03 44.49
N PRO A 632 -1.86 7.14 44.37
CA PRO A 632 -1.19 7.05 43.06
C PRO A 632 -1.18 5.62 42.52
N ARG A 633 -1.56 4.66 43.38
CA ARG A 633 -1.61 3.27 42.98
C ARG A 633 -3.00 2.91 42.45
N ALA A 634 -3.84 3.93 42.30
CA ALA A 634 -5.24 3.75 41.90
C ALA A 634 -5.40 3.02 40.59
N GLY A 635 -4.43 3.23 39.70
CA GLY A 635 -4.48 2.66 38.38
C GLY A 635 -4.01 1.23 38.32
N ASP A 636 -3.35 0.74 39.37
CA ASP A 636 -2.74 -0.59 39.35
C ASP A 636 -3.79 -1.64 39.03
N VAL A 637 -4.97 -1.53 39.62
CA VAL A 637 -5.96 -2.58 39.39
C VAL A 637 -7.36 -2.06 39.03
N LEU A 638 -7.97 -2.74 38.07
CA LEU A 638 -9.33 -2.43 37.62
C LEU A 638 -10.36 -3.18 38.50
N ARG A 639 -11.22 -2.40 39.15
CA ARG A 639 -12.29 -2.96 39.98
C ARG A 639 -13.60 -2.87 39.24
N VAL A 640 -14.16 -4.04 38.96
CA VAL A 640 -15.45 -4.15 38.29
C VAL A 640 -16.42 -4.85 39.25
N VAL A 641 -17.60 -4.26 39.43
CA VAL A 641 -18.55 -4.67 40.47
C VAL A 641 -19.93 -5.02 39.89
N ARG A 642 -20.40 -6.23 40.17
CA ARG A 642 -21.80 -6.57 39.85
C ARG A 642 -22.69 -6.56 41.11
N GLU A 643 -23.96 -6.18 40.96
CA GLU A 643 -24.81 -5.95 42.13
C GLU A 643 -26.09 -6.76 42.03
N GLN A 644 -26.51 -7.37 43.13
CA GLN A 644 -27.82 -8.02 43.21
C GLN A 644 -28.86 -7.14 43.88
N GLU A 645 -30.13 -7.46 43.66
CA GLU A 645 -31.24 -6.75 44.29
C GLU A 645 -31.20 -6.84 45.81
N ASP A 646 -30.88 -8.04 46.33
CA ASP A 646 -30.83 -8.29 47.77
C ASP A 646 -29.69 -7.59 48.53
N GLY A 647 -28.74 -7.00 47.80
CA GLY A 647 -27.61 -6.32 48.42
C GLY A 647 -26.29 -7.07 48.26
N ALA A 648 -26.34 -8.24 47.61
CA ALA A 648 -25.12 -8.98 47.32
C ALA A 648 -24.23 -8.20 46.33
N ILE A 649 -22.93 -8.20 46.60
CA ILE A 649 -21.97 -7.50 45.76
C ILE A 649 -20.86 -8.43 45.29
N PHE A 650 -20.59 -8.44 44.00
CA PHE A 650 -19.51 -9.23 43.44
C PHE A 650 -18.43 -8.33 42.85
N GLU A 651 -17.31 -8.20 43.57
CA GLU A 651 -16.24 -7.32 43.15
C GLU A 651 -15.12 -8.14 42.52
N PHE A 652 -14.82 -7.87 41.26
CA PHE A 652 -13.69 -8.49 40.56
C PHE A 652 -12.47 -7.58 40.55
N LEU A 653 -11.29 -8.15 40.72
CA LEU A 653 -10.07 -7.36 40.65
C LEU A 653 -9.16 -7.88 39.53
N PHE A 654 -8.71 -6.96 38.68
CA PHE A 654 -7.82 -7.29 37.56
C PHE A 654 -6.53 -6.44 37.60
N ASN A 655 -5.38 -7.10 37.48
CA ASN A 655 -4.10 -6.38 37.39
C ASN A 655 -4.04 -5.71 36.02
N ARG A 656 -3.79 -4.39 36.01
CA ARG A 656 -3.72 -3.63 34.75
C ARG A 656 -2.30 -3.48 34.19
N THR A 657 -1.31 -3.83 35.01
CA THR A 657 0.09 -3.54 34.74
C THR A 657 0.92 -4.77 34.40
N ARG A 658 2.20 -4.56 34.16
CA ARG A 658 3.10 -5.63 33.76
C ARG A 658 3.90 -6.16 34.96
N ASN A 659 3.51 -5.76 36.16
CA ASN A 659 4.19 -6.22 37.36
C ASN A 659 3.21 -6.71 38.43
N THR A 660 3.68 -7.59 39.32
CA THR A 660 2.82 -8.06 40.41
C THR A 660 2.48 -6.85 41.31
N VAL A 661 1.20 -6.68 41.61
CA VAL A 661 0.75 -5.57 42.46
C VAL A 661 0.09 -6.08 43.73
N THR A 662 -0.07 -5.17 44.68
CA THR A 662 -0.56 -5.48 46.01
C THR A 662 -1.69 -4.50 46.31
N ALA A 663 -2.80 -4.98 46.83
CA ALA A 663 -3.94 -4.10 47.10
C ALA A 663 -4.62 -4.39 48.43
N ASP A 664 -5.39 -3.43 48.95
CA ASP A 664 -6.19 -3.67 50.14
C ASP A 664 -7.23 -4.72 49.83
N ARG A 665 -7.35 -5.71 50.71
CA ARG A 665 -8.29 -6.80 50.51
C ARG A 665 -9.72 -6.26 50.55
N PRO A 666 -10.52 -6.61 49.55
CA PRO A 666 -11.95 -6.29 49.58
C PRO A 666 -12.57 -7.01 50.78
N ALA A 667 -13.73 -6.55 51.22
CA ALA A 667 -14.45 -7.30 52.25
C ALA A 667 -15.14 -8.50 51.58
N GLY A 668 -15.30 -9.60 52.30
CA GLY A 668 -16.10 -10.70 51.79
C GLY A 668 -15.38 -12.02 51.59
N ASP A 669 -15.99 -12.91 50.81
CA ASP A 669 -15.40 -14.23 50.56
C ASP A 669 -14.72 -14.29 49.21
N MET A 670 -13.48 -14.76 49.20
CA MET A 670 -12.79 -14.99 47.95
C MET A 670 -13.47 -16.17 47.22
N LEU A 671 -13.88 -15.96 45.98
CA LEU A 671 -14.59 -16.97 45.19
C LEU A 671 -13.70 -17.56 44.13
N ILE A 672 -12.97 -16.69 43.44
CA ILE A 672 -12.17 -17.07 42.30
C ILE A 672 -10.80 -16.42 42.42
N CYS A 673 -9.76 -17.13 41.98
CA CYS A 673 -8.43 -16.55 41.89
C CYS A 673 -7.63 -17.25 40.77
N SER A 674 -7.00 -16.42 39.94
CA SER A 674 -6.10 -16.91 38.91
C SER A 674 -4.89 -16.00 38.93
N LEU A 675 -3.70 -16.59 39.05
CA LEU A 675 -2.47 -15.80 39.10
C LEU A 675 -2.60 -14.69 40.14
N ALA A 676 -3.20 -15.04 41.26
CA ALA A 676 -3.44 -14.08 42.34
C ALA A 676 -3.51 -14.79 43.68
N THR A 677 -3.47 -13.99 44.73
CA THR A 677 -3.33 -14.51 46.07
C THR A 677 -4.17 -13.72 47.09
N ASP A 678 -4.87 -14.46 47.94
CA ASP A 678 -5.60 -13.84 49.05
C ASP A 678 -4.76 -13.94 50.30
N SER A 679 -4.75 -12.86 51.07
CA SER A 679 -4.10 -12.82 52.36
C SER A 679 -5.03 -12.05 53.28
N THR A 680 -4.66 -11.89 54.55
CA THR A 680 -5.60 -11.30 55.50
C THR A 680 -5.81 -9.80 55.30
N ASP A 681 -4.72 -9.05 55.21
CA ASP A 681 -4.77 -7.59 55.11
C ASP A 681 -4.65 -7.12 53.66
N LYS A 682 -3.82 -7.83 52.89
CA LYS A 682 -3.49 -7.42 51.53
C LYS A 682 -3.90 -8.47 50.51
N VAL A 683 -3.94 -8.05 49.26
CA VAL A 683 -4.29 -8.94 48.17
C VAL A 683 -3.12 -8.85 47.18
N THR A 684 -2.88 -9.91 46.43
CA THR A 684 -1.74 -9.92 45.52
C THR A 684 -2.20 -10.38 44.15
N LEU A 685 -1.90 -9.60 43.11
CA LEU A 685 -2.19 -10.03 41.73
C LEU A 685 -0.95 -9.97 40.88
N GLU A 686 -0.57 -11.13 40.34
CA GLU A 686 0.53 -11.20 39.40
C GLU A 686 0.07 -10.54 38.10
N PRO A 687 1.00 -10.33 37.15
CA PRO A 687 0.49 -9.78 35.89
C PRO A 687 -0.57 -10.70 35.32
N ASN A 688 -1.63 -10.12 34.75
CA ASN A 688 -2.76 -10.87 34.21
C ASN A 688 -3.56 -11.65 35.24
N GLY A 689 -3.41 -11.29 36.51
CA GLY A 689 -4.15 -11.98 37.56
C GLY A 689 -5.55 -11.42 37.76
N VAL A 690 -6.43 -12.24 38.30
CA VAL A 690 -7.81 -11.85 38.60
C VAL A 690 -8.30 -12.46 39.93
N LEU A 691 -9.01 -11.65 40.72
CA LEU A 691 -9.70 -12.09 41.94
C LEU A 691 -11.16 -11.71 41.88
N ALA A 692 -12.01 -12.51 42.50
CA ALA A 692 -13.41 -12.18 42.63
C ALA A 692 -13.84 -12.36 44.08
N PHE A 693 -14.55 -11.37 44.63
CA PHE A 693 -15.07 -11.48 45.99
C PHE A 693 -16.58 -11.30 46.04
N ARG A 694 -17.24 -12.01 46.96
CA ARG A 694 -18.64 -11.75 47.27
C ARG A 694 -18.72 -11.02 48.60
N ARG A 695 -19.47 -9.94 48.65
CA ARG A 695 -19.64 -9.17 49.88
C ARG A 695 -21.12 -8.77 50.03
N GLN B 6 11.24 -39.84 -12.68
CA GLN B 6 12.30 -40.76 -13.10
C GLN B 6 13.61 -40.04 -13.42
N HIS B 7 13.46 -38.80 -13.90
CA HIS B 7 14.51 -38.04 -14.61
C HIS B 7 14.62 -38.42 -16.08
N ARG B 8 15.75 -38.10 -16.68
CA ARG B 8 15.85 -38.07 -18.12
C ARG B 8 17.33 -37.96 -18.45
N ALA B 9 17.74 -38.61 -19.54
CA ALA B 9 19.16 -38.76 -19.83
C ALA B 9 19.83 -37.40 -20.02
N HIS B 10 20.92 -37.16 -19.30
CA HIS B 10 21.63 -35.89 -19.44
C HIS B 10 22.22 -35.76 -20.83
N ARG B 11 21.90 -34.65 -21.51
CA ARG B 11 22.47 -34.36 -22.81
C ARG B 11 22.93 -32.91 -22.91
N TRP B 12 24.24 -32.71 -22.95
CA TRP B 12 24.80 -31.38 -23.02
C TRP B 12 24.95 -30.90 -24.47
N PRO B 13 24.71 -29.60 -24.74
CA PRO B 13 24.90 -29.06 -26.09
C PRO B 13 26.35 -29.18 -26.54
N GLN B 14 26.53 -29.70 -27.75
CA GLN B 14 27.83 -30.15 -28.25
C GLN B 14 28.36 -29.15 -29.25
N PRO B 15 29.71 -29.10 -29.44
CA PRO B 15 30.36 -28.07 -30.26
C PRO B 15 29.87 -28.06 -31.71
N LEU B 16 30.16 -26.97 -32.40
CA LEU B 16 30.00 -26.95 -33.84
C LEU B 16 31.00 -27.97 -34.39
N PRO B 17 30.64 -28.65 -35.48
CA PRO B 17 31.54 -29.65 -36.09
C PRO B 17 32.95 -29.08 -36.31
N GLY B 18 33.96 -29.78 -35.80
CA GLY B 18 35.33 -29.32 -35.96
C GLY B 18 35.88 -28.61 -34.74
N ASN B 19 35.01 -28.31 -33.78
CA ASN B 19 35.41 -27.60 -32.58
C ASN B 19 35.64 -28.48 -31.34
N ASP B 20 36.57 -28.04 -30.51
CA ASP B 20 36.81 -28.67 -29.22
C ASP B 20 35.62 -28.33 -28.31
N ARG B 21 35.49 -29.06 -27.22
CA ARG B 21 34.49 -28.70 -26.23
C ARG B 21 34.95 -27.50 -25.40
N LYS B 22 34.12 -26.46 -25.36
CA LYS B 22 34.43 -25.23 -24.64
C LYS B 22 33.31 -24.95 -23.65
N ILE B 23 33.62 -24.22 -22.58
CA ILE B 23 32.58 -23.62 -21.75
C ILE B 23 31.81 -22.68 -22.66
N TRP B 24 30.50 -22.81 -22.69
CA TRP B 24 29.69 -21.91 -23.49
C TRP B 24 29.69 -20.53 -22.84
N PHE B 25 29.72 -19.50 -23.67
CA PHE B 25 29.70 -18.11 -23.23
C PHE B 25 28.91 -17.33 -24.25
N GLY B 26 27.78 -16.75 -23.85
CA GLY B 26 26.97 -16.01 -24.80
C GLY B 26 25.84 -15.22 -24.20
N ALA B 27 24.78 -14.98 -24.98
CA ALA B 27 23.66 -14.20 -24.53
C ALA B 27 22.53 -14.42 -25.50
N ASP B 28 21.32 -13.97 -25.19
CA ASP B 28 20.33 -13.96 -26.26
C ASP B 28 20.57 -12.74 -27.14
N TYR B 29 20.35 -12.91 -28.43
CA TYR B 29 20.62 -11.89 -29.43
C TYR B 29 19.31 -11.66 -30.15
N ASN B 30 19.04 -10.40 -30.51
CA ASN B 30 17.72 -10.01 -31.05
C ASN B 30 17.81 -9.32 -32.42
N PRO B 31 18.54 -9.92 -33.38
CA PRO B 31 18.81 -9.19 -34.63
C PRO B 31 17.57 -8.81 -35.43
N ASP B 32 16.44 -9.46 -35.17
CA ASP B 32 15.19 -9.11 -35.85
C ASP B 32 14.57 -7.85 -35.28
N GLN B 33 15.28 -7.20 -34.37
CA GLN B 33 14.86 -5.93 -33.78
C GLN B 33 15.91 -4.85 -34.05
N TRP B 34 16.89 -5.19 -34.89
CA TRP B 34 17.91 -4.26 -35.37
C TRP B 34 17.98 -4.34 -36.90
N PRO B 35 18.50 -3.28 -37.55
CA PRO B 35 18.77 -3.39 -39.00
C PRO B 35 19.85 -4.45 -39.25
N GLU B 36 19.86 -5.06 -40.43
CA GLU B 36 20.79 -6.17 -40.63
C GLU B 36 22.24 -5.72 -40.67
N ASP B 37 22.49 -4.45 -40.99
CA ASP B 37 23.87 -4.00 -41.17
C ASP B 37 24.67 -3.96 -39.87
N VAL B 38 23.99 -4.25 -38.76
CA VAL B 38 24.61 -4.20 -37.46
C VAL B 38 25.32 -5.52 -37.14
N GLN B 39 24.85 -6.58 -37.78
CA GLN B 39 25.25 -7.93 -37.41
C GLN B 39 26.75 -8.23 -37.52
N ASP B 40 27.41 -7.68 -38.54
CA ASP B 40 28.84 -7.97 -38.72
C ASP B 40 29.63 -7.37 -37.55
N GLU B 41 29.26 -6.16 -37.16
CA GLU B 41 29.89 -5.50 -36.01
C GLU B 41 29.61 -6.26 -34.72
N ASP B 42 28.35 -6.67 -34.53
CA ASP B 42 27.99 -7.49 -33.39
C ASP B 42 28.86 -8.74 -33.34
N ILE B 43 28.98 -9.40 -34.48
CA ILE B 43 29.76 -10.63 -34.54
C ILE B 43 31.25 -10.41 -34.28
N ARG B 44 31.81 -9.33 -34.84
CA ARG B 44 33.22 -9.03 -34.60
C ARG B 44 33.47 -8.86 -33.11
N LEU B 45 32.56 -8.12 -32.48
CA LEU B 45 32.64 -7.84 -31.05
C LEU B 45 32.38 -9.08 -30.21
N MET B 46 31.50 -9.96 -30.70
CA MET B 46 31.30 -11.24 -30.07
C MET B 46 32.60 -12.04 -30.10
N LYS B 47 33.26 -12.05 -31.26
CA LYS B 47 34.51 -12.83 -31.39
C LYS B 47 35.57 -12.28 -30.47
N GLN B 48 35.61 -10.96 -30.35
CA GLN B 48 36.61 -10.34 -29.48
C GLN B 48 36.33 -10.67 -28.01
N ALA B 49 35.06 -10.84 -27.68
CA ALA B 49 34.68 -11.08 -26.29
C ALA B 49 34.86 -12.55 -25.91
N GLY B 50 34.97 -13.42 -26.90
CA GLY B 50 35.18 -14.83 -26.64
C GLY B 50 33.84 -15.56 -26.57
N VAL B 51 32.81 -14.89 -27.08
CA VAL B 51 31.45 -15.44 -27.08
C VAL B 51 31.31 -16.52 -28.13
N ASN B 52 30.91 -17.72 -27.72
CA ASN B 52 30.85 -18.84 -28.65
C ASN B 52 29.45 -19.40 -28.87
N ILE B 53 28.44 -18.72 -28.34
CA ILE B 53 27.06 -19.15 -28.55
C ILE B 53 26.10 -17.97 -28.39
N VAL B 54 24.97 -18.02 -29.08
CA VAL B 54 23.88 -17.07 -28.85
C VAL B 54 22.56 -17.81 -28.87
N SER B 55 21.55 -17.21 -28.26
CA SER B 55 20.22 -17.78 -28.30
C SER B 55 19.37 -16.91 -29.20
N LEU B 56 18.70 -17.52 -30.19
CA LEU B 56 17.94 -16.74 -31.16
C LEU B 56 16.45 -17.06 -31.14
N ALA B 57 15.66 -16.08 -31.61
CA ALA B 57 14.25 -16.27 -31.93
C ALA B 57 13.30 -16.46 -30.73
N ILE B 58 13.76 -16.11 -29.53
CA ILE B 58 12.96 -16.35 -28.32
C ILE B 58 11.60 -15.68 -28.38
N PHE B 59 11.60 -14.44 -28.81
CA PHE B 59 10.38 -13.64 -28.88
C PHE B 59 10.03 -13.32 -30.32
N SER B 60 10.46 -14.18 -31.24
CA SER B 60 10.41 -13.87 -32.67
C SER B 60 9.21 -14.44 -33.42
N TRP B 61 8.28 -15.06 -32.70
CA TRP B 61 7.11 -15.67 -33.31
C TRP B 61 6.49 -14.78 -34.41
N ALA B 62 6.23 -13.53 -34.07
CA ALA B 62 5.56 -12.61 -34.99
C ALA B 62 6.37 -12.31 -36.26
N ASN B 63 7.67 -12.64 -36.23
CA ASN B 63 8.55 -12.44 -37.37
C ASN B 63 8.79 -13.71 -38.15
N ILE B 64 8.24 -14.81 -37.65
CA ILE B 64 8.34 -16.07 -38.36
C ILE B 64 6.97 -16.44 -38.92
N GLU B 65 5.98 -16.66 -38.06
CA GLU B 65 4.61 -16.83 -38.55
C GLU B 65 3.97 -15.44 -38.70
N THR B 66 4.36 -14.73 -39.75
CA THR B 66 3.98 -13.33 -39.97
C THR B 66 2.46 -13.12 -40.15
N SER B 67 1.78 -14.17 -40.57
CA SER B 67 0.32 -14.22 -40.67
C SER B 67 -0.05 -15.69 -40.53
N ASP B 68 -1.32 -15.97 -40.27
CA ASP B 68 -1.79 -17.33 -39.97
C ASP B 68 -1.37 -18.34 -41.05
N GLY B 69 -0.54 -19.29 -40.67
CA GLY B 69 -0.14 -20.35 -41.58
C GLY B 69 1.12 -20.04 -42.38
N ASN B 70 1.49 -18.77 -42.44
CA ASN B 70 2.63 -18.33 -43.27
C ASN B 70 3.92 -18.22 -42.46
N PHE B 71 4.87 -19.10 -42.75
CA PHE B 71 6.16 -19.14 -42.06
C PHE B 71 7.32 -18.70 -42.94
N GLU B 72 8.10 -17.74 -42.44
CA GLU B 72 9.27 -17.22 -43.14
C GLU B 72 10.52 -17.36 -42.31
N PHE B 73 11.64 -17.67 -42.96
CA PHE B 73 12.86 -17.99 -42.24
C PHE B 73 14.08 -17.27 -42.79
N ASP B 74 13.86 -16.42 -43.77
CA ASP B 74 14.94 -15.78 -44.50
C ASP B 74 15.89 -15.02 -43.58
N TRP B 75 15.32 -14.10 -42.78
CA TRP B 75 16.11 -13.29 -41.88
C TRP B 75 16.88 -14.15 -40.87
N LEU B 76 16.21 -15.18 -40.36
CA LEU B 76 16.78 -16.01 -39.31
C LEU B 76 17.87 -16.91 -39.88
N ASP B 77 17.64 -17.37 -41.12
CA ASP B 77 18.63 -18.17 -41.83
C ASP B 77 19.90 -17.38 -42.13
N ARG B 78 19.71 -16.12 -42.56
CA ARG B 78 20.83 -15.23 -42.89
C ARG B 78 21.77 -14.97 -41.71
N VAL B 79 21.19 -14.64 -40.56
CA VAL B 79 21.98 -14.29 -39.38
C VAL B 79 22.66 -15.54 -38.78
N ILE B 80 21.99 -16.69 -38.86
CA ILE B 80 22.57 -17.93 -38.39
C ILE B 80 23.80 -18.27 -39.23
N ASP B 81 23.68 -18.02 -40.54
CA ASP B 81 24.77 -18.24 -41.48
C ASP B 81 26.03 -17.46 -41.10
N LYS B 82 25.87 -16.17 -40.85
CA LYS B 82 26.98 -15.31 -40.39
C LYS B 82 27.59 -15.82 -39.08
N LEU B 83 26.72 -16.24 -38.17
CA LEU B 83 27.14 -16.70 -36.86
C LEU B 83 27.89 -18.01 -36.98
N TYR B 84 27.36 -18.90 -37.82
CA TYR B 84 27.99 -20.20 -38.01
C TYR B 84 29.39 -20.04 -38.59
N LYS B 85 29.51 -19.21 -39.62
CA LYS B 85 30.79 -19.01 -40.27
C LYS B 85 31.83 -18.38 -39.35
N ALA B 86 31.36 -17.60 -38.39
CA ALA B 86 32.24 -16.95 -37.41
C ALA B 86 32.57 -17.89 -36.24
N GLY B 87 31.92 -19.06 -36.21
CA GLY B 87 32.23 -20.10 -35.23
C GLY B 87 31.38 -20.02 -33.99
N ILE B 88 30.25 -19.34 -34.12
CA ILE B 88 29.34 -19.08 -33.01
C ILE B 88 28.11 -19.98 -33.12
N ALA B 89 27.88 -20.81 -32.09
CA ALA B 89 26.76 -21.76 -32.12
C ALA B 89 25.43 -21.05 -31.88
N VAL B 90 24.34 -21.74 -32.13
CA VAL B 90 23.03 -21.19 -31.92
C VAL B 90 22.25 -22.09 -30.97
N ASP B 91 21.76 -21.48 -29.89
CA ASP B 91 20.77 -22.08 -29.01
C ASP B 91 19.43 -21.59 -29.55
N LEU B 92 18.73 -22.46 -30.28
CA LEU B 92 17.50 -22.03 -30.96
C LEU B 92 16.29 -22.15 -30.06
N ALA B 93 15.43 -21.14 -30.11
CA ALA B 93 14.19 -21.19 -29.34
C ALA B 93 13.05 -21.77 -30.17
N SER B 94 12.02 -22.22 -29.49
CA SER B 94 10.82 -22.70 -30.16
C SER B 94 10.06 -21.51 -30.71
N ALA B 95 10.35 -20.33 -30.15
CA ALA B 95 9.72 -19.06 -30.53
C ALA B 95 8.25 -18.98 -30.14
N THR B 96 7.86 -19.76 -29.14
CA THR B 96 6.47 -19.85 -28.73
C THR B 96 6.17 -18.96 -27.53
N ALA B 97 7.18 -18.27 -27.03
CA ALA B 97 7.00 -17.47 -25.82
C ALA B 97 6.05 -16.30 -26.05
N SER B 98 6.07 -15.75 -27.24
CA SER B 98 5.39 -14.50 -27.48
C SER B 98 4.58 -14.48 -28.76
N PRO B 99 3.30 -14.88 -28.67
CA PRO B 99 2.43 -14.98 -29.85
C PRO B 99 2.19 -13.63 -30.51
N PRO B 100 2.02 -13.64 -31.84
CA PRO B 100 1.83 -12.40 -32.60
C PRO B 100 0.46 -11.81 -32.36
N MET B 101 0.28 -10.53 -32.65
CA MET B 101 -0.99 -9.88 -32.43
C MET B 101 -2.12 -10.41 -33.28
N TRP B 102 -1.81 -10.88 -34.49
CA TRP B 102 -2.87 -11.43 -35.35
C TRP B 102 -3.51 -12.66 -34.72
N LEU B 103 -2.74 -13.37 -33.91
CA LEU B 103 -3.22 -14.57 -33.22
C LEU B 103 -4.17 -14.21 -32.06
N THR B 104 -3.80 -13.19 -31.28
CA THR B 104 -4.58 -12.77 -30.12
C THR B 104 -5.88 -12.04 -30.54
N SER B 105 -5.83 -11.36 -31.70
CA SER B 105 -6.98 -10.61 -32.23
C SER B 105 -8.01 -11.56 -32.86
N ALA B 106 -7.51 -12.60 -33.52
CA ALA B 106 -8.34 -13.60 -34.17
C ALA B 106 -8.87 -14.59 -33.15
N HIS B 107 -8.11 -14.75 -32.07
CA HIS B 107 -8.46 -15.72 -31.04
C HIS B 107 -8.19 -15.16 -29.65
N PRO B 108 -9.03 -14.23 -29.16
CA PRO B 108 -8.81 -13.70 -27.81
C PRO B 108 -9.09 -14.74 -26.71
N GLU B 109 -9.57 -15.92 -27.09
CA GLU B 109 -9.84 -16.99 -26.13
C GLU B 109 -8.53 -17.67 -25.69
N VAL B 110 -7.41 -17.20 -26.22
CA VAL B 110 -6.11 -17.68 -25.78
C VAL B 110 -5.54 -16.75 -24.70
N LEU B 111 -6.18 -15.60 -24.49
CA LEU B 111 -5.73 -14.62 -23.51
C LEU B 111 -6.05 -15.05 -22.09
N ARG B 112 -5.14 -14.77 -21.18
CA ARG B 112 -5.29 -15.08 -19.76
C ARG B 112 -6.39 -14.24 -19.10
N ARG B 113 -6.98 -14.76 -18.02
CA ARG B 113 -7.94 -14.01 -17.21
C ARG B 113 -7.39 -13.89 -15.80
N ASP B 114 -7.62 -12.75 -15.16
CA ASP B 114 -7.18 -12.56 -13.78
C ASP B 114 -8.28 -13.04 -12.81
N GLU B 115 -8.05 -12.80 -11.52
CA GLU B 115 -8.94 -13.31 -10.48
C GLU B 115 -10.40 -12.84 -10.61
N GLN B 116 -10.62 -11.73 -11.30
CA GLN B 116 -11.97 -11.18 -11.48
C GLN B 116 -12.52 -11.24 -12.89
N GLY B 117 -11.78 -11.84 -13.82
CA GLY B 117 -12.27 -12.05 -15.16
C GLY B 117 -11.84 -11.02 -16.18
N HIS B 118 -10.92 -10.15 -15.76
CA HIS B 118 -10.34 -9.18 -16.67
C HIS B 118 -9.39 -9.85 -17.64
N VAL B 119 -9.62 -9.61 -18.92
CA VAL B 119 -8.75 -10.14 -19.95
C VAL B 119 -7.41 -9.41 -19.94
N ILE B 120 -6.32 -10.18 -19.89
CA ILE B 120 -4.97 -9.62 -19.98
C ILE B 120 -4.71 -9.11 -21.41
N TRP B 121 -4.35 -7.84 -21.54
CA TRP B 121 -4.16 -7.27 -22.88
C TRP B 121 -2.83 -7.75 -23.46
N PRO B 122 -2.80 -8.04 -24.77
CA PRO B 122 -1.55 -8.44 -25.42
C PRO B 122 -0.55 -7.29 -25.36
N GLY B 123 0.73 -7.59 -25.41
CA GLY B 123 1.71 -6.54 -25.17
C GLY B 123 2.28 -6.71 -23.78
N ALA B 124 1.46 -7.30 -22.90
CA ALA B 124 1.90 -7.81 -21.60
C ALA B 124 2.62 -9.13 -21.85
N ARG B 125 3.54 -9.50 -20.96
CA ARG B 125 4.28 -10.75 -21.14
C ARG B 125 3.47 -11.97 -20.75
N GLN B 126 3.57 -13.01 -21.57
CA GLN B 126 2.87 -14.27 -21.33
C GLN B 126 1.38 -14.06 -21.07
N HIS B 127 0.71 -13.45 -22.05
CA HIS B 127 -0.70 -13.18 -21.91
C HIS B 127 -1.55 -14.35 -22.38
N TRP B 128 -0.93 -15.53 -22.46
CA TRP B 128 -1.65 -16.70 -22.95
C TRP B 128 -1.92 -17.70 -21.86
N ARG B 129 -3.06 -18.38 -21.99
CA ARG B 129 -3.48 -19.42 -21.06
C ARG B 129 -2.70 -20.68 -21.33
N PRO B 130 -1.99 -21.19 -20.31
CA PRO B 130 -1.28 -22.47 -20.43
C PRO B 130 -2.19 -23.66 -20.76
N THR B 131 -3.50 -23.54 -20.50
CA THR B 131 -4.41 -24.66 -20.77
C THR B 131 -5.31 -24.44 -21.98
N SER B 132 -5.07 -23.38 -22.76
CA SER B 132 -5.85 -23.19 -23.98
C SER B 132 -5.47 -24.23 -25.03
N PRO B 133 -6.47 -25.02 -25.46
CA PRO B 133 -6.25 -26.05 -26.49
C PRO B 133 -5.94 -25.40 -27.83
N THR B 134 -6.59 -24.26 -28.09
CA THR B 134 -6.35 -23.51 -29.30
C THR B 134 -4.91 -22.96 -29.38
N PHE B 135 -4.43 -22.41 -28.27
CA PHE B 135 -3.08 -21.87 -28.26
C PHE B 135 -2.06 -22.99 -28.41
N ARG B 136 -2.38 -24.14 -27.82
CA ARG B 136 -1.49 -25.30 -27.87
C ARG B 136 -1.29 -25.79 -29.32
N THR B 137 -2.37 -25.73 -30.09
CA THR B 137 -2.34 -26.10 -31.50
C THR B 137 -1.39 -25.18 -32.29
N TYR B 138 -1.58 -23.88 -32.11
CA TYR B 138 -0.74 -22.88 -32.75
C TYR B 138 0.71 -23.04 -32.35
N ALA B 139 0.95 -23.27 -31.05
CA ALA B 139 2.31 -23.39 -30.56
C ALA B 139 2.96 -24.68 -31.08
N LEU B 140 2.21 -25.77 -31.05
CA LEU B 140 2.79 -27.04 -31.49
C LEU B 140 3.05 -27.06 -32.99
N ARG B 141 2.25 -26.34 -33.76
CA ARG B 141 2.46 -26.24 -35.19
C ARG B 141 3.75 -25.46 -35.46
N LEU B 142 3.95 -24.39 -34.70
CA LEU B 142 5.16 -23.58 -34.82
C LEU B 142 6.41 -24.38 -34.44
N CYS B 143 6.30 -25.19 -33.40
CA CYS B 143 7.41 -26.05 -32.98
C CYS B 143 7.83 -26.95 -34.11
N ARG B 144 6.83 -27.53 -34.79
CA ARG B 144 7.09 -28.44 -35.89
C ARG B 144 7.75 -27.68 -37.06
N GLU B 145 7.18 -26.53 -37.41
CA GLU B 145 7.70 -25.73 -38.51
C GLU B 145 9.16 -25.34 -38.29
N MET B 146 9.48 -24.91 -37.07
CA MET B 146 10.85 -24.55 -36.71
C MET B 146 11.79 -25.76 -36.79
N ALA B 147 11.31 -26.89 -36.29
CA ALA B 147 12.15 -28.07 -36.21
C ALA B 147 12.44 -28.66 -37.58
N GLU B 148 11.41 -28.74 -38.43
CA GLU B 148 11.60 -29.24 -39.79
C GLU B 148 12.59 -28.35 -40.54
N HIS B 149 12.44 -27.04 -40.37
CA HIS B 149 13.24 -26.12 -41.15
C HIS B 149 14.72 -26.14 -40.74
N TYR B 150 15.00 -26.46 -39.47
CA TYR B 150 16.38 -26.45 -39.00
C TYR B 150 16.90 -27.85 -38.69
N LYS B 151 16.08 -28.86 -39.00
CA LYS B 151 16.52 -30.25 -38.92
C LYS B 151 17.81 -30.42 -39.70
N ASP B 152 18.78 -31.07 -39.06
CA ASP B 152 20.07 -31.37 -39.68
C ASP B 152 20.92 -30.13 -40.01
N ASN B 153 20.52 -28.97 -39.50
CA ASN B 153 21.41 -27.81 -39.54
C ASN B 153 22.42 -27.92 -38.39
N PRO B 154 23.72 -27.82 -38.72
CA PRO B 154 24.79 -28.04 -37.74
C PRO B 154 25.01 -26.83 -36.83
N ALA B 155 24.41 -25.69 -37.18
CA ALA B 155 24.56 -24.49 -36.36
C ALA B 155 23.74 -24.60 -35.06
N ILE B 156 22.62 -25.32 -35.11
CA ILE B 156 21.73 -25.40 -33.95
C ILE B 156 22.19 -26.49 -32.97
N VAL B 157 22.69 -26.11 -31.80
CA VAL B 157 23.27 -27.08 -30.87
C VAL B 157 22.37 -27.42 -29.68
N SER B 158 21.26 -26.69 -29.54
CA SER B 158 20.27 -26.96 -28.48
C SER B 158 18.94 -26.25 -28.73
N TRP B 159 17.90 -26.71 -28.02
CA TRP B 159 16.60 -26.06 -28.04
C TRP B 159 16.32 -25.28 -26.75
N HIS B 160 15.91 -24.03 -26.92
CA HIS B 160 15.50 -23.16 -25.83
C HIS B 160 13.97 -23.12 -25.89
N VAL B 161 13.33 -24.09 -25.24
CA VAL B 161 11.89 -24.23 -25.34
C VAL B 161 11.16 -23.14 -24.56
N GLY B 162 10.34 -22.35 -25.26
CA GLY B 162 9.58 -21.28 -24.66
C GLY B 162 10.49 -20.25 -24.01
N ASN B 163 9.97 -19.54 -23.00
CA ASN B 163 10.81 -18.63 -22.20
C ASN B 163 10.21 -18.33 -20.85
N GLU B 164 10.93 -18.72 -19.81
CA GLU B 164 10.53 -18.43 -18.43
C GLU B 164 9.05 -18.64 -18.18
N TYR B 165 8.59 -19.88 -18.30
CA TYR B 165 7.18 -20.21 -18.08
C TYR B 165 6.72 -19.71 -16.70
N GLY B 166 5.52 -19.15 -16.62
CA GLY B 166 4.96 -18.73 -15.34
C GLY B 166 5.65 -17.54 -14.69
N CYS B 167 6.41 -16.77 -15.46
CA CYS B 167 6.98 -15.50 -14.98
C CYS B 167 5.81 -14.55 -14.72
N HIS B 168 4.74 -14.72 -15.50
CA HIS B 168 3.53 -13.92 -15.34
C HIS B 168 2.24 -14.75 -15.47
N ASN B 169 2.20 -15.71 -16.40
CA ASN B 169 0.96 -16.46 -16.66
C ASN B 169 0.77 -17.71 -15.78
N TYR B 170 1.39 -17.66 -14.60
CA TYR B 170 1.25 -18.73 -13.63
C TYR B 170 -0.22 -18.85 -13.18
N PHE B 171 -0.87 -17.71 -12.93
CA PHE B 171 -2.28 -17.71 -12.50
C PHE B 171 -3.24 -17.30 -13.61
N ASP B 172 -4.02 -18.26 -14.08
CA ASP B 172 -5.08 -18.04 -15.06
C ASP B 172 -6.38 -18.50 -14.43
N TYR B 173 -7.44 -17.72 -14.62
CA TYR B 173 -8.73 -18.01 -14.00
C TYR B 173 -9.79 -18.13 -15.08
N SER B 174 -9.32 -18.40 -16.30
CA SER B 174 -10.20 -18.60 -17.46
C SER B 174 -11.01 -19.89 -17.32
N ASP B 175 -12.01 -20.07 -18.17
CA ASP B 175 -12.78 -21.30 -18.12
C ASP B 175 -11.93 -22.51 -18.48
N ASP B 176 -10.92 -22.31 -19.35
CA ASP B 176 -10.02 -23.39 -19.70
C ASP B 176 -9.30 -23.89 -18.43
N ALA B 177 -8.85 -22.95 -17.61
CA ALA B 177 -8.13 -23.29 -16.39
C ALA B 177 -9.05 -23.96 -15.35
N VAL B 178 -10.27 -23.45 -15.22
CA VAL B 178 -11.23 -24.01 -14.27
C VAL B 178 -11.49 -25.51 -14.53
N GLN B 179 -11.65 -25.88 -15.80
CA GLN B 179 -11.87 -27.28 -16.14
C GLN B 179 -10.59 -28.09 -15.99
N ALA B 180 -9.47 -27.51 -16.40
CA ALA B 180 -8.19 -28.23 -16.30
C ALA B 180 -7.85 -28.51 -14.83
N PHE B 181 -8.20 -27.57 -13.95
CA PHE B 181 -7.98 -27.76 -12.52
C PHE B 181 -8.89 -28.87 -11.95
N ARG B 182 -10.14 -28.92 -12.42
CA ARG B 182 -11.05 -30.04 -12.05
C ARG B 182 -10.47 -31.37 -12.48
N GLU B 183 -9.99 -31.40 -13.73
CA GLU B 183 -9.41 -32.63 -14.26
C GLU B 183 -8.11 -32.98 -13.55
N TRP B 184 -7.32 -31.96 -13.21
CA TRP B 184 -6.13 -32.18 -12.41
C TRP B 184 -6.52 -32.80 -11.08
N CYS B 185 -7.58 -32.27 -10.46
CA CYS B 185 -8.05 -32.76 -9.18
C CYS B 185 -8.61 -34.18 -9.28
N ARG B 186 -9.35 -34.42 -10.36
CA ARG B 186 -9.94 -35.72 -10.63
C ARG B 186 -8.83 -36.76 -10.74
N ASP B 187 -7.80 -36.40 -11.50
CA ASP B 187 -6.63 -37.26 -11.70
C ASP B 187 -5.87 -37.54 -10.39
N ARG B 188 -5.74 -36.54 -9.53
CA ARG B 188 -4.97 -36.70 -8.29
C ARG B 188 -5.73 -37.45 -7.20
N TYR B 189 -7.04 -37.25 -7.10
CA TYR B 189 -7.77 -37.83 -5.98
C TYR B 189 -8.77 -38.92 -6.37
N GLY B 190 -9.18 -38.93 -7.64
CA GLY B 190 -10.07 -39.96 -8.13
C GLY B 190 -11.54 -39.76 -7.78
N THR B 191 -11.83 -39.62 -6.49
CA THR B 191 -13.21 -39.48 -6.02
C THR B 191 -13.36 -38.16 -5.30
N ILE B 192 -14.56 -37.61 -5.28
CA ILE B 192 -14.77 -36.34 -4.59
C ILE B 192 -14.58 -36.45 -3.06
N ASP B 193 -14.64 -37.67 -2.53
CA ASP B 193 -14.40 -37.91 -1.10
C ASP B 193 -12.94 -37.62 -0.76
N LYS B 194 -12.03 -38.08 -1.63
CA LYS B 194 -10.61 -37.95 -1.39
C LYS B 194 -10.20 -36.47 -1.46
N VAL B 195 -10.93 -35.71 -2.27
CA VAL B 195 -10.77 -34.27 -2.34
C VAL B 195 -11.18 -33.64 -1.02
N ASN B 196 -12.39 -33.91 -0.57
CA ASN B 196 -12.87 -33.36 0.69
C ASN B 196 -11.98 -33.79 1.88
N ALA B 197 -11.40 -34.97 1.76
CA ALA B 197 -10.51 -35.46 2.80
C ALA B 197 -9.21 -34.66 2.77
N ALA B 198 -8.77 -34.33 1.56
CA ALA B 198 -7.51 -33.62 1.39
C ALA B 198 -7.63 -32.15 1.79
N TRP B 199 -8.67 -31.48 1.31
CA TRP B 199 -8.80 -30.06 1.55
C TRP B 199 -9.48 -29.70 2.85
N GLY B 200 -10.27 -30.63 3.38
CA GLY B 200 -11.09 -30.32 4.53
C GLY B 200 -12.10 -29.24 4.17
N THR B 201 -12.60 -28.52 5.16
CA THR B 201 -13.56 -27.45 4.89
C THR B 201 -13.18 -26.19 5.63
N ASN B 202 -13.43 -25.04 5.03
CA ASN B 202 -13.42 -23.79 5.79
C ASN B 202 -14.60 -23.84 6.76
N PHE B 203 -14.40 -23.34 7.98
CA PHE B 203 -15.42 -23.49 9.02
C PHE B 203 -16.81 -22.98 8.60
N TRP B 204 -16.82 -22.02 7.66
CA TRP B 204 -18.06 -21.41 7.20
C TRP B 204 -18.65 -22.07 5.94
N SER B 205 -17.90 -22.95 5.27
CA SER B 205 -18.42 -23.56 4.06
C SER B 205 -18.49 -25.07 4.28
N GLN B 206 -18.97 -25.79 3.28
CA GLN B 206 -19.12 -27.24 3.41
C GLN B 206 -18.47 -28.02 2.28
N ARG B 207 -18.43 -29.34 2.44
CA ARG B 207 -17.79 -30.23 1.47
C ARG B 207 -18.35 -30.08 0.04
N LEU B 208 -17.57 -30.55 -0.91
CA LEU B 208 -17.97 -30.57 -2.30
C LEU B 208 -18.81 -31.82 -2.57
N ASN B 209 -19.78 -31.71 -3.47
CA ASN B 209 -20.63 -32.83 -3.84
C ASN B 209 -20.20 -33.50 -5.15
N SER B 210 -19.54 -32.73 -6.02
CA SER B 210 -19.02 -33.24 -7.29
C SER B 210 -17.79 -32.47 -7.71
N PHE B 211 -17.03 -33.02 -8.64
CA PHE B 211 -15.88 -32.32 -9.18
C PHE B 211 -16.29 -31.04 -9.88
N GLU B 212 -17.52 -31.01 -10.40
CA GLU B 212 -18.00 -29.86 -11.16
C GLU B 212 -18.30 -28.68 -10.24
N GLU B 213 -18.37 -28.95 -8.95
CA GLU B 213 -18.59 -27.88 -7.97
C GLU B 213 -17.25 -27.22 -7.58
N ILE B 214 -16.14 -27.79 -8.04
CA ILE B 214 -14.81 -27.28 -7.74
C ILE B 214 -14.47 -26.00 -8.51
N LEU B 215 -14.16 -24.93 -7.77
CA LEU B 215 -13.70 -23.68 -8.37
C LEU B 215 -12.31 -23.32 -7.81
N PRO B 216 -11.48 -22.67 -8.65
CA PRO B 216 -10.15 -22.23 -8.20
C PRO B 216 -10.26 -21.14 -7.15
N PRO B 217 -9.33 -21.16 -6.18
CA PRO B 217 -9.27 -20.18 -5.09
C PRO B 217 -8.90 -18.79 -5.60
N ARG B 218 -9.49 -17.76 -4.99
CA ARG B 218 -9.27 -16.39 -5.41
C ARG B 218 -8.89 -15.49 -4.23
N TYR B 219 -8.65 -14.22 -4.54
CA TYR B 219 -8.39 -13.18 -3.56
C TYR B 219 -9.63 -12.85 -2.71
N PHE B 226 -11.10 -15.24 3.20
CA PHE B 226 -10.01 -16.21 3.20
C PHE B 226 -10.32 -17.41 2.31
N THR B 227 -9.27 -18.03 1.81
CA THR B 227 -9.39 -19.14 0.86
C THR B 227 -9.04 -20.45 1.58
N ASN B 228 -9.41 -21.57 0.98
CA ASN B 228 -9.05 -22.84 1.57
C ASN B 228 -7.59 -23.18 1.31
N PRO B 229 -6.82 -23.29 2.41
CA PRO B 229 -5.36 -23.51 2.29
C PRO B 229 -4.99 -24.79 1.56
N GLY B 230 -5.68 -25.89 1.83
CA GLY B 230 -5.40 -27.13 1.14
C GLY B 230 -5.66 -27.00 -0.35
N ARG B 231 -6.75 -26.33 -0.70
CA ARG B 231 -7.07 -26.04 -2.10
C ARG B 231 -6.05 -25.10 -2.74
N LEU B 232 -5.66 -24.04 -2.01
CA LEU B 232 -4.68 -23.08 -2.54
C LEU B 232 -3.35 -23.76 -2.81
N LEU B 233 -2.94 -24.65 -1.90
CA LEU B 233 -1.73 -25.42 -2.10
C LEU B 233 -1.81 -26.21 -3.42
N ASP B 234 -2.89 -26.96 -3.60
CA ASP B 234 -3.00 -27.86 -4.77
C ASP B 234 -3.15 -27.08 -6.05
N PHE B 235 -3.85 -25.95 -5.96
CA PHE B 235 -4.01 -25.10 -7.13
C PHE B 235 -2.65 -24.55 -7.58
N LYS B 236 -1.83 -24.14 -6.62
CA LYS B 236 -0.47 -23.73 -6.97
C LYS B 236 0.29 -24.89 -7.61
N HIS B 237 0.14 -26.08 -7.03
CA HIS B 237 0.75 -27.29 -7.59
C HIS B 237 0.27 -27.50 -9.01
N PHE B 238 -1.04 -27.35 -9.21
CA PHE B 238 -1.62 -27.50 -10.53
C PHE B 238 -1.06 -26.52 -11.57
N CYS B 239 -0.93 -25.26 -11.20
CA CYS B 239 -0.45 -24.26 -12.15
C CYS B 239 0.96 -24.62 -12.61
N SER B 240 1.75 -25.21 -11.72
CA SER B 240 3.08 -25.63 -12.12
C SER B 240 3.00 -26.76 -13.13
N ASP B 241 2.11 -27.71 -12.86
CA ASP B 241 1.93 -28.89 -13.72
C ASP B 241 1.37 -28.49 -15.09
N ALA B 242 0.41 -27.56 -15.09
CA ALA B 242 -0.24 -27.15 -16.33
C ALA B 242 0.78 -26.59 -17.28
N LEU B 243 1.72 -25.81 -16.74
CA LEU B 243 2.76 -25.21 -17.55
C LEU B 243 3.84 -26.25 -17.89
N LYS B 244 4.08 -27.19 -16.98
CA LYS B 244 5.06 -28.23 -17.25
C LYS B 244 4.61 -29.07 -18.44
N GLU B 245 3.33 -29.41 -18.47
CA GLU B 245 2.73 -30.19 -19.56
C GLU B 245 2.88 -29.51 -20.91
N PHE B 246 2.68 -28.19 -20.93
CA PHE B 246 2.75 -27.45 -22.18
C PHE B 246 4.16 -27.56 -22.70
N PHE B 247 5.12 -27.38 -21.79
CA PHE B 247 6.51 -27.48 -22.16
C PHE B 247 6.81 -28.89 -22.66
N CYS B 248 6.23 -29.89 -22.00
CA CYS B 248 6.47 -31.27 -22.41
C CYS B 248 5.93 -31.53 -23.81
N ALA B 249 4.73 -31.01 -24.10
CA ALA B 249 4.17 -31.15 -25.44
C ALA B 249 5.08 -30.48 -26.49
N GLU B 250 5.52 -29.26 -26.22
CA GLU B 250 6.43 -28.56 -27.11
C GLU B 250 7.74 -29.30 -27.30
N ARG B 251 8.27 -29.84 -26.22
CA ARG B 251 9.54 -30.53 -26.28
C ARG B 251 9.37 -31.79 -27.12
N ASP B 252 8.21 -32.42 -27.00
CA ASP B 252 7.99 -33.70 -27.68
C ASP B 252 7.90 -33.58 -29.20
N VAL B 253 7.29 -32.50 -29.67
CA VAL B 253 7.26 -32.20 -31.08
C VAL B 253 8.68 -31.97 -31.56
N LEU B 254 9.46 -31.22 -30.78
CA LEU B 254 10.80 -30.83 -31.22
C LEU B 254 11.76 -32.00 -31.32
N SER B 255 11.74 -32.88 -30.31
CA SER B 255 12.67 -34.00 -30.31
C SER B 255 12.21 -35.13 -31.24
N GLU B 256 10.94 -35.11 -31.63
CA GLU B 256 10.45 -36.06 -32.65
C GLU B 256 11.12 -35.74 -33.98
N VAL B 257 11.09 -34.47 -34.37
CA VAL B 257 11.72 -34.03 -35.61
C VAL B 257 13.26 -33.96 -35.53
N THR B 258 13.82 -33.53 -34.39
CA THR B 258 15.28 -33.42 -34.27
C THR B 258 15.79 -34.13 -33.02
N PRO B 259 15.86 -35.46 -33.07
CA PRO B 259 16.22 -36.28 -31.90
C PRO B 259 17.66 -36.08 -31.46
N ASN B 260 18.46 -35.34 -32.21
CA ASN B 260 19.86 -35.23 -31.82
C ASN B 260 20.19 -33.89 -31.15
N ILE B 261 19.18 -33.05 -30.99
CA ILE B 261 19.35 -31.76 -30.36
C ILE B 261 18.76 -31.74 -28.96
N PRO B 262 19.61 -31.51 -27.96
CA PRO B 262 19.18 -31.56 -26.57
C PRO B 262 18.29 -30.36 -26.26
N LEU B 263 17.29 -30.56 -25.40
CA LEU B 263 16.33 -29.51 -25.11
C LEU B 263 16.37 -29.06 -23.66
N THR B 264 16.14 -27.77 -23.46
CA THR B 264 16.05 -27.21 -22.13
C THR B 264 15.00 -26.14 -22.13
N THR B 265 14.66 -25.66 -20.95
CA THR B 265 13.91 -24.45 -20.85
C THR B 265 14.56 -23.65 -19.73
N ASN B 266 14.46 -22.33 -19.81
CA ASN B 266 15.15 -21.48 -18.84
C ASN B 266 14.34 -21.29 -17.53
N PHE B 267 14.89 -21.79 -16.43
CA PHE B 267 14.28 -21.70 -15.11
C PHE B 267 14.60 -20.33 -14.51
N MET B 268 13.87 -19.96 -13.45
CA MET B 268 14.16 -18.72 -12.72
C MET B 268 14.41 -19.08 -11.26
N VAL B 269 15.42 -19.90 -11.00
CA VAL B 269 15.68 -20.33 -9.65
C VAL B 269 16.45 -19.26 -8.88
N SER B 270 15.81 -18.71 -7.87
CA SER B 270 16.44 -17.76 -6.94
C SER B 270 15.90 -18.10 -5.58
N ALA B 271 16.46 -17.51 -4.53
CA ALA B 271 16.08 -17.94 -3.18
C ALA B 271 14.60 -17.76 -2.85
N SER B 272 13.96 -16.76 -3.44
CA SER B 272 12.59 -16.40 -3.09
C SER B 272 11.56 -16.82 -4.14
N GLN B 273 12.01 -17.44 -5.24
CA GLN B 273 11.06 -17.85 -6.28
C GLN B 273 10.07 -18.84 -5.68
N ASN B 274 8.80 -18.62 -6.02
CA ASN B 274 7.66 -19.29 -5.38
C ASN B 274 6.55 -19.66 -6.35
N THR B 275 6.89 -19.85 -7.63
CA THR B 275 5.86 -20.23 -8.62
C THR B 275 5.99 -21.69 -9.10
N LEU B 276 7.00 -22.01 -9.90
CA LEU B 276 7.14 -23.37 -10.44
C LEU B 276 7.85 -24.31 -9.47
N ASP B 277 7.48 -25.59 -9.51
CA ASP B 277 8.28 -26.59 -8.81
C ASP B 277 9.39 -27.00 -9.78
N TYR B 278 10.49 -26.24 -9.76
CA TYR B 278 11.56 -26.48 -10.72
C TYR B 278 12.23 -27.83 -10.52
N ASP B 279 12.26 -28.34 -9.29
CA ASP B 279 12.87 -29.65 -9.09
C ASP B 279 12.04 -30.67 -9.85
N ASP B 280 10.72 -30.50 -9.80
CA ASP B 280 9.85 -31.39 -10.52
C ASP B 280 10.10 -31.25 -12.03
N TRP B 281 10.11 -30.02 -12.52
CA TRP B 281 10.35 -29.73 -13.93
C TRP B 281 11.68 -30.30 -14.40
N ALA B 282 12.66 -30.34 -13.49
CA ALA B 282 14.01 -30.76 -13.86
C ALA B 282 14.06 -32.23 -14.35
N HIS B 283 13.05 -33.01 -13.99
CA HIS B 283 12.96 -34.38 -14.46
C HIS B 283 12.61 -34.41 -15.97
N GLU B 284 12.22 -33.25 -16.53
CA GLU B 284 11.72 -33.17 -17.92
C GLU B 284 12.60 -32.48 -18.93
N VAL B 285 13.85 -32.21 -18.60
CA VAL B 285 14.75 -31.53 -19.52
C VAL B 285 16.01 -32.36 -19.77
N ASP B 286 16.68 -32.09 -20.88
CA ASP B 286 17.92 -32.81 -21.19
C ASP B 286 19.09 -32.28 -20.37
N PHE B 287 19.09 -30.96 -20.15
CA PHE B 287 20.04 -30.32 -19.24
C PHE B 287 19.34 -29.16 -18.54
N VAL B 288 19.71 -28.90 -17.29
CA VAL B 288 19.07 -27.84 -16.52
C VAL B 288 19.68 -26.50 -16.90
N SER B 289 18.83 -25.54 -17.27
CA SER B 289 19.30 -24.18 -17.53
C SER B 289 18.57 -23.18 -16.62
N ASN B 290 19.29 -22.15 -16.15
CA ASN B 290 18.73 -21.19 -15.20
C ASN B 290 19.00 -19.73 -15.57
N ASP B 291 18.05 -18.86 -15.21
CA ASP B 291 18.21 -17.41 -15.27
C ASP B 291 18.26 -16.87 -13.85
N HIS B 292 19.33 -16.15 -13.52
CA HIS B 292 19.45 -15.56 -12.19
C HIS B 292 19.94 -14.13 -12.23
N TYR B 293 19.28 -13.25 -11.47
CA TYR B 293 19.68 -11.85 -11.37
C TYR B 293 20.03 -11.48 -9.95
N PHE B 294 21.07 -10.68 -9.77
CA PHE B 294 21.64 -10.50 -8.43
C PHE B 294 20.73 -9.76 -7.46
N THR B 295 20.90 -10.08 -6.19
CA THR B 295 20.21 -9.36 -5.14
C THR B 295 21.19 -8.30 -4.66
N PRO B 296 20.81 -7.03 -4.79
CA PRO B 296 21.69 -5.92 -4.39
C PRO B 296 21.95 -5.92 -2.89
N GLY B 297 23.11 -5.40 -2.47
CA GLY B 297 23.42 -5.30 -1.05
C GLY B 297 24.16 -6.48 -0.46
N SER B 298 24.04 -6.67 0.86
CA SER B 298 24.76 -7.72 1.61
C SER B 298 24.51 -9.14 1.16
N TRP B 299 23.35 -9.39 0.56
CA TRP B 299 22.97 -10.74 0.15
C TRP B 299 23.48 -11.11 -1.25
N HIS B 300 24.09 -10.15 -1.94
CA HIS B 300 24.59 -10.34 -3.31
C HIS B 300 25.31 -11.68 -3.50
N ILE B 301 26.36 -11.91 -2.70
CA ILE B 301 27.16 -13.09 -2.85
C ILE B 301 26.41 -14.33 -2.37
N ASP B 302 26.04 -14.34 -1.09
CA ASP B 302 25.40 -15.52 -0.51
C ASP B 302 24.13 -15.99 -1.23
N GLU B 303 23.28 -15.06 -1.68
CA GLU B 303 22.06 -15.47 -2.34
C GLU B 303 22.34 -15.98 -3.75
N LEU B 304 23.40 -15.48 -4.38
CA LEU B 304 23.77 -15.96 -5.69
C LEU B 304 24.37 -17.35 -5.53
N ALA B 305 25.27 -17.50 -4.56
CA ALA B 305 25.84 -18.81 -4.28
C ALA B 305 24.76 -19.83 -3.94
N TYR B 306 23.79 -19.41 -3.12
CA TYR B 306 22.70 -20.28 -2.69
C TYR B 306 21.90 -20.75 -3.87
N SER B 307 21.45 -19.82 -4.69
CA SER B 307 20.64 -20.16 -5.86
C SER B 307 21.39 -21.05 -6.85
N ALA B 308 22.67 -20.79 -7.07
CA ALA B 308 23.45 -21.59 -8.00
C ALA B 308 23.66 -23.01 -7.40
N SER B 309 23.91 -23.07 -6.10
CA SER B 309 23.97 -24.37 -5.43
C SER B 309 22.64 -25.10 -5.61
N LEU B 310 21.54 -24.36 -5.52
CA LEU B 310 20.22 -24.97 -5.64
C LEU B 310 20.06 -25.56 -7.03
N VAL B 311 20.45 -24.81 -8.06
CA VAL B 311 20.32 -25.32 -9.41
C VAL B 311 21.10 -26.63 -9.54
N ASP B 312 22.30 -26.65 -8.97
CA ASP B 312 23.14 -27.85 -9.01
C ASP B 312 22.49 -29.03 -8.26
N GLY B 313 21.80 -28.75 -7.16
CA GLY B 313 21.06 -29.78 -6.44
C GLY B 313 19.89 -30.30 -7.26
N ILE B 314 19.22 -29.37 -7.93
CA ILE B 314 18.10 -29.68 -8.80
C ILE B 314 18.54 -30.55 -9.99
N SER B 315 19.73 -30.30 -10.50
CA SER B 315 20.26 -31.01 -11.63
C SER B 315 20.98 -32.28 -11.17
N ARG B 316 20.90 -32.54 -9.87
CA ARG B 316 21.52 -33.73 -9.28
C ARG B 316 23.01 -33.81 -9.59
N LYS B 317 23.71 -32.71 -9.33
CA LYS B 317 25.14 -32.56 -9.58
C LYS B 317 25.58 -32.70 -11.04
N LYS B 318 24.62 -32.76 -11.97
CA LYS B 318 25.01 -32.78 -13.37
C LYS B 318 25.22 -31.36 -13.85
N PRO B 319 26.18 -31.15 -14.76
CA PRO B 319 26.49 -29.81 -15.27
C PRO B 319 25.23 -29.08 -15.73
N TRP B 320 25.16 -27.78 -15.45
CA TRP B 320 23.98 -27.01 -15.80
C TRP B 320 24.36 -25.77 -16.59
N PHE B 321 23.35 -25.03 -17.05
CA PHE B 321 23.53 -23.97 -18.02
C PHE B 321 23.02 -22.66 -17.43
N LEU B 322 23.86 -21.63 -17.34
CA LEU B 322 23.36 -20.32 -16.95
C LEU B 322 22.93 -19.61 -18.21
N MET B 323 21.62 -19.58 -18.42
CA MET B 323 21.08 -19.02 -19.65
C MET B 323 21.04 -17.49 -19.59
N ALA B 324 20.87 -16.95 -18.40
CA ALA B 324 20.73 -15.51 -18.27
C ALA B 324 21.15 -14.98 -16.91
N GLN B 325 21.72 -13.77 -16.94
CA GLN B 325 22.06 -12.98 -15.75
C GLN B 325 22.33 -11.57 -16.28
N SER B 326 22.66 -10.63 -15.40
CA SER B 326 22.94 -9.27 -15.86
C SER B 326 24.42 -8.93 -15.78
N THR B 327 24.87 -8.03 -16.66
CA THR B 327 26.24 -7.55 -16.62
C THR B 327 26.36 -6.47 -15.55
N SER B 328 25.31 -5.66 -15.44
CA SER B 328 25.23 -4.64 -14.40
C SER B 328 23.80 -4.56 -13.84
N ALA B 329 23.15 -3.42 -14.04
CA ALA B 329 21.84 -3.20 -13.46
C ALA B 329 20.74 -3.94 -14.24
N VAL B 330 19.70 -4.36 -13.52
CA VAL B 330 18.49 -4.82 -14.19
C VAL B 330 17.56 -3.61 -14.30
N ASN B 331 16.31 -3.81 -14.69
CA ASN B 331 15.41 -2.69 -14.96
C ASN B 331 14.04 -2.83 -14.27
N TRP B 332 13.84 -3.93 -13.55
CA TRP B 332 12.50 -4.23 -13.05
C TRP B 332 12.30 -4.04 -11.55
N ARG B 333 13.34 -3.59 -10.85
CA ARG B 333 13.17 -3.27 -9.45
C ARG B 333 12.80 -1.78 -9.29
N GLU B 334 12.47 -1.40 -8.06
CA GLU B 334 12.06 -0.04 -7.72
C GLU B 334 13.30 0.85 -7.69
N ILE B 335 14.42 0.24 -7.34
CA ILE B 335 15.73 0.84 -7.49
C ILE B 335 16.60 -0.24 -8.08
N ASN B 336 17.26 0.06 -9.20
CA ASN B 336 18.11 -0.93 -9.87
C ASN B 336 19.59 -0.59 -9.77
N PRO B 337 20.25 -1.03 -8.70
CA PRO B 337 21.67 -0.66 -8.56
C PRO B 337 22.54 -1.31 -9.62
N ARG B 338 23.66 -0.67 -9.97
CA ARG B 338 24.58 -1.23 -10.94
C ARG B 338 25.52 -2.17 -10.19
N LYS B 339 26.19 -3.07 -10.90
CA LYS B 339 27.18 -3.95 -10.24
C LYS B 339 28.47 -3.17 -9.98
N GLU B 340 29.15 -3.55 -8.89
CA GLU B 340 30.43 -2.96 -8.51
C GLU B 340 31.55 -3.57 -9.38
N PRO B 341 32.72 -2.88 -9.47
CA PRO B 341 33.88 -3.43 -10.16
C PRO B 341 34.18 -4.87 -9.72
N GLY B 342 34.41 -5.77 -10.68
CA GLY B 342 34.77 -7.15 -10.37
C GLY B 342 33.59 -8.08 -10.16
N GLU B 343 32.41 -7.48 -9.95
CA GLU B 343 31.24 -8.29 -9.68
C GLU B 343 30.73 -9.08 -10.90
N LEU B 344 30.85 -8.51 -12.11
CA LEU B 344 30.47 -9.20 -13.35
C LEU B 344 31.21 -10.54 -13.50
N ILE B 345 32.53 -10.49 -13.35
CA ILE B 345 33.36 -11.68 -13.46
C ILE B 345 33.15 -12.57 -12.25
N ARG B 346 33.16 -11.99 -11.06
CA ARG B 346 33.02 -12.81 -9.86
C ARG B 346 31.68 -13.58 -9.86
N ASP B 347 30.61 -12.91 -10.24
CA ASP B 347 29.29 -13.55 -10.24
C ASP B 347 29.28 -14.71 -11.18
N SER B 348 29.89 -14.53 -12.35
CA SER B 348 29.96 -15.59 -13.35
C SER B 348 30.79 -16.75 -12.84
N MET B 349 31.89 -16.43 -12.15
CA MET B 349 32.75 -17.47 -11.61
C MET B 349 32.03 -18.25 -10.53
N LEU B 350 31.08 -17.59 -9.86
CA LEU B 350 30.33 -18.20 -8.76
C LEU B 350 29.37 -19.23 -9.31
N HIS B 351 28.64 -18.86 -10.34
CA HIS B 351 27.78 -19.80 -11.04
C HIS B 351 28.59 -20.99 -11.56
N LEU B 352 29.71 -20.67 -12.22
CA LEU B 352 30.65 -21.67 -12.74
C LEU B 352 31.09 -22.60 -11.65
N ALA B 353 31.53 -22.03 -10.54
CA ALA B 353 32.01 -22.83 -9.43
C ALA B 353 30.94 -23.79 -8.91
N MET B 354 29.68 -23.36 -9.01
CA MET B 354 28.58 -24.17 -8.53
C MET B 354 28.08 -25.19 -9.55
N GLY B 355 28.82 -25.34 -10.65
CA GLY B 355 28.63 -26.46 -11.54
C GLY B 355 28.18 -26.16 -12.95
N ALA B 356 27.95 -24.89 -13.24
CA ALA B 356 27.56 -24.51 -14.59
C ALA B 356 28.74 -24.79 -15.55
N ASP B 357 28.42 -25.23 -16.77
CA ASP B 357 29.43 -25.34 -17.83
C ASP B 357 29.08 -24.37 -18.94
N ALA B 358 28.24 -23.40 -18.62
CA ALA B 358 27.86 -22.36 -19.58
C ALA B 358 27.50 -21.08 -18.84
N ILE B 359 27.93 -19.97 -19.40
CA ILE B 359 27.71 -18.65 -18.80
C ILE B 359 27.13 -17.70 -19.84
N CYS B 360 25.83 -17.42 -19.73
CA CYS B 360 25.18 -16.49 -20.67
C CYS B 360 24.49 -15.32 -19.99
N TYR B 361 24.28 -14.26 -20.76
CA TYR B 361 23.67 -13.04 -20.26
C TYR B 361 22.36 -12.75 -20.96
N PHE B 362 21.59 -11.88 -20.34
CA PHE B 362 20.51 -11.21 -21.01
C PHE B 362 20.97 -9.77 -20.97
N GLN B 363 21.16 -9.11 -22.11
CA GLN B 363 21.04 -9.64 -23.44
C GLN B 363 22.40 -9.25 -24.09
N TRP B 364 22.58 -9.52 -25.38
CA TRP B 364 23.87 -9.19 -26.00
C TRP B 364 24.09 -7.67 -26.13
N ARG B 365 23.10 -6.99 -26.69
CA ARG B 365 23.24 -5.58 -27.03
C ARG B 365 22.07 -4.77 -26.45
N GLN B 366 22.44 -3.73 -25.70
CA GLN B 366 21.46 -2.89 -25.01
C GLN B 366 20.59 -2.18 -26.03
N SER B 367 19.32 -1.99 -25.71
CA SER B 367 18.39 -1.37 -26.65
C SER B 367 18.17 0.11 -26.32
N ARG B 368 17.86 0.91 -27.34
CA ARG B 368 17.60 2.35 -27.14
C ARG B 368 16.15 2.59 -26.74
N SER B 369 15.26 1.65 -27.08
CA SER B 369 13.83 1.78 -26.81
C SER B 369 13.25 0.49 -26.25
N GLY B 370 11.97 0.51 -25.88
CA GLY B 370 11.39 -0.64 -25.23
C GLY B 370 11.67 -0.65 -23.74
N ALA B 371 10.86 -1.40 -23.00
CA ALA B 371 10.92 -1.42 -21.54
C ALA B 371 12.27 -1.89 -20.96
N GLU B 372 13.09 -2.54 -21.78
CA GLU B 372 14.34 -3.11 -21.31
C GLU B 372 15.50 -2.14 -21.52
N LYS B 373 15.20 -0.94 -21.99
CA LYS B 373 16.27 -0.04 -22.43
C LYS B 373 17.30 0.29 -21.36
N PHE B 374 16.88 0.41 -20.10
CA PHE B 374 17.84 0.68 -19.03
C PHE B 374 18.41 -0.59 -18.42
N HIS B 375 18.04 -1.75 -18.99
CA HIS B 375 18.62 -3.01 -18.55
C HIS B 375 19.99 -3.20 -19.17
N SER B 376 20.99 -3.48 -18.33
CA SER B 376 22.36 -3.60 -18.82
C SER B 376 22.54 -4.78 -19.78
N ALA B 377 23.64 -4.77 -20.53
CA ALA B 377 23.90 -5.81 -21.54
C ALA B 377 25.38 -6.13 -21.63
N MET B 378 25.73 -7.06 -22.53
CA MET B 378 27.14 -7.34 -22.77
C MET B 378 27.76 -6.17 -23.56
N LEU B 379 26.99 -5.62 -24.50
CA LEU B 379 27.44 -4.43 -25.21
C LEU B 379 26.51 -3.24 -24.93
N PRO B 380 26.93 -2.34 -24.01
CA PRO B 380 26.11 -1.21 -23.58
C PRO B 380 25.93 -0.20 -24.70
N LEU B 381 24.95 0.69 -24.52
CA LEU B 381 24.75 1.81 -25.42
C LEU B 381 26.00 2.72 -25.50
N ALA B 382 26.83 2.72 -24.46
CA ALA B 382 28.07 3.47 -24.48
C ALA B 382 29.02 2.86 -25.53
N GLY B 383 28.76 1.60 -25.87
CA GLY B 383 29.46 0.93 -26.94
C GLY B 383 30.70 0.15 -26.56
N GLU B 384 31.49 -0.21 -27.56
CA GLU B 384 32.69 -1.01 -27.41
C GLU B 384 33.68 -0.42 -26.39
N HIS B 385 33.77 0.91 -26.34
CA HIS B 385 34.68 1.54 -25.41
C HIS B 385 33.93 1.84 -24.12
N SER B 386 33.81 0.82 -23.27
CA SER B 386 33.04 0.86 -22.03
C SER B 386 33.64 -0.14 -21.05
N GLN B 387 33.49 0.12 -19.76
CA GLN B 387 34.06 -0.78 -18.75
C GLN B 387 33.41 -2.16 -18.77
N ILE B 388 32.10 -2.21 -19.01
CA ILE B 388 31.36 -3.46 -19.04
C ILE B 388 31.87 -4.37 -20.17
N TYR B 389 31.95 -3.80 -21.38
CA TYR B 389 32.42 -4.59 -22.51
C TYR B 389 33.83 -5.13 -22.27
N ARG B 390 34.70 -4.28 -21.73
CA ARG B 390 36.06 -4.68 -21.36
C ARG B 390 36.05 -5.81 -20.35
N ASP B 391 35.14 -5.77 -19.39
CA ASP B 391 35.02 -6.85 -18.41
C ASP B 391 34.44 -8.12 -19.04
N VAL B 392 33.47 -7.96 -19.93
CA VAL B 392 32.92 -9.10 -20.66
C VAL B 392 34.04 -9.83 -21.45
N CYS B 393 34.89 -9.08 -22.13
CA CYS B 393 36.02 -9.66 -22.85
C CYS B 393 36.96 -10.42 -21.92
N ALA B 394 37.25 -9.86 -20.75
CA ALA B 394 38.16 -10.53 -19.83
C ALA B 394 37.53 -11.83 -19.36
N LEU B 395 36.21 -11.79 -19.17
CA LEU B 395 35.48 -12.96 -18.73
C LEU B 395 35.58 -14.04 -19.80
N GLY B 396 35.37 -13.65 -21.06
CA GLY B 396 35.51 -14.59 -22.17
C GLY B 396 36.87 -15.26 -22.21
N ALA B 397 37.91 -14.47 -22.00
CA ALA B 397 39.28 -14.98 -21.97
C ALA B 397 39.48 -15.93 -20.80
N ASP B 398 38.88 -15.59 -19.65
CA ASP B 398 38.98 -16.41 -18.45
C ASP B 398 38.24 -17.74 -18.64
N LEU B 399 37.14 -17.70 -19.37
CA LEU B 399 36.37 -18.93 -19.57
C LEU B 399 37.11 -19.86 -20.54
N ASP B 400 37.73 -19.27 -21.56
CA ASP B 400 38.56 -20.08 -22.44
C ASP B 400 39.70 -20.76 -21.67
N THR B 401 40.36 -20.01 -20.79
CA THR B 401 41.42 -20.56 -19.95
C THR B 401 40.95 -21.73 -19.09
N LEU B 402 39.74 -21.61 -18.55
CA LEU B 402 39.21 -22.67 -17.69
C LEU B 402 38.82 -23.89 -18.53
N SER B 403 38.36 -23.64 -19.76
CA SER B 403 38.05 -24.71 -20.68
C SER B 403 39.32 -25.53 -20.90
N ASP B 404 40.40 -24.85 -21.28
CA ASP B 404 41.66 -25.50 -21.59
C ASP B 404 42.28 -26.24 -20.39
N ALA B 405 41.88 -25.88 -19.19
CA ALA B 405 42.43 -26.50 -17.98
C ALA B 405 41.66 -27.76 -17.62
N GLY B 406 40.62 -28.06 -18.39
CA GLY B 406 39.87 -29.31 -18.26
C GLY B 406 38.78 -29.37 -17.21
N ILE B 407 38.05 -28.28 -17.06
CA ILE B 407 37.03 -28.17 -16.01
C ILE B 407 35.68 -28.75 -16.41
N LEU B 408 35.43 -28.81 -17.72
CA LEU B 408 34.16 -29.34 -18.23
C LEU B 408 33.78 -30.66 -17.58
N ARG B 409 32.49 -30.83 -17.30
CA ARG B 409 31.94 -32.08 -16.75
C ARG B 409 32.45 -32.46 -15.35
N SER B 410 33.22 -31.57 -14.72
CA SER B 410 33.59 -31.77 -13.32
C SER B 410 32.35 -31.47 -12.47
N LYS B 411 32.23 -32.16 -11.33
CA LYS B 411 31.06 -32.03 -10.47
C LYS B 411 31.29 -31.24 -9.19
N LEU B 412 30.29 -30.47 -8.80
CA LEU B 412 30.34 -29.75 -7.53
C LEU B 412 30.47 -30.79 -6.41
N SER B 413 31.57 -30.72 -5.68
CA SER B 413 31.90 -31.71 -4.68
C SER B 413 30.77 -31.90 -3.69
N LYS B 414 30.80 -33.02 -2.99
CA LYS B 414 29.72 -33.32 -2.07
C LYS B 414 30.02 -32.63 -0.74
N ALA B 415 29.09 -31.78 -0.31
CA ALA B 415 29.22 -31.04 0.94
C ALA B 415 29.06 -31.97 2.14
N ARG B 416 29.47 -31.50 3.30
CA ARG B 416 29.29 -32.24 4.53
C ARG B 416 27.87 -32.05 5.07
N VAL B 417 27.20 -31.01 4.58
CA VAL B 417 25.87 -30.68 5.09
C VAL B 417 24.94 -30.28 3.94
N ALA B 418 23.73 -30.83 3.95
CA ALA B 418 22.75 -30.50 2.94
C ALA B 418 21.68 -29.64 3.55
N ILE B 419 21.29 -28.60 2.82
CA ILE B 419 20.24 -27.72 3.29
C ILE B 419 19.00 -27.94 2.45
N VAL B 420 17.94 -28.36 3.13
CA VAL B 420 16.73 -28.75 2.43
C VAL B 420 15.90 -27.55 2.03
N GLN B 421 15.60 -27.48 0.74
CA GLN B 421 14.72 -26.45 0.20
C GLN B 421 13.44 -27.15 -0.30
N ASP B 422 12.28 -26.51 -0.16
CA ASP B 422 11.04 -27.17 -0.55
C ASP B 422 9.95 -26.21 -0.98
N ILE B 423 9.73 -26.15 -2.28
CA ILE B 423 8.76 -25.22 -2.86
C ILE B 423 7.34 -25.41 -2.28
N GLN B 424 6.95 -26.65 -2.01
CA GLN B 424 5.60 -26.89 -1.49
C GLN B 424 5.44 -26.31 -0.08
N SER B 425 6.46 -26.50 0.76
CA SER B 425 6.41 -25.92 2.10
C SER B 425 6.31 -24.41 1.97
N GLU B 426 6.99 -23.86 0.97
CA GLU B 426 6.91 -22.41 0.76
C GLU B 426 5.47 -22.02 0.44
N TRP B 427 4.84 -22.70 -0.53
CA TRP B 427 3.46 -22.47 -0.92
C TRP B 427 2.54 -22.51 0.29
N ALA B 428 2.72 -23.51 1.15
CA ALA B 428 1.88 -23.64 2.33
C ALA B 428 2.11 -22.46 3.28
N THR B 429 3.34 -21.98 3.36
CA THR B 429 3.65 -20.90 4.29
C THR B 429 3.12 -19.57 3.77
N GLU B 430 2.63 -19.55 2.53
CA GLU B 430 2.16 -18.31 1.92
C GLU B 430 0.68 -18.05 2.20
N HIS B 431 0.01 -18.98 2.86
CA HIS B 431 -1.40 -18.78 3.12
C HIS B 431 -1.59 -17.62 4.09
N THR B 432 -2.69 -16.90 3.92
CA THR B 432 -2.90 -15.66 4.65
C THR B 432 -3.40 -15.82 6.09
N ALA B 433 -3.67 -17.06 6.50
CA ALA B 433 -4.18 -17.27 7.85
C ALA B 433 -3.25 -18.13 8.71
N THR B 434 -1.95 -18.08 8.38
CA THR B 434 -0.92 -18.73 9.18
C THR B 434 -0.71 -17.90 10.46
N PRO B 435 0.11 -18.40 11.40
CA PRO B 435 0.38 -17.62 12.63
C PRO B 435 0.95 -16.21 12.41
N THR B 436 1.68 -16.01 11.32
CA THR B 436 2.16 -14.68 10.96
C THR B 436 2.56 -14.60 9.48
N GLN B 437 2.32 -13.47 8.83
CA GLN B 437 2.70 -13.30 7.41
C GLN B 437 4.17 -13.01 7.24
N HIS B 438 4.86 -12.86 8.37
CA HIS B 438 6.28 -12.50 8.40
C HIS B 438 7.17 -13.73 8.43
N ILE B 439 6.57 -14.92 8.33
CA ILE B 439 7.35 -16.15 8.21
C ILE B 439 7.05 -16.87 6.90
N ARG B 440 8.08 -17.10 6.10
CA ARG B 440 7.94 -17.92 4.90
C ARG B 440 9.03 -18.95 4.96
N GLU B 441 8.86 -20.04 4.23
CA GLU B 441 9.85 -21.10 4.23
C GLU B 441 11.16 -20.62 3.60
N TRP B 442 11.05 -19.84 2.53
CA TRP B 442 12.20 -19.62 1.68
C TRP B 442 13.40 -18.93 2.32
N THR B 443 13.16 -18.07 3.31
CA THR B 443 14.27 -17.34 3.91
C THR B 443 15.14 -18.21 4.83
N GLU B 444 14.55 -19.25 5.42
CA GLU B 444 15.31 -20.00 6.41
C GLU B 444 16.50 -20.80 5.81
N PRO B 445 16.27 -21.56 4.71
CA PRO B 445 17.42 -22.24 4.11
C PRO B 445 18.52 -21.27 3.68
N LEU B 446 18.13 -20.14 3.11
CA LEU B 446 19.08 -19.09 2.75
C LEU B 446 19.86 -18.66 3.97
N ASP B 447 19.17 -18.38 5.08
CA ASP B 447 19.89 -17.98 6.28
C ASP B 447 20.90 -19.02 6.73
N TRP B 448 20.52 -20.30 6.72
CA TRP B 448 21.42 -21.37 7.16
C TRP B 448 22.62 -21.52 6.21
N PHE B 449 22.36 -21.30 4.92
CA PHE B 449 23.45 -21.35 3.95
C PHE B 449 24.50 -20.28 4.27
N ALA B 450 24.04 -19.04 4.47
CA ALA B 450 24.93 -17.93 4.81
C ALA B 450 25.61 -18.18 6.15
N ALA B 451 24.89 -18.75 7.10
CA ALA B 451 25.46 -19.02 8.41
C ALA B 451 26.56 -20.05 8.38
N PHE B 452 26.38 -21.14 7.63
CA PHE B 452 27.46 -22.11 7.49
C PHE B 452 28.65 -21.54 6.72
N ALA B 453 28.38 -20.74 5.69
CA ALA B 453 29.48 -20.08 4.97
C ALA B 453 30.27 -19.20 5.91
N ASN B 454 29.59 -18.63 6.90
CA ASN B 454 30.23 -17.78 7.91
C ASN B 454 31.15 -18.59 8.80
N ARG B 455 31.01 -19.91 8.76
CA ARG B 455 31.86 -20.72 9.62
C ARG B 455 32.81 -21.57 8.79
N GLY B 456 32.90 -21.25 7.49
CA GLY B 456 33.86 -21.90 6.61
C GLY B 456 33.38 -23.25 6.10
N VAL B 457 32.06 -23.34 5.91
CA VAL B 457 31.42 -24.54 5.40
C VAL B 457 30.53 -24.20 4.20
N THR B 458 30.92 -24.64 3.01
CA THR B 458 30.06 -24.50 1.84
C THR B 458 29.09 -25.68 1.82
N ALA B 459 27.78 -25.41 1.97
CA ALA B 459 26.79 -26.48 2.07
C ALA B 459 26.16 -26.77 0.70
N ASP B 460 25.57 -27.94 0.53
CA ASP B 460 24.82 -28.19 -0.72
C ASP B 460 23.35 -27.91 -0.45
N VAL B 461 22.77 -27.00 -1.22
CA VAL B 461 21.34 -26.75 -1.09
C VAL B 461 20.63 -27.83 -1.89
N THR B 462 19.80 -28.62 -1.22
CA THR B 462 19.20 -29.78 -1.90
C THR B 462 17.67 -29.76 -1.82
N PRO B 463 17.00 -29.95 -2.96
CA PRO B 463 15.53 -30.01 -2.96
C PRO B 463 15.07 -31.22 -2.16
N ILE B 464 13.85 -31.17 -1.64
CA ILE B 464 13.43 -32.11 -0.63
C ILE B 464 13.44 -33.59 -1.11
N HIS B 465 13.26 -33.82 -2.42
CA HIS B 465 13.24 -35.20 -2.92
C HIS B 465 14.62 -35.74 -3.29
N ALA B 466 15.63 -34.87 -3.31
CA ALA B 466 16.99 -35.32 -3.61
C ALA B 466 17.55 -36.06 -2.39
N GLN B 467 18.75 -36.62 -2.51
CA GLN B 467 19.25 -37.58 -1.52
C GLN B 467 20.08 -36.93 -0.40
N TRP B 468 19.44 -35.99 0.30
CA TRP B 468 20.05 -35.30 1.43
C TRP B 468 20.32 -36.26 2.57
N ASP B 469 19.67 -37.43 2.52
CA ASP B 469 19.81 -38.45 3.58
C ASP B 469 21.02 -39.36 3.39
N THR B 470 21.92 -38.96 2.49
CA THR B 470 23.23 -39.59 2.34
C THR B 470 24.35 -38.65 2.85
N TYR B 471 23.97 -37.46 3.35
CA TYR B 471 24.95 -36.47 3.81
C TYR B 471 25.31 -36.68 5.29
N ASP B 472 26.42 -36.12 5.75
CA ASP B 472 26.81 -36.25 7.15
C ASP B 472 25.80 -35.52 8.02
N ALA B 473 25.41 -34.34 7.56
CA ALA B 473 24.43 -33.54 8.29
C ALA B 473 23.41 -32.91 7.35
N VAL B 474 22.23 -32.63 7.89
CA VAL B 474 21.15 -31.95 7.16
C VAL B 474 20.51 -30.85 7.97
N VAL B 475 20.18 -29.75 7.29
CA VAL B 475 19.33 -28.73 7.88
C VAL B 475 17.91 -28.85 7.35
N ILE B 476 16.96 -28.87 8.29
CA ILE B 476 15.54 -28.89 7.97
C ILE B 476 15.00 -27.51 8.37
N PRO B 477 15.03 -26.56 7.43
CA PRO B 477 14.70 -25.16 7.72
C PRO B 477 13.27 -24.81 7.29
N CYS B 478 12.35 -24.74 8.24
CA CYS B 478 10.96 -24.40 7.94
C CYS B 478 10.34 -25.35 6.92
N VAL B 479 10.67 -26.64 7.03
CA VAL B 479 9.99 -27.60 6.18
C VAL B 479 8.63 -27.87 6.79
N TYR B 480 7.70 -26.97 6.46
CA TYR B 480 6.35 -26.96 7.00
C TYR B 480 5.58 -28.28 6.73
N LEU B 481 5.76 -28.83 5.53
CA LEU B 481 5.04 -30.03 5.12
C LEU B 481 5.86 -31.28 5.36
N PHE B 482 5.36 -32.15 6.23
CA PHE B 482 5.97 -33.44 6.46
C PHE B 482 4.98 -34.55 6.19
N SER B 483 5.17 -35.27 5.10
CA SER B 483 4.42 -36.49 4.87
C SER B 483 5.05 -37.55 5.76
N GLU B 484 4.35 -38.68 5.87
CA GLU B 484 4.80 -39.79 6.70
C GLU B 484 6.13 -40.32 6.16
N GLU B 485 6.26 -40.27 4.84
CA GLU B 485 7.50 -40.73 4.21
C GLU B 485 8.66 -39.77 4.50
N MET B 486 8.36 -38.48 4.56
CA MET B 486 9.39 -37.51 4.92
C MET B 486 9.81 -37.75 6.37
N ALA B 487 8.84 -38.00 7.22
CA ALA B 487 9.12 -38.22 8.62
C ALA B 487 10.04 -39.43 8.78
N GLU B 488 9.86 -40.44 7.92
CA GLU B 488 10.65 -41.67 7.96
C GLU B 488 12.07 -41.50 7.48
N ARG B 489 12.23 -40.82 6.35
CA ARG B 489 13.56 -40.57 5.82
C ARG B 489 14.41 -39.90 6.89
N LEU B 490 13.84 -38.86 7.53
CA LEU B 490 14.54 -38.14 8.57
C LEU B 490 14.81 -38.99 9.80
N ARG B 491 13.80 -39.74 10.24
CA ARG B 491 13.95 -40.63 11.40
C ARG B 491 15.06 -41.62 11.16
N THR B 492 15.02 -42.20 9.98
CA THR B 492 16.00 -43.18 9.54
C THR B 492 17.37 -42.53 9.36
N PHE B 493 17.38 -41.31 8.81
CA PHE B 493 18.65 -40.58 8.64
C PHE B 493 19.36 -40.35 9.95
N VAL B 494 18.61 -39.92 10.96
CA VAL B 494 19.22 -39.62 12.25
C VAL B 494 19.61 -40.90 12.97
N ARG B 495 18.77 -41.91 12.88
CA ARG B 495 18.99 -43.18 13.58
C ARG B 495 20.34 -43.78 13.23
N ASN B 496 20.71 -43.65 11.97
CA ASN B 496 21.90 -44.25 11.44
C ASN B 496 23.13 -43.38 11.53
N GLY B 497 23.11 -42.41 12.45
CA GLY B 497 24.30 -41.63 12.69
C GLY B 497 24.25 -40.23 12.11
N GLY B 498 23.15 -39.91 11.44
CA GLY B 498 22.98 -38.57 10.85
C GLY B 498 22.85 -37.43 11.86
N LYS B 499 23.38 -36.26 11.49
CA LYS B 499 23.19 -35.05 12.31
C LYS B 499 22.21 -34.10 11.64
N ALA B 500 21.14 -33.77 12.35
CA ALA B 500 20.13 -32.90 11.77
C ALA B 500 19.95 -31.62 12.59
N PHE B 501 19.74 -30.53 11.87
CA PHE B 501 19.39 -29.25 12.45
C PHE B 501 17.96 -28.98 12.03
N VAL B 502 17.03 -28.93 12.99
CA VAL B 502 15.61 -28.73 12.64
C VAL B 502 15.08 -27.44 13.27
N THR B 503 14.34 -26.64 12.50
CA THR B 503 13.89 -25.33 12.99
C THR B 503 12.38 -25.26 13.21
N TYR B 504 11.94 -24.20 13.91
CA TYR B 504 10.54 -23.80 14.01
C TYR B 504 9.89 -23.90 12.63
N TYR B 505 8.57 -24.12 12.60
CA TYR B 505 7.81 -24.21 11.35
C TYR B 505 8.18 -25.42 10.49
N SER B 506 8.74 -26.46 11.11
CA SER B 506 8.98 -27.70 10.39
C SER B 506 8.01 -28.74 10.88
N ALA B 507 7.55 -29.59 9.96
CA ALA B 507 6.73 -30.75 10.31
C ALA B 507 5.44 -30.31 10.98
N LEU B 508 4.83 -29.29 10.42
CA LEU B 508 3.59 -28.74 10.98
C LEU B 508 2.35 -29.44 10.43
N ALA B 509 2.41 -29.86 9.17
CA ALA B 509 1.24 -30.42 8.49
C ALA B 509 1.65 -31.52 7.51
N ASP B 510 0.67 -32.26 6.99
CA ASP B 510 0.98 -33.29 5.99
C ASP B 510 1.01 -32.68 4.60
N GLU B 511 1.24 -33.53 3.60
CA GLU B 511 1.39 -33.08 2.23
C GLU B 511 0.14 -32.36 1.68
N HIS B 512 -0.98 -32.44 2.41
CA HIS B 512 -2.21 -31.78 2.00
C HIS B 512 -2.50 -30.56 2.92
N ASP B 513 -1.47 -30.09 3.62
CA ASP B 513 -1.59 -28.94 4.52
C ASP B 513 -2.59 -29.21 5.64
N ARG B 514 -2.67 -30.47 6.05
CA ARG B 514 -3.47 -30.85 7.20
C ARG B 514 -2.56 -30.92 8.41
N LEU B 515 -2.84 -30.05 9.37
CA LEU B 515 -2.00 -29.88 10.55
C LEU B 515 -1.91 -31.17 11.34
N HIS B 516 -0.69 -31.51 11.77
CA HIS B 516 -0.48 -32.72 12.56
C HIS B 516 -1.04 -32.57 13.98
N THR B 517 -1.42 -33.67 14.60
CA THR B 517 -2.08 -33.61 15.91
C THR B 517 -1.16 -34.12 17.02
N GLU B 518 -1.63 -33.94 18.25
CA GLU B 518 -0.95 -34.39 19.46
C GLU B 518 0.32 -33.58 19.83
N GLY B 519 0.72 -32.62 18.98
CA GLY B 519 1.85 -31.76 19.28
C GLY B 519 2.84 -31.56 18.15
N TRP B 520 3.61 -30.48 18.18
CA TRP B 520 4.58 -30.20 17.11
C TRP B 520 6.01 -30.28 17.64
N PRO B 521 6.97 -30.62 16.77
CA PRO B 521 6.82 -31.03 15.36
C PRO B 521 6.07 -32.34 15.22
N GLY B 522 5.25 -32.44 14.18
CA GLY B 522 4.40 -33.60 13.97
C GLY B 522 5.24 -34.75 13.48
N LEU B 523 4.81 -35.97 13.83
CA LEU B 523 5.41 -37.22 13.40
C LEU B 523 6.78 -37.51 14.03
N ILE B 524 7.65 -36.51 14.05
CA ILE B 524 9.06 -36.72 14.40
C ILE B 524 9.43 -36.25 15.81
N GLY B 525 8.43 -36.10 16.67
CA GLY B 525 8.66 -35.55 17.99
C GLY B 525 9.56 -36.42 18.83
N ASP B 526 9.55 -37.72 18.56
CA ASP B 526 10.40 -38.69 19.24
C ASP B 526 11.85 -38.50 18.81
N VAL B 527 12.04 -38.22 17.53
CA VAL B 527 13.38 -38.01 17.00
C VAL B 527 13.95 -36.68 17.50
N VAL B 528 13.15 -35.61 17.47
CA VAL B 528 13.59 -34.26 17.81
C VAL B 528 13.73 -34.02 19.31
N GLY B 529 12.81 -34.58 20.09
CA GLY B 529 12.92 -34.56 21.54
C GLY B 529 12.25 -33.36 22.17
N VAL B 530 11.27 -32.83 21.46
CA VAL B 530 10.64 -31.58 21.81
C VAL B 530 9.16 -31.67 21.51
N ARG B 531 8.32 -31.12 22.39
CA ARG B 531 6.88 -31.01 22.11
C ARG B 531 6.39 -29.56 22.21
N ILE B 532 5.76 -29.09 21.13
CA ILE B 532 5.24 -27.73 21.02
C ILE B 532 3.72 -27.76 20.84
N GLU B 533 2.99 -27.01 21.65
CA GLU B 533 1.53 -26.98 21.58
C GLU B 533 0.98 -25.83 20.75
N GLU B 534 1.71 -24.72 20.72
CA GLU B 534 1.39 -23.52 19.94
C GLU B 534 2.62 -22.61 19.72
N HIS B 535 2.49 -21.64 18.82
CA HIS B 535 3.57 -20.71 18.49
C HIS B 535 3.41 -19.40 19.24
N CYS B 536 4.51 -18.65 19.33
CA CYS B 536 4.54 -17.31 19.89
C CYS B 536 5.02 -16.31 18.83
N PRO B 537 4.11 -15.87 17.93
CA PRO B 537 4.51 -14.90 16.89
C PRO B 537 4.95 -13.55 17.46
N LEU B 538 5.81 -12.84 16.73
CA LEU B 538 6.44 -11.62 17.25
C LEU B 538 6.35 -10.48 16.23
N GLY B 539 6.20 -9.24 16.72
CA GLY B 539 6.10 -8.09 15.83
C GLY B 539 5.69 -6.84 16.58
N THR B 540 5.42 -5.77 15.85
CA THR B 540 5.12 -4.50 16.49
C THR B 540 3.83 -3.93 15.94
N LEU B 541 2.95 -4.82 15.48
CA LEU B 541 1.68 -4.45 14.88
C LEU B 541 0.82 -3.54 15.76
N PHE B 542 0.86 -3.77 17.08
CA PHE B 542 0.13 -2.95 18.04
C PHE B 542 1.10 -2.47 19.13
N PRO B 543 0.78 -1.35 19.79
CA PRO B 543 1.67 -0.88 20.87
C PRO B 543 1.88 -1.94 21.97
N GLY B 544 3.10 -2.07 22.47
CA GLY B 544 3.33 -2.95 23.60
C GLY B 544 3.32 -4.42 23.25
N MET B 545 3.13 -4.73 21.98
CA MET B 545 3.14 -6.11 21.50
C MET B 545 4.54 -6.72 21.72
N LEU B 546 4.61 -8.03 21.97
CA LEU B 546 5.92 -8.69 22.10
C LEU B 546 6.60 -8.80 20.73
N ASP B 547 7.73 -8.10 20.54
CA ASP B 547 8.31 -8.00 19.19
C ASP B 547 9.60 -8.79 19.00
N HIS B 548 10.16 -9.34 20.07
CA HIS B 548 11.40 -10.10 19.92
C HIS B 548 11.63 -10.90 21.18
N LEU B 549 12.48 -11.92 21.11
CA LEU B 549 12.89 -12.65 22.31
C LEU B 549 14.40 -12.83 22.37
N ASP B 550 15.02 -12.28 23.42
CA ASP B 550 16.45 -12.50 23.63
C ASP B 550 16.64 -13.98 23.90
N VAL B 551 17.75 -14.51 23.41
CA VAL B 551 18.14 -15.87 23.70
C VAL B 551 19.39 -15.80 24.58
N SER B 552 19.54 -16.75 25.49
CA SER B 552 20.59 -16.63 26.51
C SER B 552 22.03 -16.62 26.00
N ASN B 553 22.25 -16.89 24.72
CA ASN B 553 23.60 -16.98 24.21
C ASN B 553 24.01 -15.72 23.49
N GLY B 554 23.16 -14.70 23.62
CA GLY B 554 23.44 -13.40 23.05
C GLY B 554 22.75 -13.13 21.72
N THR B 555 22.02 -14.12 21.25
CA THR B 555 21.31 -13.94 19.98
C THR B 555 19.89 -13.43 20.26
N VAL B 556 19.20 -13.01 19.21
CA VAL B 556 17.82 -12.57 19.34
C VAL B 556 16.91 -13.21 18.31
N VAL B 557 15.75 -13.70 18.75
CA VAL B 557 14.75 -14.24 17.84
C VAL B 557 13.72 -13.17 17.47
N HIS B 558 13.38 -13.12 16.18
CA HIS B 558 12.33 -12.22 15.69
C HIS B 558 11.23 -12.98 14.95
N ASP B 559 10.09 -12.31 14.74
CA ASP B 559 8.99 -12.80 13.90
C ASP B 559 8.16 -13.97 14.47
N LEU B 560 8.84 -15.02 14.93
CA LEU B 560 8.17 -16.20 15.48
C LEU B 560 9.09 -17.06 16.36
N ALA B 561 8.57 -17.51 17.49
CA ALA B 561 9.26 -18.48 18.32
C ALA B 561 8.28 -19.63 18.61
N ASP B 562 8.79 -20.85 18.79
CA ASP B 562 7.97 -21.96 19.26
C ASP B 562 7.77 -21.83 20.75
N VAL B 563 6.60 -22.24 21.23
CA VAL B 563 6.42 -22.43 22.67
C VAL B 563 6.68 -23.90 22.96
N ILE B 564 7.87 -24.21 23.48
CA ILE B 564 8.20 -25.58 23.82
C ILE B 564 7.65 -25.92 25.20
N ASP B 565 6.71 -26.86 25.23
CA ASP B 565 6.01 -27.20 26.47
C ASP B 565 6.81 -28.16 27.31
N ALA B 566 7.47 -29.09 26.64
CA ALA B 566 8.18 -30.17 27.30
C ALA B 566 9.26 -30.70 26.37
N ILE B 567 10.34 -31.23 26.96
CA ILE B 567 11.40 -31.91 26.21
C ILE B 567 11.58 -33.32 26.76
N ALA B 568 12.17 -34.21 25.97
CA ALA B 568 12.41 -35.57 26.44
C ALA B 568 13.48 -35.60 27.57
N ASP B 569 13.57 -36.71 28.31
CA ASP B 569 14.50 -36.79 29.45
C ASP B 569 15.98 -36.76 29.01
N ASP B 570 16.24 -37.18 27.78
CA ASP B 570 17.60 -37.16 27.27
C ASP B 570 17.80 -35.97 26.33
N THR B 571 16.88 -35.01 26.38
CA THR B 571 17.04 -33.78 25.63
C THR B 571 17.84 -32.79 26.49
N THR B 572 18.86 -32.17 25.88
CA THR B 572 19.69 -31.17 26.54
C THR B 572 19.37 -29.78 26.00
N VAL B 573 19.19 -28.82 26.90
CA VAL B 573 18.91 -27.44 26.51
C VAL B 573 20.22 -26.66 26.34
N LEU B 574 20.46 -26.09 25.17
CA LEU B 574 21.68 -25.31 24.93
C LEU B 574 21.50 -23.82 25.23
N ALA B 575 20.30 -23.31 24.93
CA ALA B 575 19.94 -21.91 25.18
C ALA B 575 18.45 -21.81 25.50
N THR B 576 18.10 -20.84 26.34
CA THR B 576 16.71 -20.59 26.72
C THR B 576 16.30 -19.20 26.27
N PHE B 577 15.00 -18.90 26.30
CA PHE B 577 14.57 -17.54 26.06
C PHE B 577 14.64 -16.70 27.35
N GLU B 578 14.89 -15.40 27.18
CA GLU B 578 14.84 -14.44 28.28
C GLU B 578 13.81 -13.39 27.94
N ALA B 579 12.77 -13.30 28.77
CA ALA B 579 11.71 -12.35 28.52
C ALA B 579 11.06 -11.97 29.83
N ASP B 580 10.17 -10.98 29.77
CA ASP B 580 9.28 -10.65 30.87
C ASP B 580 8.51 -11.92 31.28
N PRO B 581 8.56 -12.26 32.56
CA PRO B 581 7.95 -13.51 33.04
C PRO B 581 6.49 -13.62 32.62
N ALA B 582 5.78 -12.49 32.57
CA ALA B 582 4.37 -12.46 32.19
C ALA B 582 4.06 -13.02 30.81
N THR B 583 5.06 -13.09 29.92
CA THR B 583 4.84 -13.60 28.57
C THR B 583 4.74 -15.12 28.57
N GLY B 584 5.27 -15.73 29.62
CA GLY B 584 5.32 -17.17 29.67
C GLY B 584 6.46 -17.76 28.87
N MET B 585 7.44 -16.95 28.48
CA MET B 585 8.53 -17.45 27.65
C MET B 585 9.85 -17.43 28.37
N ASP B 586 9.88 -16.88 29.57
CA ASP B 586 11.14 -16.76 30.29
C ASP B 586 11.63 -18.13 30.74
N GLY B 587 12.85 -18.47 30.32
CA GLY B 587 13.44 -19.72 30.74
C GLY B 587 13.08 -20.89 29.83
N ARG B 588 12.24 -20.60 28.86
CA ARG B 588 11.76 -21.62 27.95
C ARG B 588 12.83 -21.98 26.95
N ALA B 589 12.82 -23.23 26.50
CA ALA B 589 13.86 -23.74 25.63
C ALA B 589 13.85 -23.04 24.27
N ALA B 590 15.03 -22.61 23.80
CA ALA B 590 15.18 -21.93 22.51
C ALA B 590 16.01 -22.75 21.54
N ILE B 591 17.02 -23.41 22.08
CA ILE B 591 17.85 -24.32 21.30
C ILE B 591 18.06 -25.59 22.10
N THR B 592 17.79 -26.72 21.46
CA THR B 592 17.95 -28.02 22.11
C THR B 592 18.82 -28.95 21.29
N VAL B 593 19.32 -29.98 21.97
CA VAL B 593 20.05 -31.02 21.27
C VAL B 593 19.61 -32.38 21.84
N HIS B 594 19.51 -33.37 20.95
CA HIS B 594 18.87 -34.63 21.32
C HIS B 594 19.48 -35.83 20.55
N PRO B 595 19.98 -36.82 21.29
CA PRO B 595 20.46 -38.07 20.70
C PRO B 595 19.25 -38.91 20.28
N TYR B 596 19.36 -39.54 19.12
CA TYR B 596 18.37 -40.54 18.71
C TYR B 596 19.11 -41.68 18.03
N HIS B 597 19.30 -42.76 18.79
CA HIS B 597 20.16 -43.88 18.38
C HIS B 597 21.57 -43.39 18.08
N GLU B 598 22.04 -43.49 16.84
CA GLU B 598 23.41 -43.07 16.49
C GLU B 598 23.57 -41.57 16.13
N GLY B 599 22.45 -40.86 15.91
CA GLY B 599 22.45 -39.39 15.72
C GLY B 599 21.98 -38.73 17.01
N GLY B 600 21.69 -37.43 17.02
CA GLY B 600 21.88 -36.52 15.92
C GLY B 600 20.90 -35.36 15.69
N VAL B 601 20.17 -34.85 16.70
CA VAL B 601 19.22 -33.73 16.38
C VAL B 601 19.24 -32.41 17.20
N ALA B 602 19.46 -31.29 16.52
CA ALA B 602 19.37 -29.95 17.14
C ALA B 602 18.09 -29.24 16.73
N TYR B 603 17.39 -28.66 17.71
CA TYR B 603 16.16 -27.92 17.41
C TYR B 603 16.29 -26.44 17.71
N ILE B 604 15.91 -25.62 16.75
CA ILE B 604 16.05 -24.18 16.87
C ILE B 604 14.65 -23.59 16.83
N ALA B 605 14.24 -23.02 17.97
CA ALA B 605 12.84 -22.70 18.23
C ALA B 605 12.43 -21.27 17.81
N GLY B 606 13.11 -20.71 16.80
CA GLY B 606 12.80 -19.38 16.35
C GLY B 606 13.67 -18.88 15.21
N LYS B 607 13.29 -17.75 14.63
CA LYS B 607 14.05 -17.20 13.52
C LYS B 607 15.17 -16.33 14.07
N LEU B 608 16.41 -16.79 13.86
CA LEU B 608 17.59 -16.17 14.45
C LEU B 608 18.29 -15.27 13.45
N GLY B 609 17.99 -15.49 12.17
CA GLY B 609 18.63 -14.79 11.07
C GLY B 609 20.03 -15.32 10.80
N ARG B 610 20.60 -14.95 9.66
CA ARG B 610 21.96 -15.34 9.31
C ARG B 610 22.94 -15.20 10.46
N ASP B 611 22.93 -14.05 11.14
CA ASP B 611 23.92 -13.84 12.18
C ASP B 611 23.61 -14.62 13.46
N GLY B 612 22.33 -14.73 13.81
CA GLY B 612 21.95 -15.47 15.00
C GLY B 612 22.32 -16.93 14.90
N ILE B 613 22.10 -17.49 13.71
CA ILE B 613 22.46 -18.87 13.48
C ILE B 613 23.97 -18.96 13.54
N SER B 614 24.65 -18.08 12.81
CA SER B 614 26.12 -18.09 12.82
C SER B 614 26.71 -18.02 14.23
N GLN B 615 26.11 -17.23 15.13
CA GLN B 615 26.60 -17.17 16.51
C GLN B 615 26.38 -18.44 17.28
N SER B 616 25.31 -19.16 16.94
CA SER B 616 24.89 -20.32 17.70
C SER B 616 25.57 -21.58 17.18
N LEU B 617 26.02 -21.51 15.93
CA LEU B 617 26.56 -22.67 15.24
C LEU B 617 27.68 -23.42 15.99
N PRO B 618 28.67 -22.69 16.56
CA PRO B 618 29.70 -23.51 17.23
C PRO B 618 29.17 -24.36 18.36
N GLU B 619 28.28 -23.83 19.20
CA GLU B 619 27.81 -24.59 20.37
C GLU B 619 26.95 -25.75 19.93
N ILE B 620 26.14 -25.52 18.90
CA ILE B 620 25.28 -26.57 18.36
C ILE B 620 26.09 -27.67 17.69
N CYS B 621 27.03 -27.26 16.83
CA CYS B 621 27.83 -28.24 16.10
C CYS B 621 28.69 -29.06 17.06
N ALA B 622 29.11 -28.45 18.16
CA ALA B 622 29.94 -29.17 19.10
C ALA B 622 29.13 -30.28 19.78
N ALA B 623 27.89 -29.99 20.07
CA ALA B 623 27.05 -30.94 20.79
C ALA B 623 26.63 -32.10 19.91
N LEU B 624 26.56 -31.83 18.61
CA LEU B 624 26.16 -32.84 17.62
C LEU B 624 27.34 -33.66 17.14
N GLY B 625 28.55 -33.15 17.42
CA GLY B 625 29.80 -33.77 16.98
C GLY B 625 30.15 -33.45 15.55
N PHE B 626 29.71 -32.28 15.10
CA PHE B 626 30.03 -31.81 13.76
C PHE B 626 31.18 -30.80 13.84
N GLU B 627 32.33 -31.22 13.30
CA GLU B 627 33.58 -30.49 13.44
C GLU B 627 33.58 -29.19 12.63
N LEU B 628 33.89 -28.10 13.33
CA LEU B 628 34.00 -26.80 12.70
C LEU B 628 35.43 -26.33 12.79
N ASP B 629 35.85 -25.62 11.74
CA ASP B 629 37.13 -24.97 11.77
C ASP B 629 37.08 -23.89 12.87
N ALA B 630 38.03 -23.93 13.80
CA ALA B 630 38.04 -23.00 14.94
C ALA B 630 38.62 -21.62 14.61
N ASP B 631 39.23 -21.52 13.43
CA ASP B 631 39.64 -20.26 12.84
C ASP B 631 38.45 -19.28 12.77
N PRO B 632 38.55 -18.14 13.46
CA PRO B 632 37.44 -17.18 13.39
C PRO B 632 37.40 -16.48 12.03
N ARG B 633 38.42 -16.70 11.20
CA ARG B 633 38.49 -16.09 9.88
C ARG B 633 37.88 -17.00 8.82
N ALA B 634 37.27 -18.11 9.29
CA ALA B 634 36.74 -19.13 8.41
C ALA B 634 35.72 -18.61 7.40
N GLY B 635 34.92 -17.63 7.84
CA GLY B 635 33.85 -17.14 7.03
C GLY B 635 34.31 -16.15 5.99
N ASP B 636 35.54 -15.64 6.11
CA ASP B 636 36.00 -14.58 5.20
C ASP B 636 35.90 -14.93 3.73
N VAL B 637 36.19 -16.18 3.39
CA VAL B 637 36.19 -16.55 1.99
C VAL B 637 35.36 -17.80 1.78
N LEU B 638 34.59 -17.79 0.70
CA LEU B 638 33.80 -18.94 0.29
C LEU B 638 34.62 -19.83 -0.65
N ARG B 639 34.81 -21.09 -0.26
CA ARG B 639 35.49 -22.08 -1.11
C ARG B 639 34.50 -23.01 -1.80
N VAL B 640 34.49 -23.00 -3.12
CA VAL B 640 33.62 -23.89 -3.88
C VAL B 640 34.50 -24.85 -4.70
N VAL B 641 34.18 -26.15 -4.62
CA VAL B 641 35.06 -27.16 -5.16
C VAL B 641 34.39 -28.09 -6.16
N ARG B 642 34.89 -28.08 -7.40
CA ARG B 642 34.47 -29.04 -8.42
C ARG B 642 35.53 -30.16 -8.64
N GLU B 643 35.05 -31.38 -8.86
CA GLU B 643 35.89 -32.59 -8.91
C GLU B 643 35.70 -33.33 -10.24
N GLN B 644 36.80 -33.80 -10.85
CA GLN B 644 36.74 -34.69 -12.03
C GLN B 644 36.91 -36.13 -11.59
N GLU B 645 36.56 -37.08 -12.45
CA GLU B 645 36.71 -38.50 -12.13
C GLU B 645 38.17 -38.92 -11.84
N ASP B 646 39.09 -38.40 -12.65
CA ASP B 646 40.53 -38.72 -12.58
C ASP B 646 41.24 -38.29 -11.30
N GLY B 647 40.58 -37.43 -10.50
CA GLY B 647 41.12 -36.93 -9.25
C GLY B 647 41.49 -35.45 -9.29
N ALA B 648 41.35 -34.83 -10.47
CA ALA B 648 41.58 -33.40 -10.61
C ALA B 648 40.56 -32.62 -9.77
N ILE B 649 41.03 -31.53 -9.15
CA ILE B 649 40.19 -30.71 -8.29
C ILE B 649 40.27 -29.23 -8.69
N PHE B 650 39.12 -28.56 -8.80
CA PHE B 650 39.12 -27.12 -9.11
C PHE B 650 38.53 -26.32 -7.96
N GLU B 651 39.38 -25.65 -7.19
CA GLU B 651 38.93 -24.91 -6.01
C GLU B 651 38.78 -23.43 -6.32
N PHE B 652 37.57 -22.91 -6.20
CA PHE B 652 37.37 -21.46 -6.36
C PHE B 652 37.34 -20.75 -5.00
N LEU B 653 37.95 -19.58 -4.95
CA LEU B 653 37.95 -18.77 -3.73
C LEU B 653 37.27 -17.45 -3.99
N PHE B 654 36.29 -17.12 -3.14
CA PHE B 654 35.54 -15.87 -3.26
C PHE B 654 35.60 -15.08 -1.94
N ASN B 655 35.94 -13.79 -2.02
CA ASN B 655 35.89 -12.93 -0.85
C ASN B 655 34.43 -12.69 -0.46
N ARG B 656 34.09 -13.01 0.78
CA ARG B 656 32.74 -12.78 1.26
C ARG B 656 32.56 -11.40 1.93
N THR B 657 33.65 -10.66 2.16
CA THR B 657 33.58 -9.47 3.01
C THR B 657 33.77 -8.17 2.25
N ARG B 658 33.68 -7.06 2.98
CA ARG B 658 33.79 -5.74 2.36
C ARG B 658 35.19 -5.14 2.51
N ASN B 659 36.10 -5.96 2.99
CA ASN B 659 37.50 -5.60 3.14
C ASN B 659 38.40 -6.64 2.51
N THR B 660 39.61 -6.23 2.12
CA THR B 660 40.59 -7.15 1.57
C THR B 660 40.95 -8.21 2.60
N VAL B 661 40.91 -9.46 2.17
CA VAL B 661 41.26 -10.57 3.04
C VAL B 661 42.45 -11.32 2.49
N THR B 662 43.01 -12.14 3.36
CA THR B 662 44.21 -12.88 3.06
C THR B 662 43.99 -14.31 3.54
N ALA B 663 44.35 -15.29 2.71
CA ALA B 663 44.15 -16.69 3.06
C ALA B 663 45.34 -17.54 2.64
N ASP B 664 45.44 -18.72 3.24
CA ASP B 664 46.45 -19.69 2.89
C ASP B 664 46.26 -20.16 1.45
N ARG B 665 47.34 -20.12 0.68
CA ARG B 665 47.32 -20.49 -0.72
C ARG B 665 46.96 -21.95 -0.89
N PRO B 666 45.98 -22.24 -1.76
CA PRO B 666 45.70 -23.63 -2.10
C PRO B 666 46.87 -24.22 -2.89
N ALA B 667 46.94 -25.55 -2.92
CA ALA B 667 47.95 -26.25 -3.71
C ALA B 667 47.51 -26.23 -5.17
N GLY B 668 48.45 -26.15 -6.09
CA GLY B 668 48.12 -26.29 -7.50
C GLY B 668 48.45 -25.09 -8.33
N ASP B 669 47.88 -25.02 -9.53
CA ASP B 669 48.17 -23.90 -10.42
C ASP B 669 47.04 -22.89 -10.38
N MET B 670 47.41 -21.64 -10.20
CA MET B 670 46.45 -20.55 -10.26
C MET B 670 45.99 -20.47 -11.71
N LEU B 671 44.69 -20.50 -11.94
CA LEU B 671 44.14 -20.48 -13.30
C LEU B 671 43.56 -19.12 -13.67
N ILE B 672 42.78 -18.57 -12.75
CA ILE B 672 42.02 -17.35 -12.94
C ILE B 672 42.21 -16.49 -11.70
N CYS B 673 42.28 -15.17 -11.91
CA CYS B 673 42.29 -14.23 -10.79
C CYS B 673 41.66 -12.90 -11.23
N SER B 674 40.72 -12.41 -10.43
CA SER B 674 40.16 -11.09 -10.66
C SER B 674 40.09 -10.39 -9.31
N LEU B 675 40.65 -9.18 -9.24
CA LEU B 675 40.70 -8.44 -7.98
C LEU B 675 41.31 -9.31 -6.90
N ALA B 676 42.35 -10.04 -7.27
CA ALA B 676 42.99 -10.96 -6.35
C ALA B 676 44.46 -11.16 -6.70
N THR B 677 45.19 -11.75 -5.76
CA THR B 677 46.62 -11.83 -5.88
C THR B 677 47.17 -13.19 -5.38
N ASP B 678 48.09 -13.75 -6.15
CA ASP B 678 48.77 -14.98 -5.78
C ASP B 678 50.16 -14.68 -5.20
N SER B 679 50.52 -15.40 -4.14
CA SER B 679 51.85 -15.31 -3.56
C SER B 679 52.27 -16.74 -3.19
N THR B 680 53.44 -16.92 -2.58
CA THR B 680 53.93 -18.28 -2.37
C THR B 680 53.19 -19.03 -1.24
N ASP B 681 53.07 -18.39 -0.08
CA ASP B 681 52.39 -19.03 1.07
C ASP B 681 50.95 -18.54 1.21
N LYS B 682 50.71 -17.27 0.93
CA LYS B 682 49.38 -16.71 1.12
C LYS B 682 48.77 -16.11 -0.14
N VAL B 683 47.45 -15.98 -0.09
CA VAL B 683 46.70 -15.49 -1.21
C VAL B 683 45.91 -14.24 -0.76
N THR B 684 45.70 -13.33 -1.69
CA THR B 684 45.10 -12.04 -1.36
C THR B 684 43.88 -11.78 -2.22
N LEU B 685 42.75 -11.53 -1.57
CA LEU B 685 41.54 -11.21 -2.32
C LEU B 685 40.99 -9.88 -1.88
N GLU B 686 40.86 -8.96 -2.84
CA GLU B 686 40.17 -7.70 -2.62
C GLU B 686 38.67 -7.95 -2.45
N PRO B 687 37.89 -6.92 -2.11
CA PRO B 687 36.44 -7.19 -2.08
C PRO B 687 35.95 -7.60 -3.48
N ASN B 688 35.03 -8.57 -3.54
CA ASN B 688 34.49 -9.06 -4.80
C ASN B 688 35.56 -9.75 -5.66
N GLY B 689 36.61 -10.21 -5.02
CA GLY B 689 37.68 -10.86 -5.73
C GLY B 689 37.41 -12.33 -5.85
N VAL B 690 38.00 -12.95 -6.86
CA VAL B 690 37.85 -14.39 -7.05
C VAL B 690 39.17 -15.03 -7.54
N LEU B 691 39.50 -16.19 -6.97
CA LEU B 691 40.63 -17.00 -7.44
C LEU B 691 40.18 -18.43 -7.76
N ALA B 692 40.78 -19.03 -8.78
CA ALA B 692 40.53 -20.43 -9.09
C ALA B 692 41.87 -21.15 -9.21
N PHE B 693 41.98 -22.29 -8.53
CA PHE B 693 43.19 -23.08 -8.60
C PHE B 693 42.86 -24.47 -9.09
N ARG B 694 43.76 -25.07 -9.90
CA ARG B 694 43.64 -26.47 -10.27
C ARG B 694 44.66 -27.30 -9.50
N ARG B 695 44.17 -28.37 -8.92
CA ARG B 695 44.94 -29.26 -8.08
C ARG B 695 44.65 -30.68 -8.60
N ARG C 8 -0.37 33.79 -29.41
CA ARG C 8 -1.73 34.37 -29.45
C ARG C 8 -1.88 35.60 -28.52
N ALA C 9 -2.69 36.58 -28.96
CA ALA C 9 -2.71 37.93 -28.36
C ALA C 9 -3.19 38.00 -26.90
N HIS C 10 -2.39 38.65 -26.06
CA HIS C 10 -2.74 38.82 -24.65
C HIS C 10 -3.98 39.69 -24.51
N ARG C 11 -4.99 39.22 -23.78
CA ARG C 11 -6.16 40.05 -23.53
C ARG C 11 -6.69 39.94 -22.11
N TRP C 12 -6.52 41.01 -21.35
CA TRP C 12 -6.92 41.06 -19.96
C TRP C 12 -8.39 41.41 -19.79
N PRO C 13 -9.05 40.84 -18.76
CA PRO C 13 -10.44 41.21 -18.46
C PRO C 13 -10.57 42.67 -18.02
N GLN C 14 -11.53 43.39 -18.59
CA GLN C 14 -11.61 44.82 -18.40
C GLN C 14 -12.71 45.22 -17.43
N PRO C 15 -12.57 46.40 -16.79
CA PRO C 15 -13.50 46.81 -15.73
C PRO C 15 -14.95 46.89 -16.19
N LEU C 16 -15.85 46.94 -15.22
CA LEU C 16 -17.23 47.30 -15.53
C LEU C 16 -17.17 48.76 -15.98
N PRO C 17 -18.07 49.11 -16.92
CA PRO C 17 -18.20 50.49 -17.40
C PRO C 17 -18.33 51.46 -16.23
N GLY C 18 -17.50 52.49 -16.24
CA GLY C 18 -17.53 53.49 -15.19
C GLY C 18 -16.44 53.28 -14.16
N ASN C 19 -15.84 52.10 -14.17
CA ASN C 19 -14.79 51.77 -13.21
C ASN C 19 -13.38 51.88 -13.79
N ASP C 20 -12.42 52.26 -12.95
CA ASP C 20 -11.01 52.22 -13.31
C ASP C 20 -10.55 50.74 -13.33
N ARG C 21 -9.36 50.50 -13.89
CA ARG C 21 -8.77 49.16 -13.86
C ARG C 21 -8.20 48.86 -12.46
N LYS C 22 -8.61 47.74 -11.87
CA LYS C 22 -8.17 47.40 -10.53
C LYS C 22 -7.57 45.98 -10.59
N ILE C 23 -6.68 45.65 -9.65
CA ILE C 23 -6.32 44.25 -9.45
C ILE C 23 -7.61 43.47 -9.11
N TRP C 24 -7.88 42.40 -9.86
CA TRP C 24 -9.09 41.63 -9.63
C TRP C 24 -8.99 40.84 -8.33
N PHE C 25 -10.07 40.81 -7.56
CA PHE C 25 -10.09 40.15 -6.26
C PHE C 25 -11.45 39.51 -6.01
N GLY C 26 -11.48 38.19 -5.93
CA GLY C 26 -12.76 37.50 -5.77
C GLY C 26 -12.63 36.00 -5.56
N ALA C 27 -13.65 35.28 -5.99
CA ALA C 27 -13.66 33.83 -5.85
C ALA C 27 -14.76 33.30 -6.75
N ASP C 28 -14.80 31.99 -6.93
CA ASP C 28 -15.95 31.41 -7.62
C ASP C 28 -17.11 31.41 -6.65
N TYR C 29 -18.31 31.62 -7.17
CA TYR C 29 -19.49 31.78 -6.33
C TYR C 29 -20.50 30.81 -6.83
N ASN C 30 -21.26 30.21 -5.91
CA ASN C 30 -22.19 29.14 -6.26
C ASN C 30 -23.65 29.40 -5.81
N PRO C 31 -24.22 30.57 -6.14
CA PRO C 31 -25.55 30.94 -5.62
C PRO C 31 -26.69 29.97 -6.02
N ASP C 32 -26.46 29.13 -7.02
CA ASP C 32 -27.44 28.10 -7.40
C ASP C 32 -27.43 26.90 -6.46
N GLN C 33 -26.63 27.00 -5.40
CA GLN C 33 -26.52 25.97 -4.37
C GLN C 33 -26.86 26.55 -2.99
N TRP C 34 -27.36 27.78 -2.98
CA TRP C 34 -27.87 28.42 -1.76
C TRP C 34 -29.28 28.94 -2.04
N PRO C 35 -30.07 29.14 -0.98
CA PRO C 35 -31.36 29.80 -1.26
C PRO C 35 -31.07 31.21 -1.76
N GLU C 36 -31.97 31.81 -2.53
CA GLU C 36 -31.64 33.10 -3.14
C GLU C 36 -31.58 34.25 -2.14
N ASP C 37 -32.25 34.11 -0.99
CA ASP C 37 -32.33 35.21 -0.02
C ASP C 37 -31.00 35.51 0.65
N VAL C 38 -29.97 34.73 0.28
CA VAL C 38 -28.64 34.84 0.89
C VAL C 38 -27.75 35.88 0.19
N GLN C 39 -28.04 36.10 -1.08
CA GLN C 39 -27.19 36.87 -1.98
C GLN C 39 -26.91 38.32 -1.54
N ASP C 40 -27.89 38.98 -0.91
CA ASP C 40 -27.66 40.34 -0.45
C ASP C 40 -26.57 40.39 0.63
N GLU C 41 -26.57 39.42 1.55
CA GLU C 41 -25.53 39.38 2.58
C GLU C 41 -24.18 39.10 1.97
N ASP C 42 -24.14 38.10 1.09
CA ASP C 42 -22.91 37.75 0.39
C ASP C 42 -22.30 38.96 -0.33
N ILE C 43 -23.12 39.67 -1.07
CA ILE C 43 -22.67 40.84 -1.82
C ILE C 43 -22.17 41.95 -0.91
N ARG C 44 -22.89 42.20 0.19
CA ARG C 44 -22.47 43.22 1.16
C ARG C 44 -21.11 42.87 1.74
N LEU C 45 -20.94 41.59 2.10
CA LEU C 45 -19.67 41.12 2.64
C LEU C 45 -18.59 41.13 1.56
N MET C 46 -18.97 40.82 0.33
CA MET C 46 -18.04 40.93 -0.80
C MET C 46 -17.53 42.36 -0.92
N LYS C 47 -18.46 43.32 -0.97
CA LYS C 47 -18.07 44.72 -1.12
C LYS C 47 -17.19 45.16 0.05
N GLN C 48 -17.51 44.66 1.24
CA GLN C 48 -16.74 45.02 2.43
C GLN C 48 -15.34 44.42 2.36
N ALA C 49 -15.20 43.29 1.68
CA ALA C 49 -13.90 42.64 1.62
C ALA C 49 -13.03 43.25 0.54
N GLY C 50 -13.64 43.99 -0.39
CA GLY C 50 -12.92 44.64 -1.47
C GLY C 50 -12.95 43.76 -2.70
N VAL C 51 -13.92 42.86 -2.72
CA VAL C 51 -14.09 41.92 -3.81
C VAL C 51 -14.76 42.56 -5.00
N ASN C 52 -14.10 42.49 -6.15
CA ASN C 52 -14.59 43.16 -7.37
C ASN C 52 -14.96 42.21 -8.50
N ILE C 53 -14.86 40.91 -8.25
CA ILE C 53 -15.22 39.91 -9.26
C ILE C 53 -15.62 38.59 -8.62
N VAL C 54 -16.44 37.81 -9.31
CA VAL C 54 -16.73 36.45 -8.90
C VAL C 54 -16.75 35.58 -10.14
N SER C 55 -16.55 34.27 -9.99
CA SER C 55 -16.64 33.37 -11.14
C SER C 55 -17.89 32.54 -11.02
N LEU C 56 -18.74 32.56 -12.05
CA LEU C 56 -20.05 31.90 -11.97
C LEU C 56 -20.25 30.77 -12.97
N ALA C 57 -21.18 29.89 -12.60
CA ALA C 57 -21.76 28.88 -13.47
C ALA C 57 -20.82 27.73 -13.81
N ILE C 58 -19.70 27.65 -13.11
CA ILE C 58 -18.68 26.67 -13.42
C ILE C 58 -19.24 25.23 -13.44
N PHE C 59 -20.02 24.86 -12.44
CA PHE C 59 -20.54 23.50 -12.39
C PHE C 59 -22.05 23.51 -12.53
N SER C 60 -22.57 24.54 -13.19
CA SER C 60 -24.00 24.83 -13.14
C SER C 60 -24.82 24.28 -14.32
N TRP C 61 -24.19 23.48 -15.18
CA TRP C 61 -24.85 22.90 -16.35
C TRP C 61 -26.25 22.33 -16.05
N ALA C 62 -26.38 21.49 -15.04
CA ALA C 62 -27.66 20.89 -14.73
C ALA C 62 -28.73 21.91 -14.29
N ASN C 63 -28.30 23.13 -13.98
CA ASN C 63 -29.20 24.19 -13.57
C ASN C 63 -29.47 25.16 -14.71
N ILE C 64 -28.80 24.92 -15.82
CA ILE C 64 -28.99 25.74 -17.01
C ILE C 64 -29.70 24.93 -18.09
N GLU C 65 -29.04 23.90 -18.62
CA GLU C 65 -29.73 22.94 -19.48
C GLU C 65 -30.41 21.87 -18.61
N THR C 66 -31.51 22.27 -17.98
CA THR C 66 -32.20 21.43 -17.00
C THR C 66 -32.74 20.10 -17.55
N SER C 67 -32.95 20.07 -18.86
CA SER C 67 -33.33 18.88 -19.61
C SER C 67 -32.84 19.06 -21.05
N ASP C 68 -32.80 17.98 -21.83
CA ASP C 68 -32.23 18.05 -23.18
C ASP C 68 -32.85 19.13 -24.06
N GLY C 69 -32.02 20.11 -24.44
CA GLY C 69 -32.44 21.18 -25.31
C GLY C 69 -33.01 22.39 -24.58
N ASN C 70 -33.41 22.18 -23.33
CA ASN C 70 -34.10 23.22 -22.57
C ASN C 70 -33.16 24.07 -21.68
N PHE C 71 -32.99 25.33 -22.06
CA PHE C 71 -32.07 26.22 -21.36
C PHE C 71 -32.82 27.31 -20.57
N GLU C 72 -32.51 27.40 -19.28
CA GLU C 72 -33.11 28.40 -18.40
C GLU C 72 -32.01 29.27 -17.82
N PHE C 73 -32.27 30.57 -17.70
CA PHE C 73 -31.23 31.50 -17.27
C PHE C 73 -31.70 32.44 -16.17
N ASP C 74 -32.91 32.23 -15.69
CA ASP C 74 -33.55 33.17 -14.76
C ASP C 74 -32.69 33.43 -13.52
N TRP C 75 -32.35 32.37 -12.79
CA TRP C 75 -31.59 32.50 -11.55
C TRP C 75 -30.26 33.20 -11.80
N LEU C 76 -29.64 32.88 -12.93
CA LEU C 76 -28.30 33.38 -13.20
C LEU C 76 -28.37 34.87 -13.57
N ASP C 77 -29.42 35.25 -14.29
CA ASP C 77 -29.61 36.65 -14.65
C ASP C 77 -29.88 37.49 -13.41
N ARG C 78 -30.68 36.95 -12.49
CA ARG C 78 -30.99 37.66 -11.24
C ARG C 78 -29.73 37.95 -10.42
N VAL C 79 -28.89 36.93 -10.24
CA VAL C 79 -27.69 37.10 -9.42
C VAL C 79 -26.64 37.99 -10.12
N ILE C 80 -26.53 37.87 -11.43
CA ILE C 80 -25.61 38.73 -12.19
C ILE C 80 -26.07 40.19 -12.08
N ASP C 81 -27.39 40.37 -12.10
CA ASP C 81 -27.98 41.69 -11.95
C ASP C 81 -27.61 42.33 -10.60
N LYS C 82 -27.81 41.59 -9.52
CA LYS C 82 -27.43 42.05 -8.18
C LYS C 82 -25.94 42.39 -8.09
N LEU C 83 -25.12 41.51 -8.67
CA LEU C 83 -23.68 41.67 -8.62
C LEU C 83 -23.25 42.88 -9.42
N TYR C 84 -23.90 43.05 -10.58
CA TYR C 84 -23.62 44.18 -11.48
C TYR C 84 -23.93 45.51 -10.81
N LYS C 85 -25.06 45.59 -10.11
CA LYS C 85 -25.44 46.81 -9.42
C LYS C 85 -24.51 47.15 -8.25
N ALA C 86 -23.86 46.14 -7.68
CA ALA C 86 -22.90 46.36 -6.60
C ALA C 86 -21.52 46.66 -7.14
N GLY C 87 -21.34 46.49 -8.44
CA GLY C 87 -20.07 46.85 -9.05
C GLY C 87 -19.10 45.68 -9.08
N ILE C 88 -19.67 44.48 -9.02
CA ILE C 88 -18.90 43.24 -8.97
C ILE C 88 -19.01 42.57 -10.33
N ALA C 89 -17.85 42.36 -10.96
CA ALA C 89 -17.82 41.82 -12.32
C ALA C 89 -18.06 40.32 -12.29
N VAL C 90 -18.37 39.75 -13.44
CA VAL C 90 -18.57 38.31 -13.53
C VAL C 90 -17.62 37.68 -14.54
N ASP C 91 -16.81 36.76 -14.03
CA ASP C 91 -16.02 35.89 -14.87
C ASP C 91 -16.92 34.67 -15.11
N LEU C 92 -17.58 34.64 -16.26
CA LEU C 92 -18.59 33.63 -16.57
C LEU C 92 -17.95 32.36 -17.11
N ALA C 93 -18.47 31.21 -16.69
CA ALA C 93 -17.92 29.96 -17.18
C ALA C 93 -18.70 29.46 -18.38
N SER C 94 -18.09 28.56 -19.15
CA SER C 94 -18.78 27.94 -20.26
C SER C 94 -19.82 27.00 -19.71
N ALA C 95 -19.67 26.64 -18.42
CA ALA C 95 -20.58 25.77 -17.68
C ALA C 95 -20.59 24.31 -18.17
N THR C 96 -19.52 23.90 -18.86
CA THR C 96 -19.48 22.57 -19.45
C THR C 96 -18.71 21.55 -18.61
N ALA C 97 -18.17 22.00 -17.48
CA ALA C 97 -17.27 21.17 -16.70
C ALA C 97 -17.92 19.91 -16.17
N SER C 98 -19.19 20.02 -15.81
CA SER C 98 -19.86 18.94 -15.12
C SER C 98 -21.29 18.69 -15.62
N PRO C 99 -21.43 17.77 -16.59
CA PRO C 99 -22.69 17.41 -17.26
C PRO C 99 -23.78 16.90 -16.31
N PRO C 100 -25.05 17.16 -16.65
CA PRO C 100 -26.20 16.80 -15.81
C PRO C 100 -26.46 15.30 -15.87
N MET C 101 -27.21 14.78 -14.90
CA MET C 101 -27.47 13.35 -14.87
C MET C 101 -28.33 12.84 -16.02
N TRP C 102 -29.22 13.68 -16.55
CA TRP C 102 -30.03 13.25 -17.69
C TRP C 102 -29.13 13.00 -18.90
N LEU C 103 -28.01 13.71 -18.97
CA LEU C 103 -27.11 13.56 -20.11
C LEU C 103 -26.36 12.24 -20.03
N THR C 104 -25.83 11.93 -18.85
CA THR C 104 -25.08 10.68 -18.69
C THR C 104 -26.02 9.49 -18.70
N SER C 105 -27.26 9.69 -18.26
CA SER C 105 -28.21 8.59 -18.17
C SER C 105 -28.74 8.23 -19.56
N ALA C 106 -28.93 9.24 -20.39
CA ALA C 106 -29.39 9.00 -21.75
C ALA C 106 -28.24 8.57 -22.64
N HIS C 107 -27.04 8.99 -22.27
CA HIS C 107 -25.89 8.77 -23.12
C HIS C 107 -24.68 8.32 -22.33
N PRO C 108 -24.70 7.06 -21.87
CA PRO C 108 -23.57 6.52 -21.09
C PRO C 108 -22.29 6.37 -21.89
N GLU C 109 -22.36 6.57 -23.21
CA GLU C 109 -21.18 6.48 -24.05
C GLU C 109 -20.30 7.73 -23.92
N VAL C 110 -20.73 8.68 -23.09
CA VAL C 110 -19.90 9.86 -22.82
C VAL C 110 -19.07 9.63 -21.56
N LEU C 111 -19.39 8.56 -20.84
CA LEU C 111 -18.66 8.25 -19.62
C LEU C 111 -17.30 7.66 -19.97
N ARG C 112 -16.29 8.07 -19.21
CA ARG C 112 -14.91 7.61 -19.38
C ARG C 112 -14.78 6.13 -18.95
N ARG C 113 -13.76 5.44 -19.47
CA ARG C 113 -13.43 4.07 -19.04
C ARG C 113 -12.05 4.11 -18.43
N ASP C 114 -11.81 3.27 -17.43
CA ASP C 114 -10.46 3.14 -16.88
C ASP C 114 -9.71 2.03 -17.63
N GLU C 115 -8.54 1.65 -17.09
CA GLU C 115 -7.67 0.68 -17.75
C GLU C 115 -8.27 -0.72 -17.96
N GLN C 116 -9.26 -1.10 -17.15
CA GLN C 116 -9.83 -2.45 -17.22
C GLN C 116 -11.22 -2.44 -17.86
N GLY C 117 -11.67 -1.26 -18.26
CA GLY C 117 -12.95 -1.13 -18.96
C GLY C 117 -14.08 -0.75 -18.03
N HIS C 118 -13.72 -0.43 -16.79
CA HIS C 118 -14.70 0.01 -15.80
C HIS C 118 -15.24 1.39 -16.10
N VAL C 119 -16.55 1.48 -16.20
CA VAL C 119 -17.19 2.75 -16.41
C VAL C 119 -17.13 3.60 -15.15
N ILE C 120 -16.61 4.82 -15.32
CA ILE C 120 -16.57 5.82 -14.26
C ILE C 120 -18.00 6.29 -14.01
N TRP C 121 -18.48 6.13 -12.78
CA TRP C 121 -19.85 6.50 -12.48
C TRP C 121 -20.00 8.02 -12.37
N PRO C 122 -21.16 8.55 -12.79
CA PRO C 122 -21.41 9.99 -12.62
C PRO C 122 -21.43 10.31 -11.13
N GLY C 123 -21.16 11.56 -10.76
CA GLY C 123 -21.00 11.87 -9.35
C GLY C 123 -19.52 12.03 -9.09
N ALA C 124 -18.72 11.32 -9.89
CA ALA C 124 -17.28 11.55 -9.95
C ALA C 124 -17.04 12.79 -10.79
N ARG C 125 -16.00 13.54 -10.46
CA ARG C 125 -15.74 14.77 -11.18
C ARG C 125 -15.00 14.45 -12.48
N GLN C 126 -15.38 15.13 -13.57
CA GLN C 126 -14.82 14.89 -14.90
C GLN C 126 -14.91 13.43 -15.36
N HIS C 127 -16.14 12.90 -15.36
CA HIS C 127 -16.38 11.52 -15.73
C HIS C 127 -16.65 11.33 -17.22
N TRP C 128 -16.25 12.33 -18.02
CA TRP C 128 -16.54 12.33 -19.45
C TRP C 128 -15.30 12.15 -20.33
N ARG C 129 -15.50 11.50 -21.48
CA ARG C 129 -14.43 11.27 -22.46
C ARG C 129 -14.13 12.55 -23.23
N PRO C 130 -12.90 13.06 -23.10
CA PRO C 130 -12.57 14.28 -23.85
C PRO C 130 -12.66 14.09 -25.38
N THR C 131 -12.64 12.85 -25.84
CA THR C 131 -12.67 12.59 -27.28
C THR C 131 -14.04 12.09 -27.74
N SER C 132 -15.02 12.13 -26.83
CA SER C 132 -16.38 11.75 -27.16
C SER C 132 -17.03 12.74 -28.12
N PRO C 133 -17.40 12.27 -29.32
CA PRO C 133 -18.03 13.16 -30.31
C PRO C 133 -19.42 13.60 -29.83
N THR C 134 -20.15 12.72 -29.16
CA THR C 134 -21.47 13.07 -28.65
C THR C 134 -21.39 14.15 -27.59
N PHE C 135 -20.46 13.99 -26.66
CA PHE C 135 -20.36 14.93 -25.57
C PHE C 135 -19.94 16.27 -26.14
N ARG C 136 -19.10 16.25 -27.17
CA ARG C 136 -18.62 17.48 -27.76
C ARG C 136 -19.78 18.30 -28.34
N THR C 137 -20.73 17.60 -28.96
CA THR C 137 -21.89 18.24 -29.54
C THR C 137 -22.74 18.94 -28.45
N TYR C 138 -23.06 18.20 -27.39
CA TYR C 138 -23.79 18.77 -26.25
C TYR C 138 -23.06 19.98 -25.66
N ALA C 139 -21.77 19.85 -25.45
CA ALA C 139 -21.02 20.90 -24.80
C ALA C 139 -20.96 22.14 -25.67
N LEU C 140 -20.72 21.94 -26.96
CA LEU C 140 -20.58 23.09 -27.86
C LEU C 140 -21.91 23.82 -28.02
N ARG C 141 -23.01 23.09 -27.92
CA ARG C 141 -24.33 23.71 -27.97
C ARG C 141 -24.51 24.60 -26.75
N LEU C 142 -24.09 24.10 -25.59
CA LEU C 142 -24.20 24.85 -24.35
C LEU C 142 -23.34 26.10 -24.40
N CYS C 143 -22.14 26.00 -24.96
CA CYS C 143 -21.29 27.17 -25.12
C CYS C 143 -22.04 28.24 -25.91
N ARG C 144 -22.70 27.80 -26.98
CA ARG C 144 -23.41 28.72 -27.86
C ARG C 144 -24.59 29.36 -27.14
N GLU C 145 -25.41 28.56 -26.48
CA GLU C 145 -26.53 29.09 -25.74
C GLU C 145 -26.08 30.09 -24.67
N MET C 146 -25.00 29.78 -23.96
CA MET C 146 -24.46 30.69 -22.95
C MET C 146 -23.96 31.99 -23.58
N ALA C 147 -23.25 31.85 -24.69
CA ALA C 147 -22.64 33.01 -25.34
C ALA C 147 -23.71 33.90 -25.97
N GLU C 148 -24.73 33.31 -26.58
CA GLU C 148 -25.82 34.09 -27.15
C GLU C 148 -26.52 34.90 -26.07
N HIS C 149 -26.78 34.24 -24.95
CA HIS C 149 -27.60 34.84 -23.91
C HIS C 149 -26.88 35.98 -23.19
N TYR C 150 -25.56 35.90 -23.09
CA TYR C 150 -24.85 36.91 -22.32
C TYR C 150 -24.05 37.84 -23.21
N LYS C 151 -24.25 37.67 -24.52
CA LYS C 151 -23.76 38.60 -25.52
C LYS C 151 -24.16 40.04 -25.17
N ASP C 152 -23.18 40.94 -25.17
CA ASP C 152 -23.41 42.37 -24.91
C ASP C 152 -23.87 42.70 -23.48
N ASN C 153 -23.85 41.73 -22.58
CA ASN C 153 -24.06 42.02 -21.16
C ASN C 153 -22.77 42.60 -20.59
N PRO C 154 -22.88 43.80 -20.01
CA PRO C 154 -21.68 44.51 -19.55
C PRO C 154 -21.14 43.93 -18.24
N ALA C 155 -21.89 43.05 -17.59
CA ALA C 155 -21.43 42.41 -16.35
C ALA C 155 -20.37 41.34 -16.62
N ILE C 156 -20.47 40.68 -17.77
CA ILE C 156 -19.56 39.58 -18.10
C ILE C 156 -18.24 40.12 -18.63
N VAL C 157 -17.15 39.94 -17.88
CA VAL C 157 -15.87 40.51 -18.27
C VAL C 157 -14.81 39.51 -18.76
N SER C 158 -15.10 38.21 -18.62
CA SER C 158 -14.22 37.14 -19.13
C SER C 158 -14.92 35.77 -19.20
N TRP C 159 -14.34 34.85 -19.96
CA TRP C 159 -14.85 33.48 -20.03
C TRP C 159 -13.92 32.53 -19.30
N HIS C 160 -14.51 31.71 -18.44
CA HIS C 160 -13.83 30.67 -17.66
C HIS C 160 -14.24 29.39 -18.36
N VAL C 161 -13.48 28.98 -19.37
CA VAL C 161 -13.87 27.83 -20.20
C VAL C 161 -13.64 26.51 -19.46
N GLY C 162 -14.73 25.74 -19.29
CA GLY C 162 -14.63 24.48 -18.58
C GLY C 162 -14.17 24.68 -17.14
N ASN C 163 -13.46 23.68 -16.62
CA ASN C 163 -12.80 23.79 -15.31
C ASN C 163 -11.69 22.77 -15.14
N GLU C 164 -10.47 23.25 -14.87
CA GLU C 164 -9.33 22.38 -14.55
C GLU C 164 -9.30 21.11 -15.40
N TYR C 165 -9.16 21.24 -16.71
CA TYR C 165 -9.16 20.07 -17.59
C TYR C 165 -8.13 19.04 -17.13
N GLY C 166 -8.51 17.76 -17.18
CA GLY C 166 -7.59 16.69 -16.88
C GLY C 166 -7.14 16.56 -15.43
N CYS C 167 -7.92 17.15 -14.52
CA CYS C 167 -7.72 16.94 -13.08
C CYS C 167 -7.98 15.45 -12.76
N HIS C 168 -8.89 14.83 -13.52
CA HIS C 168 -9.23 13.41 -13.38
C HIS C 168 -9.43 12.65 -14.72
N ASN C 169 -10.04 13.32 -15.69
CA ASN C 169 -10.36 12.69 -16.99
C ASN C 169 -9.20 12.73 -17.98
N TYR C 170 -7.98 12.84 -17.46
CA TYR C 170 -6.78 12.82 -18.27
C TYR C 170 -6.62 11.48 -18.98
N PHE C 171 -6.83 10.38 -18.26
CA PHE C 171 -6.69 9.05 -18.83
C PHE C 171 -8.02 8.37 -19.14
N ASP C 172 -8.35 8.24 -20.42
CA ASP C 172 -9.54 7.54 -20.84
C ASP C 172 -9.12 6.38 -21.73
N TYR C 173 -9.79 5.24 -21.59
CA TYR C 173 -9.43 4.05 -22.35
C TYR C 173 -10.62 3.51 -23.14
N SER C 174 -11.59 4.39 -23.37
CA SER C 174 -12.79 4.05 -24.14
C SER C 174 -12.46 3.84 -25.61
N ASP C 175 -13.44 3.39 -26.38
CA ASP C 175 -13.24 3.16 -27.81
C ASP C 175 -12.86 4.46 -28.53
N ASP C 176 -13.47 5.56 -28.09
CA ASP C 176 -13.22 6.89 -28.68
C ASP C 176 -11.77 7.29 -28.51
N ALA C 177 -11.26 7.01 -27.31
CA ALA C 177 -9.88 7.36 -26.98
C ALA C 177 -8.90 6.49 -27.81
N VAL C 178 -9.24 5.21 -27.97
CA VAL C 178 -8.40 4.28 -28.71
C VAL C 178 -8.23 4.76 -30.16
N GLN C 179 -9.34 5.20 -30.76
CA GLN C 179 -9.29 5.68 -32.13
C GLN C 179 -8.61 7.04 -32.23
N ALA C 180 -8.86 7.90 -31.25
CA ALA C 180 -8.23 9.21 -31.27
C ALA C 180 -6.72 9.08 -31.15
N PHE C 181 -6.28 8.12 -30.34
CA PHE C 181 -4.85 7.94 -30.17
C PHE C 181 -4.21 7.44 -31.45
N ARG C 182 -4.92 6.55 -32.16
CA ARG C 182 -4.47 6.10 -33.48
C ARG C 182 -4.35 7.27 -34.46
N GLU C 183 -5.40 8.08 -34.54
CA GLU C 183 -5.39 9.20 -35.47
C GLU C 183 -4.32 10.22 -35.08
N TRP C 184 -4.15 10.43 -33.79
CA TRP C 184 -3.10 11.29 -33.28
C TRP C 184 -1.74 10.77 -33.74
N CYS C 185 -1.57 9.45 -33.68
CA CYS C 185 -0.30 8.86 -34.09
C CYS C 185 -0.10 8.99 -35.58
N ARG C 186 -1.21 8.85 -36.32
CA ARG C 186 -1.18 9.02 -37.77
C ARG C 186 -0.74 10.43 -38.19
N ASP C 187 -1.33 11.45 -37.56
CA ASP C 187 -0.99 12.83 -37.88
C ASP C 187 0.47 13.13 -37.58
N ARG C 188 0.95 12.60 -36.45
CA ARG C 188 2.30 12.89 -36.00
C ARG C 188 3.39 12.14 -36.77
N TYR C 189 3.09 10.90 -37.16
CA TYR C 189 4.10 10.05 -37.77
C TYR C 189 3.85 9.71 -39.25
N GLY C 190 2.61 9.86 -39.69
CA GLY C 190 2.28 9.65 -41.09
C GLY C 190 2.17 8.19 -41.46
N THR C 191 3.27 7.46 -41.30
CA THR C 191 3.36 6.03 -41.64
C THR C 191 3.74 5.18 -40.42
N ILE C 192 3.27 3.93 -40.41
CA ILE C 192 3.54 3.01 -39.29
C ILE C 192 5.02 2.67 -39.10
N ASP C 193 5.82 2.85 -40.14
CA ASP C 193 7.26 2.62 -40.04
C ASP C 193 7.87 3.66 -39.11
N LYS C 194 7.40 4.90 -39.21
CA LYS C 194 7.96 6.00 -38.42
C LYS C 194 7.53 5.84 -36.97
N VAL C 195 6.36 5.23 -36.76
CA VAL C 195 5.91 4.92 -35.40
C VAL C 195 6.84 3.90 -34.76
N ASN C 196 7.05 2.77 -35.44
CA ASN C 196 7.96 1.75 -34.94
C ASN C 196 9.35 2.30 -34.72
N ALA C 197 9.75 3.26 -35.53
CA ALA C 197 11.07 3.86 -35.40
C ALA C 197 11.13 4.66 -34.12
N ALA C 198 10.03 5.33 -33.80
CA ALA C 198 9.93 6.17 -32.62
C ALA C 198 9.83 5.36 -31.31
N TRP C 199 8.93 4.36 -31.29
CA TRP C 199 8.68 3.58 -30.08
C TRP C 199 9.61 2.38 -29.91
N GLY C 200 10.13 1.86 -31.01
CA GLY C 200 10.90 0.63 -30.97
C GLY C 200 10.03 -0.54 -30.52
N THR C 201 10.67 -1.55 -29.94
CA THR C 201 9.94 -2.70 -29.44
C THR C 201 10.42 -3.05 -28.04
N ASN C 202 9.47 -3.48 -27.20
CA ASN C 202 9.81 -4.15 -25.96
C ASN C 202 10.45 -5.46 -26.40
N PHE C 203 11.46 -5.93 -25.67
CA PHE C 203 12.19 -7.12 -26.10
C PHE C 203 11.31 -8.34 -26.37
N TRP C 204 10.17 -8.44 -25.67
CA TRP C 204 9.32 -9.61 -25.81
C TRP C 204 8.27 -9.51 -26.90
N SER C 205 8.10 -8.34 -27.48
CA SER C 205 7.09 -8.16 -28.50
C SER C 205 7.77 -7.73 -29.80
N GLN C 206 6.98 -7.53 -30.86
CA GLN C 206 7.52 -7.20 -32.18
C GLN C 206 6.88 -5.93 -32.76
N ARG C 207 7.44 -5.44 -33.86
CA ARG C 207 6.96 -4.22 -34.53
C ARG C 207 5.45 -4.24 -34.82
N LEU C 208 4.84 -3.07 -34.99
CA LEU C 208 3.44 -3.01 -35.41
C LEU C 208 3.35 -3.09 -36.93
N ASN C 209 2.26 -3.67 -37.43
CA ASN C 209 2.08 -3.81 -38.87
C ASN C 209 1.16 -2.75 -39.45
N SER C 210 0.26 -2.23 -38.62
CA SER C 210 -0.64 -1.16 -39.04
C SER C 210 -1.03 -0.24 -37.87
N PHE C 211 -1.56 0.94 -38.20
CA PHE C 211 -2.09 1.86 -37.19
C PHE C 211 -3.27 1.24 -36.42
N GLU C 212 -3.96 0.29 -37.04
CA GLU C 212 -5.12 -0.32 -36.43
C GLU C 212 -4.69 -1.27 -35.31
N GLU C 213 -3.41 -1.63 -35.31
CA GLU C 213 -2.84 -2.47 -34.27
C GLU C 213 -2.40 -1.70 -33.02
N ILE C 214 -2.42 -0.36 -33.09
CA ILE C 214 -2.00 0.48 -31.98
C ILE C 214 -3.06 0.50 -30.87
N LEU C 215 -2.65 0.09 -29.67
CA LEU C 215 -3.50 0.18 -28.49
C LEU C 215 -2.83 1.06 -27.46
N PRO C 216 -3.64 1.75 -26.64
CA PRO C 216 -3.06 2.56 -25.57
C PRO C 216 -2.42 1.69 -24.48
N PRO C 217 -1.30 2.17 -23.92
CA PRO C 217 -0.60 1.46 -22.84
C PRO C 217 -1.42 1.42 -21.54
N ARG C 218 -1.34 0.31 -20.80
CA ARG C 218 -2.06 0.18 -19.53
C ARG C 218 -1.09 -0.29 -18.45
N TYR C 219 -1.55 -0.31 -17.20
CA TYR C 219 -0.72 -0.78 -16.07
C TYR C 219 -0.60 -2.32 -16.02
N PHE C 226 5.25 -4.57 -17.86
CA PHE C 226 5.70 -3.25 -18.25
C PHE C 226 5.15 -2.79 -19.61
N THR C 227 5.11 -1.47 -19.79
CA THR C 227 4.56 -0.83 -20.97
C THR C 227 5.70 -0.28 -21.87
N ASN C 228 5.39 0.06 -23.12
CA ASN C 228 6.40 0.65 -24.00
C ASN C 228 6.62 2.12 -23.66
N PRO C 229 7.83 2.45 -23.17
CA PRO C 229 8.09 3.82 -22.69
C PRO C 229 7.88 4.89 -23.78
N GLY C 230 8.29 4.62 -25.01
CA GLY C 230 8.02 5.54 -26.09
C GLY C 230 6.53 5.73 -26.36
N ARG C 231 5.79 4.64 -26.34
CA ARG C 231 4.35 4.71 -26.53
C ARG C 231 3.69 5.42 -25.36
N LEU C 232 4.17 5.13 -24.15
CA LEU C 232 3.60 5.78 -22.95
C LEU C 232 3.84 7.28 -22.98
N LEU C 233 5.06 7.69 -23.38
CA LEU C 233 5.40 9.10 -23.54
C LEU C 233 4.42 9.79 -24.50
N ASP C 234 4.20 9.19 -25.66
CA ASP C 234 3.32 9.80 -26.64
C ASP C 234 1.88 9.75 -26.16
N PHE C 235 1.52 8.69 -25.45
CA PHE C 235 0.15 8.58 -25.00
C PHE C 235 -0.19 9.68 -23.99
N LYS C 236 0.74 9.97 -23.09
CA LYS C 236 0.56 11.10 -22.18
C LYS C 236 0.44 12.41 -22.99
N HIS C 237 1.34 12.58 -23.97
CA HIS C 237 1.33 13.70 -24.89
C HIS C 237 -0.03 13.79 -25.58
N PHE C 238 -0.54 12.66 -26.06
CA PHE C 238 -1.84 12.61 -26.71
C PHE C 238 -2.96 13.08 -25.78
N CYS C 239 -2.89 12.65 -24.53
CA CYS C 239 -3.95 12.96 -23.57
C CYS C 239 -4.06 14.45 -23.34
N SER C 240 -2.91 15.11 -23.30
CA SER C 240 -2.88 16.56 -23.15
C SER C 240 -3.47 17.22 -24.40
N ASP C 241 -3.10 16.71 -25.58
CA ASP C 241 -3.59 17.25 -26.84
C ASP C 241 -5.09 17.04 -27.02
N ALA C 242 -5.59 15.87 -26.59
CA ALA C 242 -7.01 15.59 -26.74
C ALA C 242 -7.83 16.58 -25.93
N LEU C 243 -7.34 16.91 -24.74
CA LEU C 243 -8.05 17.86 -23.90
C LEU C 243 -7.85 19.29 -24.40
N LYS C 244 -6.67 19.56 -24.97
CA LYS C 244 -6.42 20.89 -25.52
C LYS C 244 -7.36 21.19 -26.68
N GLU C 245 -7.53 20.20 -27.56
CA GLU C 245 -8.43 20.34 -28.71
C GLU C 245 -9.85 20.62 -28.27
N PHE C 246 -10.29 19.91 -27.23
CA PHE C 246 -11.64 20.11 -26.72
C PHE C 246 -11.79 21.53 -26.16
N PHE C 247 -10.77 22.01 -25.47
CA PHE C 247 -10.83 23.36 -24.97
C PHE C 247 -10.91 24.35 -26.13
N CYS C 248 -10.12 24.10 -27.18
CA CYS C 248 -10.08 25.02 -28.33
C CYS C 248 -11.42 25.06 -29.04
N ALA C 249 -12.06 23.91 -29.18
CA ALA C 249 -13.36 23.88 -29.83
C ALA C 249 -14.31 24.75 -29.03
N GLU C 250 -14.33 24.56 -27.71
CA GLU C 250 -15.19 25.35 -26.85
C GLU C 250 -14.89 26.84 -26.93
N ARG C 251 -13.61 27.19 -26.92
CA ARG C 251 -13.23 28.60 -26.96
C ARG C 251 -13.66 29.24 -28.28
N ASP C 252 -13.59 28.46 -29.35
CA ASP C 252 -13.88 28.94 -30.69
C ASP C 252 -15.36 29.27 -30.87
N VAL C 253 -16.22 28.52 -30.20
CA VAL C 253 -17.65 28.80 -30.21
C VAL C 253 -17.93 30.13 -29.53
N LEU C 254 -17.27 30.34 -28.40
CA LEU C 254 -17.52 31.52 -27.57
C LEU C 254 -17.01 32.82 -28.19
N SER C 255 -15.84 32.80 -28.82
CA SER C 255 -15.27 34.02 -29.37
C SER C 255 -15.96 34.38 -30.68
N GLU C 256 -16.66 33.41 -31.27
CA GLU C 256 -17.47 33.65 -32.44
C GLU C 256 -18.61 34.58 -32.08
N VAL C 257 -19.32 34.24 -31.00
CA VAL C 257 -20.44 35.03 -30.52
C VAL C 257 -20.04 36.31 -29.78
N THR C 258 -19.00 36.22 -28.96
CA THR C 258 -18.60 37.36 -28.14
C THR C 258 -17.11 37.66 -28.29
N PRO C 259 -16.74 38.20 -29.47
CA PRO C 259 -15.33 38.36 -29.82
C PRO C 259 -14.59 39.39 -28.97
N ASN C 260 -15.30 40.11 -28.11
CA ASN C 260 -14.61 41.10 -27.30
C ASN C 260 -14.38 40.76 -25.83
N ILE C 261 -14.82 39.57 -25.45
CA ILE C 261 -14.66 39.05 -24.09
C ILE C 261 -13.51 38.04 -24.07
N PRO C 262 -12.47 38.32 -23.29
CA PRO C 262 -11.28 37.46 -23.28
C PRO C 262 -11.55 36.09 -22.64
N LEU C 263 -10.90 35.05 -23.17
CA LEU C 263 -11.14 33.68 -22.70
C LEU C 263 -9.91 33.07 -22.03
N THR C 264 -10.18 32.27 -20.99
CA THR C 264 -9.15 31.51 -20.30
C THR C 264 -9.70 30.19 -19.78
N THR C 265 -8.80 29.32 -19.35
CA THR C 265 -9.21 28.16 -18.59
C THR C 265 -8.22 28.05 -17.44
N ASN C 266 -8.66 27.49 -16.31
CA ASN C 266 -7.82 27.46 -15.12
C ASN C 266 -6.83 26.29 -15.12
N PHE C 267 -5.54 26.63 -15.09
CA PHE C 267 -4.47 25.65 -15.07
C PHE C 267 -4.23 25.20 -13.64
N MET C 268 -3.49 24.10 -13.49
CA MET C 268 -3.11 23.61 -12.18
C MET C 268 -1.60 23.50 -12.11
N VAL C 269 -0.91 24.62 -12.28
CA VAL C 269 0.53 24.57 -12.24
C VAL C 269 1.03 24.49 -10.80
N SER C 270 1.72 23.40 -10.47
CA SER C 270 2.47 23.29 -9.20
C SER C 270 3.74 22.50 -9.49
N ALA C 271 4.63 22.40 -8.52
CA ALA C 271 5.91 21.77 -8.78
C ALA C 271 5.76 20.33 -9.25
N SER C 272 4.76 19.62 -8.76
CA SER C 272 4.68 18.19 -9.05
C SER C 272 3.65 17.88 -10.11
N GLN C 273 2.97 18.89 -10.63
CA GLN C 273 1.93 18.59 -11.62
C GLN C 273 2.51 17.88 -12.85
N ASN C 274 1.84 16.81 -13.26
CA ASN C 274 2.42 15.94 -14.27
C ASN C 274 1.42 15.43 -15.30
N THR C 275 0.31 16.15 -15.48
CA THR C 275 -0.68 15.73 -16.49
C THR C 275 -0.63 16.58 -17.76
N LEU C 276 -1.06 17.84 -17.70
CA LEU C 276 -1.13 18.66 -18.93
C LEU C 276 0.16 19.39 -19.27
N ASP C 277 0.48 19.50 -20.56
CA ASP C 277 1.54 20.40 -20.99
C ASP C 277 0.98 21.81 -21.03
N TYR C 278 1.10 22.52 -19.91
CA TYR C 278 0.50 23.84 -19.80
C TYR C 278 1.21 24.91 -20.66
N ASP C 279 2.51 24.74 -20.88
CA ASP C 279 3.21 25.67 -21.75
C ASP C 279 2.65 25.58 -23.16
N ASP C 280 2.35 24.35 -23.58
CA ASP C 280 1.74 24.11 -24.87
C ASP C 280 0.35 24.70 -24.91
N TRP C 281 -0.44 24.42 -23.87
CA TRP C 281 -1.79 24.94 -23.74
C TRP C 281 -1.86 26.48 -23.73
N ALA C 282 -0.80 27.11 -23.24
CA ALA C 282 -0.77 28.55 -23.03
C ALA C 282 -0.91 29.33 -24.34
N HIS C 283 -0.59 28.69 -25.46
CA HIS C 283 -0.70 29.36 -26.76
C HIS C 283 -2.17 29.52 -27.14
N GLU C 284 -3.08 28.87 -26.42
CA GLU C 284 -4.49 28.87 -26.81
C GLU C 284 -5.37 29.68 -25.87
N VAL C 285 -4.76 30.50 -25.02
CA VAL C 285 -5.54 31.32 -24.09
C VAL C 285 -5.27 32.80 -24.31
N ASP C 286 -6.23 33.65 -23.93
CA ASP C 286 -6.03 35.08 -24.05
C ASP C 286 -5.15 35.56 -22.88
N PHE C 287 -5.36 34.96 -21.72
CA PHE C 287 -4.51 35.19 -20.55
C PHE C 287 -4.37 33.93 -19.72
N VAL C 288 -3.20 33.75 -19.14
CA VAL C 288 -2.95 32.56 -18.33
C VAL C 288 -3.57 32.72 -16.96
N SER C 289 -4.39 31.75 -16.56
CA SER C 289 -4.93 31.72 -15.21
C SER C 289 -4.56 30.39 -14.53
N ASN C 290 -4.24 30.45 -13.24
CA ASN C 290 -3.77 29.28 -12.49
C ASN C 290 -4.51 29.06 -11.18
N ASP C 291 -4.66 27.79 -10.80
CA ASP C 291 -5.13 27.40 -9.47
C ASP C 291 -3.96 26.76 -8.71
N HIS C 292 -3.58 27.32 -7.58
CA HIS C 292 -2.47 26.74 -6.81
C HIS C 292 -2.83 26.63 -5.35
N TYR C 293 -2.53 25.47 -4.76
CA TYR C 293 -2.84 25.29 -3.36
C TYR C 293 -1.56 24.93 -2.65
N PHE C 294 -1.39 25.47 -1.44
CA PHE C 294 -0.09 25.44 -0.81
C PHE C 294 0.36 24.04 -0.39
N THR C 295 1.67 23.88 -0.37
CA THR C 295 2.31 22.70 0.13
C THR C 295 2.67 22.97 1.58
N PRO C 296 2.10 22.20 2.50
CA PRO C 296 2.34 22.40 3.93
C PRO C 296 3.80 22.12 4.30
N GLY C 297 4.30 22.75 5.35
CA GLY C 297 5.64 22.50 5.84
C GLY C 297 6.69 23.46 5.30
N SER C 298 7.95 23.01 5.32
CA SER C 298 9.09 23.83 4.90
C SER C 298 9.00 24.34 3.48
N TRP C 299 8.31 23.61 2.62
CA TRP C 299 8.25 23.92 1.19
C TRP C 299 7.13 24.91 0.84
N HIS C 300 6.35 25.29 1.85
CA HIS C 300 5.22 26.22 1.67
C HIS C 300 5.58 27.45 0.82
N ILE C 301 6.57 28.21 1.28
CA ILE C 301 6.96 29.43 0.60
C ILE C 301 7.63 29.14 -0.74
N ASP C 302 8.73 28.37 -0.73
CA ASP C 302 9.51 28.08 -1.93
C ASP C 302 8.72 27.40 -3.06
N GLU C 303 7.84 26.45 -2.73
CA GLU C 303 7.12 25.77 -3.80
C GLU C 303 6.05 26.67 -4.42
N LEU C 304 5.49 27.57 -3.61
CA LEU C 304 4.48 28.48 -4.13
C LEU C 304 5.18 29.48 -5.02
N ALA C 305 6.30 30.01 -4.51
CA ALA C 305 7.09 30.95 -5.27
C ALA C 305 7.51 30.35 -6.61
N TYR C 306 7.93 29.09 -6.57
CA TYR C 306 8.36 28.36 -7.74
C TYR C 306 7.27 28.25 -8.77
N SER C 307 6.11 27.77 -8.34
CA SER C 307 5.00 27.55 -9.24
C SER C 307 4.56 28.86 -9.83
N ALA C 308 4.55 29.90 -9.01
CA ALA C 308 4.14 31.22 -9.48
C ALA C 308 5.18 31.74 -10.48
N SER C 309 6.45 31.49 -10.21
CA SER C 309 7.48 31.87 -11.17
C SER C 309 7.24 31.15 -12.49
N LEU C 310 6.89 29.87 -12.41
CA LEU C 310 6.63 29.07 -13.60
C LEU C 310 5.45 29.60 -14.39
N VAL C 311 4.39 29.98 -13.71
CA VAL C 311 3.23 30.48 -14.41
C VAL C 311 3.63 31.72 -15.23
N ASP C 312 4.40 32.60 -14.62
CA ASP C 312 4.87 33.78 -15.31
C ASP C 312 5.77 33.43 -16.49
N GLY C 313 6.60 32.40 -16.33
CA GLY C 313 7.43 31.93 -17.42
C GLY C 313 6.54 31.40 -18.54
N ILE C 314 5.50 30.66 -18.16
CA ILE C 314 4.54 30.13 -19.11
C ILE C 314 3.81 31.30 -19.79
N SER C 315 3.69 32.40 -19.07
CA SER C 315 2.98 33.58 -19.57
C SER C 315 3.92 34.51 -20.37
N ARG C 316 5.18 34.10 -20.51
CA ARG C 316 6.20 34.90 -21.20
C ARG C 316 6.24 36.29 -20.57
N LYS C 317 6.30 36.31 -19.23
CA LYS C 317 6.33 37.52 -18.44
C LYS C 317 5.10 38.41 -18.60
N LYS C 318 4.08 37.93 -19.30
CA LYS C 318 2.83 38.68 -19.35
C LYS C 318 2.00 38.48 -18.07
N PRO C 319 1.22 39.51 -17.69
CA PRO C 319 0.34 39.39 -16.52
C PRO C 319 -0.56 38.16 -16.60
N TRP C 320 -0.72 37.48 -15.47
CA TRP C 320 -1.52 36.28 -15.43
C TRP C 320 -2.51 36.43 -14.29
N PHE C 321 -3.41 35.47 -14.17
CA PHE C 321 -4.60 35.55 -13.32
C PHE C 321 -4.53 34.41 -12.29
N LEU C 322 -4.59 34.69 -11.00
CA LEU C 322 -4.69 33.59 -10.03
C LEU C 322 -6.16 33.26 -9.81
N MET C 323 -6.62 32.17 -10.41
CA MET C 323 -8.04 31.83 -10.38
C MET C 323 -8.51 31.15 -9.07
N ALA C 324 -7.60 30.43 -8.40
CA ALA C 324 -7.93 29.70 -7.20
C ALA C 324 -6.74 29.45 -6.31
N GLN C 325 -7.03 29.48 -5.01
CA GLN C 325 -6.10 29.10 -3.95
C GLN C 325 -6.96 28.92 -2.71
N SER C 326 -6.35 28.57 -1.58
CA SER C 326 -7.13 28.42 -0.38
C SER C 326 -6.87 29.55 0.61
N THR C 327 -7.90 29.91 1.37
CA THR C 327 -7.75 30.92 2.40
C THR C 327 -7.05 30.29 3.59
N SER C 328 -7.41 29.03 3.86
CA SER C 328 -6.71 28.27 4.88
C SER C 328 -6.51 26.85 4.38
N ALA C 329 -7.05 25.87 5.09
CA ALA C 329 -6.82 24.46 4.74
C ALA C 329 -7.61 24.06 3.52
N VAL C 330 -7.08 23.11 2.76
CA VAL C 330 -7.85 22.45 1.72
C VAL C 330 -8.55 21.22 2.33
N ASN C 331 -9.06 20.32 1.50
CA ASN C 331 -9.83 19.20 2.00
C ASN C 331 -9.44 17.85 1.38
N TRP C 332 -8.45 17.84 0.49
CA TRP C 332 -8.17 16.64 -0.30
C TRP C 332 -6.88 15.88 0.07
N ARG C 333 -6.20 16.28 1.14
CA ARG C 333 -5.05 15.51 1.61
C ARG C 333 -5.40 14.56 2.75
N GLU C 334 -4.43 13.72 3.10
CA GLU C 334 -4.57 12.74 4.15
C GLU C 334 -4.56 13.51 5.48
N ILE C 335 -3.82 14.61 5.49
CA ILE C 335 -3.86 15.57 6.58
C ILE C 335 -3.89 16.97 5.98
N ASN C 336 -4.89 17.77 6.36
CA ASN C 336 -5.05 19.12 5.80
C ASN C 336 -4.76 20.23 6.81
N PRO C 337 -3.50 20.66 6.91
CA PRO C 337 -3.15 21.70 7.88
C PRO C 337 -3.79 23.04 7.51
N ARG C 338 -4.03 23.88 8.50
CA ARG C 338 -4.57 25.20 8.24
C ARG C 338 -3.40 26.14 7.94
N LYS C 339 -3.66 27.29 7.34
CA LYS C 339 -2.59 28.26 7.16
C LYS C 339 -2.29 28.95 8.48
N GLU C 340 -1.02 29.27 8.71
CA GLU C 340 -0.62 29.99 9.90
C GLU C 340 -1.01 31.47 9.72
N PRO C 341 -1.06 32.24 10.82
CA PRO C 341 -1.35 33.68 10.74
C PRO C 341 -0.49 34.39 9.68
N GLY C 342 -1.12 35.22 8.85
CA GLY C 342 -0.41 36.03 7.89
C GLY C 342 -0.13 35.33 6.56
N GLU C 343 -0.28 34.02 6.54
CA GLU C 343 0.00 33.28 5.33
C GLU C 343 -1.03 33.55 4.22
N LEU C 344 -2.28 33.82 4.63
CA LEU C 344 -3.33 34.14 3.67
C LEU C 344 -2.92 35.34 2.79
N ILE C 345 -2.49 36.41 3.45
CA ILE C 345 -2.07 37.60 2.77
C ILE C 345 -0.74 37.39 2.07
N ARG C 346 0.21 36.77 2.78
CA ARG C 346 1.53 36.56 2.20
C ARG C 346 1.48 35.74 0.92
N ASP C 347 0.71 34.67 0.94
CA ASP C 347 0.65 33.80 -0.23
C ASP C 347 0.11 34.57 -1.40
N SER C 348 -0.91 35.38 -1.13
CA SER C 348 -1.52 36.18 -2.18
C SER C 348 -0.50 37.18 -2.73
N MET C 349 0.29 37.76 -1.83
CA MET C 349 1.30 38.69 -2.25
C MET C 349 2.37 38.00 -3.09
N LEU C 350 2.62 36.71 -2.83
CA LEU C 350 3.67 35.98 -3.54
C LEU C 350 3.24 35.75 -4.98
N HIS C 351 1.99 35.36 -5.18
CA HIS C 351 1.47 35.25 -6.54
C HIS C 351 1.55 36.62 -7.22
N LEU C 352 1.09 37.68 -6.54
CA LEU C 352 1.11 39.06 -7.05
C LEU C 352 2.53 39.47 -7.48
N ALA C 353 3.49 39.31 -6.57
CA ALA C 353 4.86 39.65 -6.86
C ALA C 353 5.41 38.86 -8.07
N MET C 354 4.92 37.65 -8.25
CA MET C 354 5.40 36.84 -9.36
C MET C 354 4.66 37.15 -10.66
N GLY C 355 3.85 38.21 -10.66
CA GLY C 355 3.31 38.71 -11.89
C GLY C 355 1.81 38.65 -12.05
N ALA C 356 1.10 38.11 -11.07
CA ALA C 356 -0.36 38.06 -11.15
C ALA C 356 -0.95 39.48 -11.08
N ASP C 357 -2.00 39.74 -11.87
CA ASP C 357 -2.73 40.99 -11.70
C ASP C 357 -4.16 40.65 -11.26
N ALA C 358 -4.36 39.43 -10.78
CA ALA C 358 -5.66 38.99 -10.26
C ALA C 358 -5.44 37.95 -9.18
N ILE C 359 -6.18 38.08 -8.08
CA ILE C 359 -6.08 37.16 -6.95
C ILE C 359 -7.47 36.65 -6.60
N CYS C 360 -7.71 35.39 -6.94
CA CYS C 360 -8.99 34.75 -6.61
C CYS C 360 -8.85 33.51 -5.77
N TYR C 361 -9.96 33.16 -5.14
CA TYR C 361 -10.00 32.02 -4.26
C TYR C 361 -11.03 31.00 -4.73
N PHE C 362 -10.88 29.82 -4.17
CA PHE C 362 -11.94 28.83 -4.14
C PHE C 362 -12.18 28.69 -2.66
N GLN C 363 -13.38 28.99 -2.17
CA GLN C 363 -14.55 29.45 -2.89
C GLN C 363 -14.97 30.70 -2.10
N TRP C 364 -16.07 31.36 -2.45
CA TRP C 364 -16.45 32.56 -1.70
C TRP C 364 -16.95 32.21 -0.29
N ARG C 365 -17.89 31.26 -0.24
CA ARG C 365 -18.60 30.93 0.97
C ARG C 365 -18.51 29.43 1.28
N GLN C 366 -18.04 29.12 2.49
CA GLN C 366 -17.85 27.73 2.89
C GLN C 366 -19.21 27.04 2.95
N SER C 367 -19.21 25.77 2.57
CA SER C 367 -20.42 25.00 2.46
C SER C 367 -20.63 24.15 3.73
N ARG C 368 -21.89 23.84 4.04
CA ARG C 368 -22.24 23.01 5.19
C ARG C 368 -22.25 21.52 4.83
N SER C 369 -22.41 21.24 3.54
CA SER C 369 -22.47 19.86 3.05
C SER C 369 -21.64 19.71 1.77
N GLY C 370 -21.60 18.47 1.27
CA GLY C 370 -20.78 18.17 0.12
C GLY C 370 -19.34 17.87 0.52
N ALA C 371 -18.60 17.24 -0.38
CA ALA C 371 -17.21 16.87 -0.15
C ALA C 371 -16.28 18.05 0.15
N GLU C 372 -16.70 19.26 -0.18
CA GLU C 372 -15.81 20.41 0.00
C GLU C 372 -16.06 21.10 1.34
N LYS C 373 -16.96 20.54 2.15
CA LYS C 373 -17.42 21.23 3.36
C LYS C 373 -16.29 21.65 4.30
N PHE C 374 -15.23 20.86 4.36
CA PHE C 374 -14.10 21.23 5.23
C PHE C 374 -13.04 22.06 4.50
N HIS C 375 -13.30 22.38 3.23
CA HIS C 375 -12.38 23.24 2.48
C HIS C 375 -12.60 24.71 2.88
N SER C 376 -11.53 25.42 3.20
CA SER C 376 -11.68 26.82 3.63
C SER C 376 -12.21 27.70 2.50
N ALA C 377 -12.72 28.86 2.88
CA ALA C 377 -13.30 29.80 1.93
C ALA C 377 -13.01 31.22 2.38
N MET C 378 -13.47 32.19 1.59
CA MET C 378 -13.27 33.58 1.96
C MET C 378 -14.20 33.91 3.11
N LEU C 379 -15.42 33.36 3.05
CA LEU C 379 -16.38 33.50 4.14
C LEU C 379 -16.63 32.14 4.80
N PRO C 380 -15.95 31.88 5.93
CA PRO C 380 -15.99 30.59 6.62
C PRO C 380 -17.34 30.37 7.24
N LEU C 381 -17.65 29.13 7.62
CA LEU C 381 -18.89 28.81 8.35
C LEU C 381 -19.01 29.59 9.66
N ALA C 382 -17.87 29.96 10.25
CA ALA C 382 -17.86 30.78 11.45
C ALA C 382 -18.48 32.15 11.13
N GLY C 383 -18.46 32.51 9.84
CA GLY C 383 -19.16 33.69 9.38
C GLY C 383 -18.31 34.93 9.41
N GLU C 384 -18.97 36.08 9.28
CA GLU C 384 -18.32 37.36 9.24
C GLU C 384 -17.36 37.61 10.41
N HIS C 385 -17.69 37.07 11.58
CA HIS C 385 -16.79 37.24 12.72
C HIS C 385 -15.84 36.05 12.76
N SER C 386 -14.75 36.17 12.01
CA SER C 386 -13.76 35.11 11.86
C SER C 386 -12.44 35.73 11.44
N GLN C 387 -11.33 35.12 11.84
CA GLN C 387 -10.03 35.65 11.52
C GLN C 387 -9.72 35.65 10.01
N ILE C 388 -10.23 34.64 9.31
CA ILE C 388 -10.02 34.56 7.88
C ILE C 388 -10.71 35.72 7.16
N TYR C 389 -11.99 35.92 7.46
CA TYR C 389 -12.72 36.99 6.83
C TYR C 389 -12.09 38.35 7.12
N ARG C 390 -11.66 38.57 8.37
CA ARG C 390 -10.96 39.81 8.71
C ARG C 390 -9.71 39.97 7.86
N ASP C 391 -9.01 38.84 7.64
CA ASP C 391 -7.79 38.84 6.82
C ASP C 391 -8.12 39.03 5.33
N VAL C 392 -9.22 38.43 4.88
CA VAL C 392 -9.68 38.62 3.52
C VAL C 392 -9.94 40.11 3.25
N CYS C 393 -10.62 40.79 4.17
CA CYS C 393 -10.89 42.23 4.05
C CYS C 393 -9.62 43.07 4.01
N ALA C 394 -8.65 42.70 4.85
CA ALA C 394 -7.40 43.42 4.88
C ALA C 394 -6.71 43.25 3.53
N LEU C 395 -6.85 42.05 2.97
CA LEU C 395 -6.25 41.73 1.69
C LEU C 395 -6.87 42.58 0.60
N GLY C 396 -8.20 42.68 0.59
CA GLY C 396 -8.86 43.52 -0.39
C GLY C 396 -8.34 44.95 -0.40
N ALA C 397 -8.14 45.49 0.80
CA ALA C 397 -7.63 46.83 0.99
C ALA C 397 -6.21 46.98 0.45
N ASP C 398 -5.41 45.94 0.67
CA ASP C 398 -4.02 45.92 0.23
C ASP C 398 -3.93 45.87 -1.28
N LEU C 399 -4.87 45.16 -1.90
CA LEU C 399 -4.86 45.03 -3.35
C LEU C 399 -5.33 46.34 -3.96
N ASP C 400 -6.35 46.93 -3.34
CA ASP C 400 -6.80 48.26 -3.73
C ASP C 400 -5.63 49.27 -3.62
N THR C 401 -4.88 49.19 -2.54
CA THR C 401 -3.74 50.08 -2.38
C THR C 401 -2.69 49.88 -3.48
N LEU C 402 -2.42 48.63 -3.84
CA LEU C 402 -1.41 48.32 -4.86
C LEU C 402 -1.90 48.72 -6.25
N SER C 403 -3.22 48.65 -6.44
CA SER C 403 -3.82 49.10 -7.69
C SER C 403 -3.51 50.59 -7.89
N ASP C 404 -3.82 51.41 -6.88
CA ASP C 404 -3.62 52.86 -6.96
C ASP C 404 -2.15 53.23 -7.11
N ALA C 405 -1.25 52.37 -6.69
CA ALA C 405 0.18 52.69 -6.77
C ALA C 405 0.73 52.35 -8.14
N GLY C 406 -0.14 51.77 -8.98
CA GLY C 406 0.19 51.49 -10.36
C GLY C 406 0.97 50.23 -10.61
N ILE C 407 0.58 49.14 -9.97
CA ILE C 407 1.37 47.94 -10.16
C ILE C 407 0.88 47.22 -11.42
N LEU C 408 -0.37 47.48 -11.80
CA LEU C 408 -0.97 46.78 -12.92
C LEU C 408 -0.08 46.73 -14.16
N ARG C 409 -0.11 45.58 -14.84
CA ARG C 409 0.60 45.35 -16.11
C ARG C 409 2.14 45.46 -16.03
N SER C 410 2.69 45.69 -14.85
CA SER C 410 4.15 45.63 -14.70
C SER C 410 4.59 44.18 -14.80
N LYS C 411 5.84 43.99 -15.23
CA LYS C 411 6.33 42.63 -15.49
C LYS C 411 7.32 42.12 -14.45
N LEU C 412 7.26 40.81 -14.17
CA LEU C 412 8.23 40.19 -13.28
C LEU C 412 9.63 40.35 -13.90
N SER C 413 10.51 41.04 -13.19
CA SER C 413 11.82 41.37 -13.74
C SER C 413 12.59 40.13 -14.20
N LYS C 414 13.60 40.35 -15.03
CA LYS C 414 14.35 39.24 -15.60
C LYS C 414 15.44 38.79 -14.66
N ALA C 415 15.40 37.51 -14.32
CA ALA C 415 16.38 36.95 -13.39
C ALA C 415 17.75 36.87 -14.04
N ARG C 416 18.78 36.67 -13.21
CA ARG C 416 20.12 36.41 -13.74
C ARG C 416 20.26 34.95 -14.18
N VAL C 417 19.37 34.10 -13.68
CA VAL C 417 19.44 32.67 -13.99
C VAL C 417 18.06 32.08 -14.19
N ALA C 418 17.91 31.31 -15.27
CA ALA C 418 16.66 30.64 -15.55
C ALA C 418 16.81 29.13 -15.22
N ILE C 419 15.78 28.58 -14.62
CA ILE C 419 15.75 27.16 -14.29
C ILE C 419 14.76 26.46 -15.23
N VAL C 420 15.27 25.54 -16.02
CA VAL C 420 14.45 24.89 -17.04
C VAL C 420 13.52 23.83 -16.47
N GLN C 421 12.24 23.98 -16.76
CA GLN C 421 11.21 23.01 -16.39
C GLN C 421 10.69 22.39 -17.69
N ASP C 422 10.35 21.10 -17.66
CA ASP C 422 9.96 20.41 -18.87
C ASP C 422 9.04 19.25 -18.57
N ILE C 423 7.76 19.46 -18.90
CA ILE C 423 6.75 18.45 -18.63
C ILE C 423 7.07 17.12 -19.34
N GLN C 424 7.59 17.17 -20.57
CA GLN C 424 7.85 15.91 -21.29
C GLN C 424 8.96 15.10 -20.64
N SER C 425 10.02 15.76 -20.18
CA SER C 425 11.04 15.03 -19.46
C SER C 425 10.44 14.42 -18.19
N GLU C 426 9.48 15.13 -17.59
CA GLU C 426 8.84 14.58 -16.42
C GLU C 426 8.12 13.29 -16.77
N TRP C 427 7.32 13.33 -17.83
CA TRP C 427 6.64 12.14 -18.33
C TRP C 427 7.60 10.97 -18.54
N ALA C 428 8.72 11.27 -19.18
CA ALA C 428 9.68 10.22 -19.48
C ALA C 428 10.27 9.63 -18.22
N THR C 429 10.47 10.46 -17.20
CA THR C 429 11.11 9.95 -15.98
C THR C 429 10.14 9.10 -15.16
N GLU C 430 8.86 9.09 -15.56
CA GLU C 430 7.81 8.42 -14.80
C GLU C 430 7.66 6.94 -15.16
N HIS C 431 8.46 6.47 -16.11
CA HIS C 431 8.37 5.09 -16.53
C HIS C 431 8.91 4.12 -15.47
N THR C 432 8.28 2.96 -15.35
CA THR C 432 8.54 2.06 -14.23
C THR C 432 9.82 1.20 -14.34
N ALA C 433 10.55 1.36 -15.46
CA ALA C 433 11.76 0.59 -15.66
C ALA C 433 13.01 1.47 -15.78
N THR C 434 12.95 2.66 -15.20
CA THR C 434 14.12 3.53 -15.17
C THR C 434 15.12 2.98 -14.17
N PRO C 435 16.33 3.59 -14.10
CA PRO C 435 17.27 3.08 -13.10
C PRO C 435 16.72 3.09 -11.66
N THR C 436 15.84 4.04 -11.36
CA THR C 436 15.21 4.09 -10.04
C THR C 436 13.92 4.88 -10.08
N GLN C 437 12.94 4.48 -9.27
CA GLN C 437 11.65 5.18 -9.23
C GLN C 437 11.69 6.43 -8.36
N HIS C 438 12.82 6.64 -7.70
CA HIS C 438 12.99 7.74 -6.77
C HIS C 438 13.56 8.99 -7.45
N ILE C 439 13.77 8.92 -8.76
CA ILE C 439 14.17 10.09 -9.50
C ILE C 439 13.07 10.48 -10.49
N ARG C 440 12.59 11.71 -10.36
CA ARG C 440 11.67 12.28 -11.33
C ARG C 440 12.22 13.64 -11.71
N GLU C 441 11.79 14.16 -12.85
CA GLU C 441 12.30 15.43 -13.30
C GLU C 441 11.89 16.55 -12.34
N TRP C 442 10.65 16.52 -11.89
CA TRP C 442 10.03 17.70 -11.30
C TRP C 442 10.71 18.24 -10.05
N THR C 443 11.36 17.37 -9.28
CA THR C 443 11.99 17.81 -8.05
C THR C 443 13.28 18.57 -8.27
N GLU C 444 13.98 18.30 -9.36
CA GLU C 444 15.28 18.97 -9.52
C GLU C 444 15.16 20.49 -9.78
N PRO C 445 14.28 20.92 -10.70
CA PRO C 445 14.11 22.38 -10.82
C PRO C 445 13.68 23.06 -9.52
N LEU C 446 12.76 22.44 -8.79
CA LEU C 446 12.34 22.99 -7.51
C LEU C 446 13.55 23.15 -6.61
N ASP C 447 14.33 22.08 -6.44
CA ASP C 447 15.51 22.13 -5.59
C ASP C 447 16.48 23.27 -5.96
N TRP C 448 16.68 23.50 -7.26
CA TRP C 448 17.58 24.58 -7.69
C TRP C 448 17.00 25.96 -7.40
N PHE C 449 15.68 26.07 -7.53
CA PHE C 449 15.02 27.33 -7.21
C PHE C 449 15.23 27.69 -5.72
N ALA C 450 15.03 26.71 -4.85
CA ALA C 450 15.20 26.95 -3.42
C ALA C 450 16.66 27.22 -3.06
N ALA C 451 17.57 26.53 -3.72
CA ALA C 451 18.99 26.72 -3.38
C ALA C 451 19.48 28.11 -3.79
N PHE C 452 19.08 28.59 -4.98
CA PHE C 452 19.47 29.96 -5.36
C PHE C 452 18.84 31.00 -4.43
N ALA C 453 17.59 30.76 -4.04
CA ALA C 453 16.90 31.63 -3.08
C ALA C 453 17.68 31.68 -1.78
N ASN C 454 18.33 30.57 -1.44
CA ASN C 454 19.16 30.51 -0.25
C ASN C 454 20.44 31.29 -0.36
N ARG C 455 20.77 31.67 -1.58
CA ARG C 455 21.96 32.46 -1.82
C ARG C 455 21.56 33.86 -2.28
N GLY C 456 20.28 34.16 -2.11
CA GLY C 456 19.75 35.49 -2.31
C GLY C 456 19.50 35.79 -3.76
N VAL C 457 19.19 34.74 -4.53
CA VAL C 457 18.96 34.88 -5.96
C VAL C 457 17.60 34.32 -6.32
N THR C 458 16.71 35.22 -6.72
CA THR C 458 15.40 34.82 -7.20
C THR C 458 15.57 34.45 -8.66
N ALA C 459 15.31 33.20 -8.99
CA ALA C 459 15.48 32.73 -10.37
C ALA C 459 14.15 32.80 -11.12
N ASP C 460 14.20 32.77 -12.45
CA ASP C 460 12.99 32.64 -13.25
C ASP C 460 12.89 31.17 -13.64
N VAL C 461 11.78 30.52 -13.29
CA VAL C 461 11.54 29.15 -13.74
C VAL C 461 10.96 29.27 -15.14
N THR C 462 11.61 28.65 -16.12
CA THR C 462 11.22 28.82 -17.52
C THR C 462 10.96 27.48 -18.20
N PRO C 463 9.81 27.35 -18.85
CA PRO C 463 9.56 26.12 -19.60
C PRO C 463 10.60 25.94 -20.67
N ILE C 464 10.80 24.72 -21.13
CA ILE C 464 11.93 24.44 -22.01
C ILE C 464 11.87 25.24 -23.33
N HIS C 465 10.66 25.58 -23.80
CA HIS C 465 10.51 26.33 -25.06
C HIS C 465 10.54 27.85 -24.85
N ALA C 466 10.61 28.29 -23.61
CA ALA C 466 10.77 29.70 -23.34
C ALA C 466 12.24 30.08 -23.58
N GLN C 467 12.55 31.36 -23.43
CA GLN C 467 13.84 31.87 -23.86
C GLN C 467 14.90 31.87 -22.77
N TRP C 468 15.13 30.72 -22.17
CA TRP C 468 16.13 30.64 -21.11
C TRP C 468 17.52 30.92 -21.66
N ASP C 469 17.69 30.85 -22.98
CA ASP C 469 19.03 31.02 -23.56
C ASP C 469 19.41 32.47 -23.79
N THR C 470 18.61 33.38 -23.23
CA THR C 470 18.93 34.80 -23.24
C THR C 470 19.34 35.26 -21.84
N TYR C 471 19.37 34.33 -20.89
CA TYR C 471 19.67 34.67 -19.51
C TYR C 471 21.19 34.55 -19.30
N ASP C 472 21.74 35.18 -18.27
CA ASP C 472 23.17 35.07 -18.05
C ASP C 472 23.52 33.60 -17.76
N ALA C 473 22.64 32.93 -17.02
CA ALA C 473 22.85 31.54 -16.64
C ALA C 473 21.59 30.71 -16.82
N VAL C 474 21.76 29.40 -17.02
CA VAL C 474 20.63 28.48 -17.12
C VAL C 474 20.91 27.25 -16.28
N VAL C 475 19.86 26.76 -15.62
CA VAL C 475 19.94 25.46 -14.96
C VAL C 475 19.22 24.44 -15.80
N ILE C 476 19.93 23.35 -16.07
CA ILE C 476 19.41 22.21 -16.80
C ILE C 476 19.30 21.07 -15.79
N PRO C 477 18.12 20.94 -15.16
CA PRO C 477 17.88 20.02 -14.04
C PRO C 477 17.11 18.78 -14.47
N CYS C 478 17.81 17.65 -14.59
CA CYS C 478 17.17 16.38 -14.97
C CYS C 478 16.34 16.52 -16.25
N VAL C 479 16.86 17.30 -17.20
CA VAL C 479 16.20 17.41 -18.50
C VAL C 479 16.56 16.17 -19.29
N TYR C 480 15.82 15.11 -18.98
CA TYR C 480 16.02 13.78 -19.50
C TYR C 480 16.03 13.74 -21.03
N LEU C 481 15.11 14.49 -21.64
CA LEU C 481 14.94 14.49 -23.09
C LEU C 481 15.67 15.66 -23.76
N PHE C 482 16.63 15.33 -24.63
CA PHE C 482 17.33 16.33 -25.43
C PHE C 482 17.24 16.01 -26.92
N SER C 483 16.46 16.78 -27.67
CA SER C 483 16.48 16.69 -29.14
C SER C 483 17.77 17.36 -29.63
N GLU C 484 18.10 17.15 -30.90
CA GLU C 484 19.33 17.73 -31.44
C GLU C 484 19.25 19.27 -31.43
N GLU C 485 18.05 19.81 -31.65
CA GLU C 485 17.86 21.25 -31.68
C GLU C 485 18.03 21.80 -30.28
N MET C 486 17.60 21.02 -29.30
CA MET C 486 17.77 21.41 -27.92
C MET C 486 19.26 21.42 -27.59
N ALA C 487 19.96 20.42 -28.12
CA ALA C 487 21.40 20.31 -27.92
C ALA C 487 22.13 21.52 -28.50
N GLU C 488 21.64 22.05 -29.62
CA GLU C 488 22.27 23.18 -30.29
C GLU C 488 22.05 24.48 -29.52
N ARG C 489 20.82 24.72 -29.08
CA ARG C 489 20.52 25.87 -28.23
C ARG C 489 21.44 25.89 -27.03
N LEU C 490 21.59 24.75 -26.36
CA LEU C 490 22.47 24.72 -25.21
C LEU C 490 23.91 24.99 -25.64
N ARG C 491 24.32 24.42 -26.76
CA ARG C 491 25.68 24.61 -27.25
C ARG C 491 25.93 26.07 -27.65
N THR C 492 24.97 26.65 -28.38
CA THR C 492 25.08 28.02 -28.81
C THR C 492 25.12 28.96 -27.60
N PHE C 493 24.26 28.66 -26.61
CA PHE C 493 24.18 29.46 -25.40
C PHE C 493 25.52 29.55 -24.70
N VAL C 494 26.18 28.41 -24.53
CA VAL C 494 27.42 28.38 -23.76
C VAL C 494 28.60 28.97 -24.55
N ARG C 495 28.65 28.66 -25.85
CA ARG C 495 29.72 29.14 -26.73
C ARG C 495 29.76 30.66 -26.72
N ASN C 496 28.57 31.25 -26.73
CA ASN C 496 28.44 32.70 -26.77
C ASN C 496 28.49 33.33 -25.39
N GLY C 497 29.02 32.59 -24.41
CA GLY C 497 29.29 33.14 -23.09
C GLY C 497 28.35 32.75 -21.96
N GLY C 498 27.30 32.00 -22.28
CA GLY C 498 26.36 31.57 -21.25
C GLY C 498 26.96 30.67 -20.18
N LYS C 499 26.45 30.80 -18.95
CA LYS C 499 26.84 29.88 -17.89
C LYS C 499 25.71 28.86 -17.67
N ALA C 500 26.05 27.58 -17.65
CA ALA C 500 25.04 26.53 -17.53
C ALA C 500 25.36 25.61 -16.36
N PHE C 501 24.32 25.24 -15.62
CA PHE C 501 24.41 24.23 -14.57
C PHE C 501 23.68 23.03 -15.10
N VAL C 502 24.39 21.91 -15.25
CA VAL C 502 23.76 20.72 -15.81
C VAL C 502 23.87 19.54 -14.87
N THR C 503 22.76 18.82 -14.67
CA THR C 503 22.70 17.73 -13.68
C THR C 503 22.55 16.34 -14.30
N TYR C 504 22.77 15.33 -13.47
CA TYR C 504 22.40 13.96 -13.77
C TYR C 504 21.01 13.92 -14.38
N TYR C 505 20.72 12.85 -15.14
CA TYR C 505 19.42 12.67 -15.76
C TYR C 505 19.10 13.72 -16.80
N SER C 506 20.13 14.35 -17.34
CA SER C 506 19.93 15.29 -18.43
C SER C 506 20.44 14.62 -19.70
N ALA C 507 19.70 14.80 -20.81
CA ALA C 507 20.16 14.33 -22.12
C ALA C 507 20.41 12.82 -22.17
N LEU C 508 19.47 12.05 -21.65
CA LEU C 508 19.61 10.61 -21.63
C LEU C 508 19.10 10.06 -22.94
N ALA C 509 18.09 10.72 -23.50
CA ALA C 509 17.41 10.22 -24.69
C ALA C 509 16.94 11.39 -25.58
N ASP C 510 16.47 11.07 -26.78
CA ASP C 510 15.91 12.09 -27.66
C ASP C 510 14.41 12.25 -27.41
N GLU C 511 13.74 13.06 -28.23
CA GLU C 511 12.33 13.40 -28.04
C GLU C 511 11.36 12.21 -28.09
N HIS C 512 11.87 11.04 -28.47
CA HIS C 512 11.04 9.85 -28.52
C HIS C 512 11.45 8.83 -27.44
N ASP C 513 12.21 9.28 -26.45
CA ASP C 513 12.67 8.41 -25.37
C ASP C 513 13.59 7.28 -25.91
N ARG C 514 14.31 7.58 -26.98
CA ARG C 514 15.31 6.65 -27.50
C ARG C 514 16.64 7.06 -26.92
N LEU C 515 17.21 6.17 -26.12
CA LEU C 515 18.43 6.49 -25.37
C LEU C 515 19.59 6.83 -26.29
N HIS C 516 20.33 7.87 -25.94
CA HIS C 516 21.49 8.26 -26.73
C HIS C 516 22.63 7.26 -26.58
N THR C 517 23.40 7.09 -27.64
CA THR C 517 24.44 6.07 -27.66
C THR C 517 25.82 6.73 -27.52
N GLU C 518 26.85 5.90 -27.41
CA GLU C 518 28.24 6.35 -27.29
C GLU C 518 28.61 7.02 -25.97
N GLY C 519 27.62 7.23 -25.10
CA GLY C 519 27.89 7.77 -23.77
C GLY C 519 27.01 8.91 -23.33
N TRP C 520 26.92 9.11 -22.02
CA TRP C 520 26.08 10.17 -21.47
C TRP C 520 26.92 11.27 -20.82
N PRO C 521 26.42 12.52 -20.85
CA PRO C 521 25.20 13.00 -21.51
C PRO C 521 25.28 12.92 -23.02
N GLY C 522 24.17 12.61 -23.67
CA GLY C 522 24.11 12.48 -25.11
C GLY C 522 24.12 13.83 -25.80
N LEU C 523 24.69 13.87 -27.00
CA LEU C 523 24.74 15.07 -27.87
C LEU C 523 25.65 16.20 -27.38
N ILE C 524 25.56 16.53 -26.09
CA ILE C 524 26.20 17.73 -25.54
C ILE C 524 27.43 17.44 -24.69
N GLY C 525 28.01 16.25 -24.86
CA GLY C 525 29.15 15.84 -24.07
C GLY C 525 30.35 16.73 -24.33
N ASP C 526 30.37 17.32 -25.52
CA ASP C 526 31.45 18.22 -25.90
C ASP C 526 31.39 19.49 -25.05
N VAL C 527 30.19 20.01 -24.90
CA VAL C 527 29.98 21.22 -24.12
C VAL C 527 30.17 20.96 -22.62
N VAL C 528 29.66 19.84 -22.16
CA VAL C 528 29.65 19.53 -20.74
C VAL C 528 31.03 19.06 -20.27
N GLY C 529 31.70 18.25 -21.09
CA GLY C 529 33.07 17.83 -20.80
C GLY C 529 33.17 16.58 -19.96
N VAL C 530 32.13 15.75 -20.07
CA VAL C 530 31.96 14.62 -19.18
C VAL C 530 31.37 13.42 -19.94
N ARG C 531 31.86 12.22 -19.64
CA ARG C 531 31.28 11.00 -20.20
C ARG C 531 30.88 9.97 -19.14
N ILE C 532 29.62 9.52 -19.23
CA ILE C 532 29.01 8.57 -18.30
C ILE C 532 28.51 7.34 -19.05
N GLU C 533 28.89 6.15 -18.59
CA GLU C 533 28.47 4.88 -19.20
C GLU C 533 27.24 4.25 -18.53
N GLU C 534 27.10 4.46 -17.23
CA GLU C 534 25.93 3.97 -16.49
C GLU C 534 25.72 4.79 -15.21
N HIS C 535 24.57 4.55 -14.57
CA HIS C 535 24.21 5.23 -13.32
C HIS C 535 24.47 4.35 -12.11
N CYS C 536 24.59 5.00 -10.95
CA CYS C 536 24.72 4.32 -9.66
C CYS C 536 23.52 4.67 -8.77
N PRO C 537 22.39 3.98 -8.96
CA PRO C 537 21.21 4.31 -8.13
C PRO C 537 21.47 3.95 -6.67
N LEU C 538 20.82 4.65 -5.75
CA LEU C 538 21.12 4.56 -4.33
C LEU C 538 19.86 4.34 -3.53
N GLY C 539 19.94 3.58 -2.45
CA GLY C 539 18.75 3.36 -1.64
C GLY C 539 18.87 2.31 -0.55
N THR C 540 17.76 2.02 0.10
CA THR C 540 17.76 1.11 1.24
C THR C 540 16.80 -0.05 1.02
N LEU C 541 16.54 -0.37 -0.24
CA LEU C 541 15.63 -1.44 -0.61
C LEU C 541 15.98 -2.82 0.01
N PHE C 542 17.27 -3.14 0.03
CA PHE C 542 17.78 -4.39 0.60
C PHE C 542 18.85 -4.11 1.65
N PRO C 543 19.05 -5.04 2.59
CA PRO C 543 20.11 -4.82 3.59
C PRO C 543 21.47 -4.59 2.93
N GLY C 544 22.23 -3.61 3.41
CA GLY C 544 23.58 -3.39 2.92
C GLY C 544 23.67 -2.72 1.57
N MET C 545 22.53 -2.37 1.01
CA MET C 545 22.54 -1.66 -0.25
C MET C 545 23.24 -0.29 -0.08
N LEU C 546 23.88 0.18 -1.16
CA LEU C 546 24.51 1.50 -1.15
C LEU C 546 23.45 2.60 -1.15
N ASP C 547 23.34 3.35 -0.04
CA ASP C 547 22.21 4.28 0.18
C ASP C 547 22.51 5.76 0.03
N HIS C 548 23.79 6.12 -0.09
CA HIS C 548 24.19 7.51 -0.26
C HIS C 548 25.65 7.60 -0.68
N LEU C 549 26.05 8.75 -1.22
CA LEU C 549 27.47 8.98 -1.48
C LEU C 549 27.90 10.35 -0.97
N ASP C 550 28.80 10.36 0.01
CA ASP C 550 29.35 11.61 0.48
C ASP C 550 30.13 12.28 -0.66
N VAL C 551 30.06 13.61 -0.73
CA VAL C 551 30.81 14.38 -1.71
C VAL C 551 31.88 15.10 -0.92
N SER C 552 33.04 15.34 -1.55
CA SER C 552 34.23 15.86 -0.84
C SER C 552 34.11 17.28 -0.24
N ASN C 553 33.03 17.97 -0.55
CA ASN C 553 32.80 19.34 -0.10
C ASN C 553 31.85 19.40 1.09
N GLY C 554 31.52 18.25 1.67
CA GLY C 554 30.68 18.20 2.85
C GLY C 554 29.21 17.90 2.57
N THR C 555 28.86 17.73 1.30
CA THR C 555 27.49 17.40 0.94
C THR C 555 27.30 15.90 0.73
N VAL C 556 26.06 15.47 0.63
CA VAL C 556 25.74 14.06 0.41
C VAL C 556 24.78 13.92 -0.77
N VAL C 557 25.06 12.96 -1.65
CA VAL C 557 24.15 12.67 -2.75
C VAL C 557 23.28 11.50 -2.32
N HIS C 558 21.99 11.57 -2.67
CA HIS C 558 21.06 10.46 -2.42
C HIS C 558 20.34 10.05 -3.73
N ASP C 559 19.78 8.84 -3.71
CA ASP C 559 18.90 8.33 -4.78
C ASP C 559 19.58 7.93 -6.10
N LEU C 560 20.45 8.78 -6.65
CA LEU C 560 21.13 8.44 -7.89
C LEU C 560 22.37 9.28 -8.08
N ALA C 561 23.45 8.66 -8.54
CA ALA C 561 24.65 9.37 -8.94
C ALA C 561 25.02 8.88 -10.32
N ASP C 562 25.62 9.75 -11.12
CA ASP C 562 26.19 9.30 -12.39
C ASP C 562 27.50 8.57 -12.10
N VAL C 563 27.82 7.57 -12.92
CA VAL C 563 29.19 7.07 -12.87
C VAL C 563 29.96 7.80 -13.96
N ILE C 564 30.75 8.80 -13.56
CA ILE C 564 31.54 9.53 -14.55
C ILE C 564 32.80 8.72 -14.83
N ASP C 565 32.92 8.30 -16.10
CA ASP C 565 34.03 7.45 -16.51
C ASP C 565 35.28 8.27 -16.86
N ALA C 566 35.08 9.40 -17.53
CA ALA C 566 36.19 10.21 -17.98
C ALA C 566 35.74 11.65 -18.21
N ILE C 567 36.67 12.59 -18.03
CA ILE C 567 36.40 14.01 -18.28
C ILE C 567 37.37 14.54 -19.32
N ALA C 568 37.02 15.67 -19.92
CA ALA C 568 37.89 16.30 -20.91
C ALA C 568 39.18 16.86 -20.27
N ASP C 569 40.20 17.13 -21.10
CA ASP C 569 41.50 17.56 -20.59
C ASP C 569 41.39 18.94 -19.93
N ASP C 570 40.41 19.71 -20.36
CA ASP C 570 40.17 21.05 -19.79
C ASP C 570 39.01 21.09 -18.77
N THR C 571 38.54 19.91 -18.37
CA THR C 571 37.52 19.80 -17.32
C THR C 571 38.14 19.81 -15.93
N THR C 572 37.59 20.62 -15.04
CA THR C 572 38.14 20.71 -13.71
C THR C 572 37.20 20.02 -12.73
N VAL C 573 37.77 19.24 -11.82
CA VAL C 573 36.96 18.59 -10.79
C VAL C 573 36.91 19.46 -9.52
N LEU C 574 35.71 19.85 -9.12
CA LEU C 574 35.52 20.65 -7.91
C LEU C 574 35.32 19.74 -6.71
N ALA C 575 34.62 18.62 -6.92
CA ALA C 575 34.33 17.71 -5.82
C ALA C 575 34.26 16.28 -6.30
N THR C 576 34.67 15.36 -5.45
CA THR C 576 34.61 13.96 -5.80
C THR C 576 33.70 13.22 -4.81
N PHE C 577 33.34 11.99 -5.17
CA PHE C 577 32.58 11.16 -4.24
C PHE C 577 33.56 10.51 -3.28
N GLU C 578 33.11 10.27 -2.05
CA GLU C 578 33.91 9.54 -1.07
C GLU C 578 33.08 8.34 -0.69
N ALA C 579 33.64 7.16 -0.87
CA ALA C 579 32.88 5.96 -0.58
C ALA C 579 33.82 4.80 -0.25
N ASP C 580 33.24 3.69 0.19
CA ASP C 580 33.99 2.44 0.26
C ASP C 580 34.57 2.18 -1.14
N PRO C 581 35.90 1.91 -1.20
CA PRO C 581 36.59 1.70 -2.48
C PRO C 581 35.91 0.65 -3.36
N ALA C 582 35.34 -0.37 -2.72
CA ALA C 582 34.66 -1.46 -3.40
C ALA C 582 33.51 -1.04 -4.32
N THR C 583 32.97 0.16 -4.12
CA THR C 583 31.84 0.65 -4.91
C THR C 583 32.28 1.10 -6.29
N GLY C 584 33.58 1.37 -6.45
CA GLY C 584 34.09 1.89 -7.70
C GLY C 584 33.73 3.35 -7.87
N MET C 585 33.29 3.96 -6.77
CA MET C 585 32.83 5.34 -6.79
C MET C 585 33.76 6.24 -6.03
N ASP C 586 34.72 5.65 -5.31
CA ASP C 586 35.64 6.44 -4.51
C ASP C 586 36.61 7.21 -5.41
N GLY C 587 36.65 8.52 -5.21
CA GLY C 587 37.54 9.41 -5.94
C GLY C 587 36.91 9.86 -7.25
N ARG C 588 35.73 9.32 -7.55
CA ARG C 588 35.08 9.64 -8.82
C ARG C 588 34.45 11.03 -8.81
N ALA C 589 34.39 11.66 -9.99
CA ALA C 589 33.91 13.03 -10.07
C ALA C 589 32.42 13.17 -9.71
N ALA C 590 32.11 14.13 -8.86
CA ALA C 590 30.74 14.39 -8.46
C ALA C 590 30.31 15.76 -8.97
N ILE C 591 31.22 16.72 -8.92
CA ILE C 591 30.92 18.05 -9.45
C ILE C 591 32.08 18.53 -10.31
N THR C 592 31.79 18.87 -11.56
CA THR C 592 32.83 19.30 -12.48
C THR C 592 32.51 20.67 -13.06
N VAL C 593 33.54 21.30 -13.59
CA VAL C 593 33.36 22.57 -14.27
C VAL C 593 34.21 22.58 -15.56
N HIS C 594 33.65 23.14 -16.61
CA HIS C 594 34.22 22.94 -17.93
C HIS C 594 33.98 24.14 -18.80
N PRO C 595 35.08 24.76 -19.26
CA PRO C 595 35.05 25.89 -20.21
C PRO C 595 34.66 25.42 -21.59
N TYR C 596 33.79 26.16 -22.26
CA TYR C 596 33.46 25.89 -23.65
C TYR C 596 33.35 27.22 -24.35
N HIS C 597 34.45 27.62 -25.00
CA HIS C 597 34.60 28.95 -25.58
C HIS C 597 34.45 30.02 -24.53
N GLU C 598 33.39 30.83 -24.65
CA GLU C 598 33.18 31.93 -23.72
C GLU C 598 32.39 31.55 -22.44
N GLY C 599 31.77 30.36 -22.42
CA GLY C 599 31.14 29.78 -21.23
C GLY C 599 32.02 28.69 -20.65
N GLY C 600 31.55 27.94 -19.66
CA GLY C 600 30.28 28.15 -19.02
C GLY C 600 29.51 26.89 -18.62
N VAL C 601 30.15 25.74 -18.37
CA VAL C 601 29.35 24.57 -17.97
C VAL C 601 29.81 23.78 -16.73
N ALA C 602 28.97 23.77 -15.71
CA ALA C 602 29.24 22.97 -14.51
C ALA C 602 28.32 21.75 -14.51
N TYR C 603 28.86 20.58 -14.16
CA TYR C 603 28.05 19.36 -14.11
C TYR C 603 27.93 18.81 -12.70
N ILE C 604 26.71 18.45 -12.33
CA ILE C 604 26.41 17.94 -10.99
C ILE C 604 25.90 16.51 -11.10
N ALA C 605 26.69 15.57 -10.59
CA ALA C 605 26.54 14.16 -10.89
C ALA C 605 25.67 13.33 -9.94
N GLY C 606 24.72 13.98 -9.27
CA GLY C 606 23.86 13.30 -8.31
C GLY C 606 22.86 14.27 -7.73
N LYS C 607 21.87 13.72 -7.02
CA LYS C 607 20.83 14.53 -6.40
C LYS C 607 21.33 14.98 -5.05
N LEU C 608 21.57 16.29 -4.92
CA LEU C 608 22.19 16.83 -3.71
C LEU C 608 21.13 17.36 -2.76
N GLY C 609 19.93 17.62 -3.30
CA GLY C 609 18.84 18.20 -2.55
C GLY C 609 19.06 19.69 -2.40
N ARG C 610 18.00 20.40 -1.99
CA ARG C 610 18.03 21.85 -1.78
C ARG C 610 19.28 22.32 -1.04
N ASP C 611 19.61 21.67 0.06
CA ASP C 611 20.71 22.12 0.91
C ASP C 611 22.06 21.81 0.28
N GLY C 612 22.19 20.64 -0.33
CA GLY C 612 23.44 20.24 -0.94
C GLY C 612 23.82 21.15 -2.09
N ILE C 613 22.84 21.54 -2.87
CA ILE C 613 23.08 22.47 -3.95
C ILE C 613 23.46 23.82 -3.35
N SER C 614 22.68 24.27 -2.39
CA SER C 614 22.97 25.50 -1.67
C SER C 614 24.39 25.52 -1.11
N GLN C 615 24.83 24.38 -0.60
CA GLN C 615 26.16 24.30 -0.01
C GLN C 615 27.24 24.35 -1.08
N SER C 616 26.90 23.88 -2.28
CA SER C 616 27.88 23.76 -3.36
C SER C 616 27.93 25.00 -4.20
N LEU C 617 26.88 25.81 -4.10
CA LEU C 617 26.70 26.96 -4.97
C LEU C 617 27.87 27.98 -5.01
N PRO C 618 28.44 28.37 -3.85
CA PRO C 618 29.53 29.36 -3.89
C PRO C 618 30.75 28.90 -4.70
N GLU C 619 31.15 27.64 -4.53
CA GLU C 619 32.32 27.07 -5.21
C GLU C 619 32.05 26.88 -6.70
N ILE C 620 30.84 26.45 -7.04
CA ILE C 620 30.49 26.25 -8.44
C ILE C 620 30.39 27.60 -9.14
N CYS C 621 29.76 28.55 -8.49
CA CYS C 621 29.54 29.89 -9.07
C CYS C 621 30.82 30.71 -9.24
N ALA C 622 31.77 30.52 -8.35
CA ALA C 622 33.03 31.23 -8.44
C ALA C 622 33.81 30.72 -9.65
N ALA C 623 33.75 29.41 -9.88
CA ALA C 623 34.49 28.81 -10.99
C ALA C 623 33.87 29.12 -12.34
N LEU C 624 32.56 29.35 -12.37
CA LEU C 624 31.90 29.74 -13.61
C LEU C 624 31.96 31.24 -13.82
N GLY C 625 32.26 31.97 -12.74
CA GLY C 625 32.28 33.42 -12.78
C GLY C 625 30.89 34.03 -12.62
N PHE C 626 30.04 33.38 -11.85
CA PHE C 626 28.72 33.90 -11.55
C PHE C 626 28.79 34.53 -10.16
N GLU C 627 28.60 35.84 -10.08
CA GLU C 627 28.79 36.54 -8.83
C GLU C 627 27.67 36.22 -7.85
N LEU C 628 28.03 35.83 -6.63
CA LEU C 628 27.04 35.59 -5.58
C LEU C 628 27.24 36.57 -4.45
N ASP C 629 26.16 36.98 -3.81
CA ASP C 629 26.30 37.80 -2.63
C ASP C 629 26.95 36.96 -1.51
N ALA C 630 28.05 37.47 -0.95
CA ALA C 630 28.79 36.71 0.07
C ALA C 630 28.15 36.87 1.45
N ASP C 631 27.16 37.75 1.53
CA ASP C 631 26.30 37.89 2.70
C ASP C 631 25.67 36.51 3.09
N PRO C 632 25.96 36.06 4.33
CA PRO C 632 25.38 34.78 4.78
C PRO C 632 23.89 34.91 5.09
N ARG C 633 23.41 36.15 5.14
CA ARG C 633 22.01 36.43 5.40
C ARG C 633 21.21 36.56 4.09
N ALA C 634 21.86 36.26 2.97
CA ALA C 634 21.25 36.41 1.65
C ALA C 634 19.96 35.60 1.53
N GLY C 635 19.94 34.44 2.17
CA GLY C 635 18.83 33.52 2.05
C GLY C 635 17.62 33.83 2.92
N ASP C 636 17.81 34.68 3.92
CA ASP C 636 16.77 35.02 4.87
C ASP C 636 15.48 35.52 4.21
N VAL C 637 15.60 36.28 3.14
CA VAL C 637 14.42 36.87 2.51
C VAL C 637 14.41 36.73 1.00
N LEU C 638 13.22 36.44 0.48
CA LEU C 638 13.00 36.34 -0.96
C LEU C 638 12.62 37.71 -1.49
N ARG C 639 13.41 38.24 -2.41
CA ARG C 639 13.06 39.50 -3.06
C ARG C 639 12.49 39.25 -4.46
N VAL C 640 11.25 39.68 -4.66
CA VAL C 640 10.61 39.53 -5.94
C VAL C 640 10.26 40.90 -6.49
N VAL C 641 10.63 41.14 -7.74
CA VAL C 641 10.57 42.47 -8.31
C VAL C 641 9.75 42.53 -9.62
N ARG C 642 8.73 43.36 -9.62
CA ARG C 642 7.99 43.69 -10.83
C ARG C 642 8.43 45.06 -11.33
N GLU C 643 8.45 45.24 -12.66
CA GLU C 643 8.99 46.46 -13.24
C GLU C 643 8.01 47.07 -14.25
N GLN C 644 7.82 48.39 -14.18
CA GLN C 644 7.07 49.11 -15.22
C GLN C 644 7.97 49.73 -16.28
N GLU C 645 7.35 50.13 -17.40
CA GLU C 645 8.07 50.82 -18.45
C GLU C 645 8.69 52.13 -17.96
N ASP C 646 7.93 52.92 -17.18
CA ASP C 646 8.43 54.22 -16.73
C ASP C 646 9.66 54.10 -15.82
N GLY C 647 9.98 52.88 -15.40
CA GLY C 647 11.16 52.64 -14.60
C GLY C 647 10.82 52.38 -13.15
N ALA C 648 9.53 52.48 -12.83
CA ALA C 648 9.07 52.18 -11.49
C ALA C 648 9.33 50.69 -11.15
N ILE C 649 9.80 50.46 -9.93
CA ILE C 649 10.16 49.15 -9.45
C ILE C 649 9.32 48.85 -8.23
N PHE C 650 8.71 47.66 -8.23
CA PHE C 650 7.91 47.20 -7.10
C PHE C 650 8.59 46.00 -6.48
N GLU C 651 9.28 46.22 -5.36
CA GLU C 651 10.05 45.18 -4.72
C GLU C 651 9.25 44.56 -3.58
N PHE C 652 8.99 43.26 -3.68
CA PHE C 652 8.37 42.55 -2.57
C PHE C 652 9.41 41.81 -1.76
N LEU C 653 9.27 41.82 -0.44
CA LEU C 653 10.16 41.11 0.46
C LEU C 653 9.40 40.05 1.23
N PHE C 654 9.92 38.82 1.25
CA PHE C 654 9.29 37.75 2.00
C PHE C 654 10.25 37.09 2.99
N ASN C 655 9.82 36.91 4.22
CA ASN C 655 10.64 36.14 5.17
C ASN C 655 10.61 34.66 4.76
N ARG C 656 11.78 34.07 4.55
CA ARG C 656 11.85 32.66 4.14
C ARG C 656 11.98 31.74 5.36
N THR C 657 12.20 32.34 6.52
CA THR C 657 12.56 31.56 7.69
C THR C 657 11.50 31.48 8.79
N ARG C 658 11.81 30.72 9.82
CA ARG C 658 10.87 30.49 10.93
C ARG C 658 11.16 31.44 12.09
N ASN C 659 12.00 32.43 11.84
CA ASN C 659 12.33 33.47 12.81
C ASN C 659 12.16 34.85 12.23
N THR C 660 11.97 35.84 13.09
CA THR C 660 11.90 37.22 12.64
C THR C 660 13.25 37.65 12.03
N VAL C 661 13.24 38.26 10.85
CA VAL C 661 14.50 38.75 10.31
C VAL C 661 14.53 40.26 10.13
N THR C 662 15.73 40.75 9.97
CA THR C 662 15.97 42.16 9.89
C THR C 662 16.79 42.31 8.62
N ALA C 663 16.40 43.26 7.77
CA ALA C 663 17.07 43.44 6.48
C ALA C 663 17.30 44.91 6.17
N ASP C 664 18.22 45.21 5.24
CA ASP C 664 18.40 46.59 4.79
C ASP C 664 17.17 47.10 4.07
N ARG C 665 16.76 48.32 4.43
CA ARG C 665 15.55 48.91 3.87
C ARG C 665 15.68 49.20 2.38
N PRO C 666 14.73 48.69 1.59
CA PRO C 666 14.75 49.10 0.19
C PRO C 666 14.55 50.59 0.12
N ALA C 667 14.99 51.21 -0.96
CA ALA C 667 14.71 52.62 -1.16
C ALA C 667 13.29 52.73 -1.71
N GLY C 668 12.57 53.79 -1.36
CA GLY C 668 11.26 54.03 -1.95
C GLY C 668 10.11 54.11 -0.96
N ASP C 669 8.87 54.02 -1.45
CA ASP C 669 7.71 54.17 -0.58
C ASP C 669 7.13 52.83 -0.15
N MET C 670 6.90 52.65 1.15
CA MET C 670 6.26 51.43 1.62
C MET C 670 4.81 51.42 1.17
N LEU C 671 4.40 50.36 0.49
CA LEU C 671 3.04 50.24 -0.03
C LEU C 671 2.20 49.33 0.86
N ILE C 672 2.76 48.16 1.20
CA ILE C 672 2.04 47.10 1.90
C ILE C 672 2.92 46.53 3.00
N CYS C 673 2.31 46.13 4.12
CA CYS C 673 3.03 45.42 5.19
C CYS C 673 2.10 44.50 5.96
N SER C 674 2.56 43.27 6.15
CA SER C 674 1.86 42.26 6.92
C SER C 674 2.88 41.51 7.77
N LEU C 675 2.66 41.51 9.09
CA LEU C 675 3.60 40.89 10.02
C LEU C 675 5.03 41.42 9.77
N ALA C 676 5.12 42.71 9.48
CA ALA C 676 6.39 43.33 9.15
C ALA C 676 6.43 44.80 9.54
N THR C 677 7.63 45.35 9.59
CA THR C 677 7.83 46.67 10.15
C THR C 677 8.82 47.53 9.35
N ASP C 678 8.43 48.76 9.06
CA ASP C 678 9.28 49.71 8.35
C ASP C 678 9.99 50.60 9.35
N SER C 679 11.28 50.83 9.13
CA SER C 679 12.07 51.75 9.93
C SER C 679 12.96 52.53 8.97
N THR C 680 13.80 53.43 9.47
CA THR C 680 14.59 54.26 8.56
C THR C 680 15.74 53.49 7.89
N ASP C 681 16.52 52.76 8.69
CA ASP C 681 17.72 52.09 8.18
C ASP C 681 17.48 50.63 7.84
N LYS C 682 16.69 49.97 8.67
CA LYS C 682 16.45 48.56 8.50
C LYS C 682 14.98 48.27 8.38
N VAL C 683 14.68 47.08 7.90
CA VAL C 683 13.30 46.65 7.78
C VAL C 683 13.17 45.37 8.64
N THR C 684 11.96 45.11 9.14
CA THR C 684 11.71 43.93 9.98
C THR C 684 10.56 43.10 9.44
N LEU C 685 10.83 41.80 9.22
CA LEU C 685 9.76 40.87 8.84
C LEU C 685 9.66 39.72 9.81
N GLU C 686 8.48 39.54 10.39
CA GLU C 686 8.22 38.37 11.20
C GLU C 686 8.13 37.15 10.27
N PRO C 687 8.06 35.94 10.86
CA PRO C 687 7.83 34.77 10.03
C PRO C 687 6.55 34.98 9.26
N ASN C 688 6.56 34.57 8.00
CA ASN C 688 5.42 34.74 7.10
C ASN C 688 5.10 36.20 6.82
N GLY C 689 6.06 37.08 7.04
CA GLY C 689 5.85 38.49 6.79
C GLY C 689 6.13 38.88 5.34
N VAL C 690 5.50 39.96 4.92
CA VAL C 690 5.73 40.47 3.57
C VAL C 690 5.70 42.01 3.57
N LEU C 691 6.63 42.61 2.84
CA LEU C 691 6.64 44.06 2.61
C LEU C 691 6.67 44.36 1.12
N ALA C 692 6.03 45.45 0.70
CA ALA C 692 6.12 45.91 -0.70
C ALA C 692 6.55 47.37 -0.76
N PHE C 693 7.52 47.65 -1.63
CA PHE C 693 8.00 49.01 -1.84
C PHE C 693 7.93 49.48 -3.29
N ARG C 694 7.66 50.77 -3.51
CA ARG C 694 7.85 51.35 -4.83
C ARG C 694 9.03 52.31 -4.88
N ARG C 695 9.91 52.07 -5.84
CA ARG C 695 11.07 52.91 -6.04
C ARG C 695 11.23 53.19 -7.52
O1 PG4 D . -16.97 24.61 38.41
C1 PG4 D . -16.51 24.94 37.09
C2 PG4 D . -15.56 26.14 37.05
O2 PG4 D . -14.40 25.92 37.86
C3 PG4 D . -13.44 26.98 37.83
C4 PG4 D . -12.20 26.63 38.67
O3 PG4 D . -12.56 25.90 39.88
C5 PG4 D . -11.52 25.66 40.84
C6 PG4 D . -12.03 24.65 41.88
O4 PG4 D . -13.44 24.37 41.73
C7 PG4 D . -13.95 23.31 42.56
C8 PG4 D . -15.49 23.34 42.76
O5 PG4 D . -16.31 23.14 41.58
C1 PGE E . -29.74 0.98 33.85
O1 PGE E . -30.76 0.82 32.84
C2 PGE E . -28.57 1.82 33.31
O2 PGE E . -28.83 3.22 33.42
C3 PGE E . -28.04 3.90 34.41
C4 PGE E . -29.00 4.42 35.48
O4 PGE E . -31.41 7.63 37.38
C6 PGE E . -30.49 6.57 37.04
C5 PGE E . -31.04 5.58 35.99
O3 PGE E . -30.04 5.28 34.99
C1 PEG F . -7.68 -2.33 17.11
O1 PEG F . -7.76 -1.44 15.97
C2 PEG F . -7.69 -1.63 18.49
O2 PEG F . -6.57 -0.74 18.73
C3 PEG F . -6.75 0.05 19.92
C4 PEG F . -5.59 1.00 20.22
O4 PEG F . -5.55 2.14 19.33
C1 PEG G . -19.37 30.84 22.39
O1 PEG G . -20.79 30.64 22.49
C2 PEG G . -18.80 31.42 23.68
O2 PEG G . -17.67 32.24 23.38
C3 PEG G . -17.80 33.54 23.98
C4 PEG G . -16.73 34.51 23.49
O4 PEG G . -16.84 35.77 24.19
C1 PEG H . -29.62 -15.00 43.26
O1 PEG H . -29.00 -16.30 43.16
C2 PEG H . -30.29 -14.58 41.96
O2 PEG H . -31.27 -13.56 42.22
C3 PEG H . -32.19 -13.46 41.14
C4 PEG H . -33.62 -13.23 41.60
O4 PEG H . -34.53 -13.76 40.62
C1 PEG I . -37.85 -19.99 -5.62
O1 PEG I . -37.17 -18.74 -5.87
C2 PEG I . -37.67 -20.42 -4.17
O2 PEG I . -38.78 -21.25 -3.78
C3 PEG I . -39.08 -21.12 -2.39
C4 PEG I . -40.58 -21.25 -2.13
O4 PEG I . -41.12 -22.39 -2.81
ZN ZN J . -13.57 -5.33 -13.44
C1 PEG K . 17.57 -11.71 0.99
O1 PEG K . 16.61 -12.01 2.01
C2 PEG K . 17.13 -12.17 -0.41
O2 PEG K . 16.21 -11.26 -1.04
C3 PEG K . 15.65 -11.81 -2.25
C4 PEG K . 14.55 -10.93 -2.87
O4 PEG K . 13.33 -10.86 -2.10
C1 PGE L . 18.75 -23.66 -42.77
O1 PGE L . 19.14 -25.03 -43.01
C2 PGE L . 19.81 -22.62 -43.15
O2 PGE L . 21.02 -22.74 -42.36
C3 PGE L . 21.88 -21.59 -42.37
C4 PGE L . 23.22 -21.88 -41.65
O4 PGE L . 25.80 -24.75 -43.65
C6 PGE L . 25.57 -24.77 -42.24
C5 PGE L . 25.13 -23.39 -41.71
O3 PGE L . 23.82 -23.06 -42.20
C1 PEG M . 7.72 -34.95 26.50
O1 PEG M . 8.05 -36.01 27.41
C2 PEG M . 8.74 -34.84 25.38
O2 PEG M . 8.08 -34.80 24.10
C3 PEG M . 8.86 -35.30 23.02
C4 PEG M . 7.91 -35.83 21.93
O4 PEG M . 6.95 -36.77 22.47
C1 PEG N . 31.36 -11.84 6.19
O1 PEG N . 31.31 -11.63 7.61
C2 PEG N . 29.98 -12.16 5.60
O2 PEG N . 29.20 -10.95 5.47
C3 PEG N . 27.99 -11.10 4.72
C4 PEG N . 27.21 -9.78 4.67
O4 PEG N . 26.82 -9.33 5.99
C1 PEG O . 8.41 -14.23 -3.17
O1 PEG O . 8.84 -12.92 -2.75
C2 PEG O . 7.64 -14.91 -2.03
O2 PEG O . 6.33 -14.33 -1.85
C3 PEG O . 5.61 -14.87 -0.73
C4 PEG O . 4.37 -14.02 -0.42
O4 PEG O . 3.18 -14.63 -0.94
O1 PG4 P . 3.94 14.74 -3.04
C1 PG4 P . 3.50 15.64 -4.07
C2 PG4 P . 3.57 17.13 -3.66
O2 PG4 P . 4.89 17.56 -3.22
C3 PG4 P . 5.15 18.96 -3.44
C4 PG4 P . 6.29 19.48 -2.57
O3 PG4 P . 7.46 18.67 -2.71
C5 PG4 P . 8.65 19.34 -2.31
C6 PG4 P . 9.73 18.34 -1.87
O4 PG4 P . 9.89 17.24 -2.77
C7 PG4 P . 10.60 16.14 -2.14
C8 PG4 P . 10.60 14.88 -3.01
O5 PG4 P . 9.51 14.00 -2.70
C1 PEG Q . 33.33 14.25 -23.84
O1 PEG Q . 32.68 13.28 -24.68
C2 PEG Q . 34.07 13.58 -22.68
O2 PEG Q . 35.05 12.68 -23.18
C3 PEG Q . 36.02 12.29 -22.19
C4 PEG Q . 37.38 12.00 -22.85
O4 PEG Q . 37.82 13.14 -23.63
C1 PGE R . 36.91 31.27 -13.34
O1 PGE R . 36.47 32.48 -12.74
C2 PGE R . 37.62 30.34 -12.35
O2 PGE R . 37.56 29.06 -13.00
C3 PGE R . 38.09 27.88 -12.38
C4 PGE R . 37.88 26.79 -13.45
O4 PGE R . 35.18 28.40 -16.35
C6 PGE R . 35.31 26.97 -16.25
C5 PGE R . 36.60 26.51 -15.54
O3 PGE R . 36.91 27.32 -14.39
C1 PEG S . -26.53 12.46 -30.03
O1 PEG S . -26.45 12.23 -31.45
C2 PEG S . -26.08 13.89 -29.67
O2 PEG S . -27.17 14.82 -29.74
C3 PEG S . -26.73 16.16 -29.46
C4 PEG S . -27.85 17.18 -29.59
O4 PEG S . -28.70 16.83 -30.70
C1 PGE T . -26.39 44.12 -16.47
O1 PGE T . -27.44 44.62 -17.32
C2 PGE T . -26.91 43.00 -15.57
O2 PGE T . -27.42 41.93 -16.38
C3 PGE T . -28.23 40.98 -15.67
C4 PGE T . -29.25 40.29 -16.60
O4 PGE T . -28.48 38.67 -20.89
C6 PGE T . -29.21 39.74 -20.26
C5 PGE T . -29.58 39.39 -18.81
O3 PGE T . -28.69 40.05 -17.90
#